data_6NYS
#
_entry.id   6NYS
#
_cell.length_a   65.289
_cell.length_b   171.757
_cell.length_c   92.031
_cell.angle_alpha   90.00
_cell.angle_beta   90.12
_cell.angle_gamma   90.00
#
_symmetry.space_group_name_H-M   'P 1 21 1'
#
loop_
_entity.id
_entity.type
_entity.pdbx_description
1 polymer crov588
2 non-polymer 6-tungstotellurate(VI)
#
_entity_poly.entity_id   1
_entity_poly.type   'polypeptide(L)'
_entity_poly.pdbx_seq_one_letter_code
;MEKYTIKETILTFNNEFNDPLDKYYKILSNPKIDTIEFGEKFNQEIDHLIPSNIKVIKFGWTSEFNKDVNFLTESLTEIY
YGIYKNHSLEELQNLPKSLLKLKLGDVFNQEIVENVLPGGLTHLTFGEEFNQKIVENVLPGGLTHLTFGEEFNQKIVENV
LPNSLTHLSFGDCFNQKITENVLPNSLTYLEFGRNFNQKITENVLPNSLTHLTFGWYFNQQITENVLPNSLTYLEFGRNF
NQQITENVLPNSLTYLEFGRNFNQQITENVLPNSLTHITFGNNFNQIITENVLPNSLTHLTFGNNFNQIITENVLPNSLT
HLTFGDDFNQIITENVLPNSLTHLTFGDDFNQIITENVLPNSLTHLTFGDDFNQIITENVLPNSLVHLSFGCEFNQEIAE
KVLPNSLTYLELGHNFNQKIIENVLPNGLVHLSFGCKFNQEIVENVLPDSLTHLSFGHCFNQKITENVLPNSLTYLELGH
NFNQKIIENVLPDRLTYLELGHDFNQKIMENVLPNSLTHLIFGTSFNQNLTENVLPNSLTHLTFGTCFNQKIIENVLPNS
LTHLEFGPKFNQKITENVLPNSLTHLTFGTSFNQKITENVLPNGLTYLTFGLRFNQKITENVLPCSLTHLTFGWYFNQEL
TENVLPDTLKVLKIYYGNKDIILKNIDTSKIKFKIEYFNKN
;
_entity_poly.pdbx_strand_id   B,A
#
loop_
_chem_comp.id
_chem_comp.type
_chem_comp.name
_chem_comp.formula
TEW non-polymer 6-tungstotellurate(VI) 'O24 Te W6 -6'
#
# COMPACT_ATOMS: atom_id res chain seq x y z
N GLU A 2 2.06 13.48 32.24
CA GLU A 2 1.96 14.24 33.55
C GLU A 2 3.21 15.14 33.70
N LYS A 3 3.58 15.87 32.62
CA LYS A 3 4.68 16.87 32.64
C LYS A 3 4.25 18.16 31.94
N TYR A 4 5.05 19.19 32.21
CA TYR A 4 4.89 20.61 31.84
C TYR A 4 5.89 20.92 30.74
N THR A 5 5.53 21.80 29.80
CA THR A 5 6.42 22.31 28.74
C THR A 5 6.43 23.85 28.84
N ILE A 6 7.59 24.40 29.15
CA ILE A 6 7.78 25.86 29.35
C ILE A 6 8.24 26.47 28.02
N LYS A 7 7.62 27.61 27.68
CA LYS A 7 8.03 28.52 26.55
C LYS A 7 8.56 29.83 27.16
N GLU A 8 8.80 30.85 26.34
CA GLU A 8 9.54 32.09 26.72
C GLU A 8 8.98 32.62 28.05
N THR A 9 7.64 32.69 28.19
CA THR A 9 6.93 33.16 29.42
C THR A 9 5.73 32.24 29.73
N ILE A 10 5.40 31.30 28.84
CA ILE A 10 4.09 30.57 28.79
C ILE A 10 4.35 29.11 29.14
N LEU A 11 4.10 28.77 30.40
CA LEU A 11 4.18 27.37 30.87
C LEU A 11 2.92 26.62 30.45
N THR A 12 3.03 25.65 29.53
CA THR A 12 1.90 24.76 29.11
C THR A 12 2.03 23.40 29.79
N PHE A 13 0.99 22.91 30.45
CA PHE A 13 0.95 21.55 31.03
C PHE A 13 0.42 20.57 29.98
N ASN A 14 0.52 19.29 30.36
CA ASN A 14 0.03 18.11 29.60
C ASN A 14 -1.50 18.25 29.45
N ASN A 15 -2.04 17.68 28.37
CA ASN A 15 -3.48 17.69 28.02
C ASN A 15 -4.21 16.63 28.86
N GLU A 16 -3.49 15.76 29.59
CA GLU A 16 -4.08 14.74 30.50
C GLU A 16 -3.45 14.89 31.89
N PHE A 17 -3.01 16.11 32.23
CA PHE A 17 -2.09 16.40 33.34
C PHE A 17 -2.71 15.86 34.64
N ASN A 18 -3.70 16.58 35.17
CA ASN A 18 -4.59 16.16 36.27
C ASN A 18 -3.77 15.57 37.42
N ASP A 19 -2.78 16.33 37.90
CA ASP A 19 -2.02 16.02 39.13
C ASP A 19 -2.21 17.17 40.10
N PRO A 20 -2.46 16.92 41.40
CA PRO A 20 -2.54 17.99 42.39
C PRO A 20 -1.33 18.93 42.21
N LEU A 21 -1.49 20.24 42.47
CA LEU A 21 -0.44 21.27 42.23
C LEU A 21 0.39 21.50 43.48
N ASP A 22 0.14 20.73 44.52
CA ASP A 22 0.83 20.77 45.83
C ASP A 22 2.36 20.68 45.66
N LYS A 23 2.89 19.86 44.74
CA LYS A 23 4.37 19.69 44.62
C LYS A 23 4.92 20.49 43.43
N TYR A 24 4.18 21.44 42.87
CA TYR A 24 4.65 22.21 41.69
C TYR A 24 4.99 23.66 42.06
N TYR A 25 4.92 24.03 43.34
CA TYR A 25 5.03 25.46 43.74
C TYR A 25 6.34 26.03 43.19
N LYS A 26 7.43 25.28 43.40
CA LYS A 26 8.82 25.67 43.06
C LYS A 26 8.89 25.99 41.56
N ILE A 27 8.30 25.13 40.71
CA ILE A 27 8.33 25.26 39.22
C ILE A 27 7.65 26.58 38.84
N LEU A 28 6.48 26.85 39.43
CA LEU A 28 5.63 28.01 39.06
C LEU A 28 6.22 29.31 39.64
N SER A 29 7.16 29.19 40.59
CA SER A 29 7.85 30.31 41.30
C SER A 29 9.00 30.87 40.47
N ASN A 30 9.19 30.41 39.23
CA ASN A 30 10.20 30.96 38.29
C ASN A 30 9.86 32.43 37.98
N PRO A 31 10.70 33.43 38.34
CA PRO A 31 10.35 34.84 38.18
C PRO A 31 10.26 35.42 36.76
N LYS A 32 10.42 34.58 35.71
CA LYS A 32 10.32 34.97 34.27
C LYS A 32 9.04 34.42 33.63
N ILE A 33 8.12 33.83 34.40
CA ILE A 33 6.84 33.24 33.87
C ILE A 33 5.65 34.05 34.44
N ASP A 34 4.93 34.70 33.53
CA ASP A 34 3.76 35.58 33.80
C ASP A 34 2.46 34.77 33.61
N THR A 35 2.46 33.66 32.87
CA THR A 35 1.21 32.93 32.47
C THR A 35 1.33 31.41 32.66
N ILE A 36 0.16 30.76 32.70
CA ILE A 36 -0.02 29.29 32.83
C ILE A 36 -1.09 28.88 31.82
N GLU A 37 -0.85 27.84 31.05
CA GLU A 37 -1.87 27.14 30.23
C GLU A 37 -2.17 25.80 30.89
N PHE A 38 -3.44 25.49 31.13
CA PHE A 38 -3.87 24.11 31.49
C PHE A 38 -4.62 23.53 30.29
N GLY A 39 -4.80 22.21 30.29
CA GLY A 39 -5.43 21.46 29.19
C GLY A 39 -6.58 20.62 29.69
N GLU A 40 -6.92 19.56 28.96
CA GLU A 40 -8.27 18.93 28.97
C GLU A 40 -8.58 18.32 30.35
N LYS A 41 -7.75 17.41 30.85
CA LYS A 41 -8.18 16.49 31.94
C LYS A 41 -7.94 17.11 33.32
N PHE A 42 -7.11 18.16 33.42
CA PHE A 42 -6.76 18.82 34.70
C PHE A 42 -8.05 19.19 35.44
N ASN A 43 -8.35 18.53 36.56
CA ASN A 43 -9.43 18.92 37.53
C ASN A 43 -8.86 18.79 38.94
N GLN A 44 -8.10 19.80 39.39
CA GLN A 44 -7.49 19.87 40.75
C GLN A 44 -7.52 21.31 41.28
N GLU A 45 -7.64 21.49 42.61
CA GLU A 45 -7.69 22.81 43.32
C GLU A 45 -6.51 23.70 42.89
N ILE A 46 -6.71 25.02 42.79
CA ILE A 46 -5.65 26.00 42.41
C ILE A 46 -5.77 27.28 43.24
N ASP A 47 -6.52 27.28 44.34
CA ASP A 47 -6.75 28.48 45.19
C ASP A 47 -5.43 29.00 45.79
N HIS A 48 -4.80 28.24 46.70
CA HIS A 48 -3.57 28.67 47.41
C HIS A 48 -2.29 28.08 46.74
N LEU A 49 -2.33 27.75 45.46
CA LEU A 49 -1.27 26.94 44.77
C LEU A 49 -0.65 27.67 43.57
N ILE A 50 -0.82 29.00 43.49
CA ILE A 50 -0.37 29.89 42.38
C ILE A 50 0.35 31.11 42.98
N PRO A 51 1.67 31.33 42.72
CA PRO A 51 2.38 32.50 43.25
C PRO A 51 2.04 33.85 42.59
N SER A 52 2.64 34.94 43.10
CA SER A 52 2.34 36.38 42.80
C SER A 52 2.83 36.78 41.40
N ASN A 53 3.81 36.04 40.88
CA ASN A 53 4.53 36.35 39.61
C ASN A 53 3.63 36.08 38.39
N ILE A 54 2.62 35.20 38.48
CA ILE A 54 1.70 34.85 37.34
C ILE A 54 0.60 35.91 37.23
N LYS A 55 0.30 36.36 35.99
CA LYS A 55 -0.69 37.42 35.62
C LYS A 55 -1.78 36.88 34.65
N VAL A 56 -1.63 35.67 34.10
CA VAL A 56 -2.62 35.06 33.18
C VAL A 56 -2.82 33.59 33.55
N ILE A 57 -4.06 33.14 33.75
CA ILE A 57 -4.41 31.69 33.71
C ILE A 57 -5.36 31.44 32.53
N LYS A 58 -4.84 30.87 31.43
CA LYS A 58 -5.60 30.40 30.24
C LYS A 58 -5.93 28.91 30.42
N PHE A 59 -7.22 28.51 30.40
CA PHE A 59 -7.65 27.09 30.59
C PHE A 59 -7.97 26.47 29.25
N GLY A 60 -8.09 27.23 28.15
CA GLY A 60 -8.39 26.62 26.86
C GLY A 60 -9.72 25.87 26.90
N TRP A 61 -10.48 25.95 25.82
CA TRP A 61 -11.97 25.77 25.82
C TRP A 61 -12.32 24.32 26.15
N THR A 62 -11.35 23.42 26.04
CA THR A 62 -11.54 21.96 26.17
C THR A 62 -11.54 21.46 27.63
N SER A 63 -11.32 22.34 28.62
CA SER A 63 -10.90 21.95 29.99
C SER A 63 -12.05 21.23 30.71
N GLU A 64 -11.72 20.28 31.60
CA GLU A 64 -12.72 19.54 32.43
C GLU A 64 -12.61 20.04 33.87
N PHE A 65 -11.90 21.17 34.06
CA PHE A 65 -11.72 21.84 35.37
C PHE A 65 -13.04 22.37 35.90
N ASN A 66 -13.52 21.87 37.03
CA ASN A 66 -14.69 22.48 37.69
C ASN A 66 -14.51 22.35 39.20
N LYS A 67 -13.78 23.31 39.78
CA LYS A 67 -13.53 23.43 41.24
C LYS A 67 -13.94 24.84 41.67
N ASP A 68 -14.40 25.00 42.91
CA ASP A 68 -14.67 26.34 43.51
C ASP A 68 -13.32 27.09 43.60
N VAL A 69 -13.27 28.32 43.07
CA VAL A 69 -12.07 29.20 43.07
C VAL A 69 -12.42 30.56 43.69
N ASN A 70 -11.82 30.91 44.82
CA ASN A 70 -12.22 32.09 45.64
C ASN A 70 -10.97 32.89 46.07
N PHE A 71 -9.77 32.56 45.55
CA PHE A 71 -8.47 33.05 46.09
C PHE A 71 -7.41 32.98 44.99
N LEU A 72 -7.48 33.82 43.96
CA LEU A 72 -6.59 33.67 42.76
C LEU A 72 -5.13 34.09 43.07
N THR A 73 -4.88 35.39 43.31
CA THR A 73 -3.53 35.98 43.58
C THR A 73 -3.71 37.38 44.17
N GLU A 74 -4.61 38.18 43.60
CA GLU A 74 -4.80 39.62 43.87
C GLU A 74 -3.74 40.41 43.06
N SER A 75 -2.91 39.68 42.29
CA SER A 75 -1.94 40.20 41.29
C SER A 75 -2.26 39.68 39.87
N LEU A 76 -3.39 38.98 39.67
CA LEU A 76 -3.84 38.53 38.30
C LEU A 76 -4.36 39.75 37.53
N THR A 77 -4.10 39.79 36.23
CA THR A 77 -4.76 40.73 35.29
C THR A 77 -5.66 39.97 34.30
N GLU A 78 -5.52 38.66 34.14
CA GLU A 78 -6.33 37.92 33.13
C GLU A 78 -6.55 36.47 33.55
N ILE A 79 -7.75 35.93 33.29
CA ILE A 79 -8.09 34.50 33.49
C ILE A 79 -9.20 34.13 32.52
N TYR A 80 -9.11 32.95 31.91
CA TYR A 80 -10.06 32.49 30.86
C TYR A 80 -10.51 31.08 31.24
N TYR A 81 -11.80 30.82 31.21
CA TYR A 81 -12.34 29.54 31.72
C TYR A 81 -12.89 28.75 30.56
N GLY A 82 -13.11 27.46 30.74
CA GLY A 82 -13.49 26.50 29.69
C GLY A 82 -14.89 26.00 29.86
N ILE A 83 -15.13 24.75 29.49
CA ILE A 83 -16.46 24.25 29.01
C ILE A 83 -17.26 23.77 30.20
N TYR A 84 -16.58 23.37 31.27
CA TYR A 84 -17.19 22.63 32.40
C TYR A 84 -17.29 23.50 33.65
N LYS A 85 -16.89 24.78 33.56
CA LYS A 85 -16.85 25.74 34.68
C LYS A 85 -18.22 26.39 34.84
N ASN A 86 -18.79 26.25 36.06
CA ASN A 86 -19.89 27.06 36.62
C ASN A 86 -19.25 28.08 37.55
N HIS A 87 -20.06 28.96 38.12
CA HIS A 87 -19.65 29.88 39.23
C HIS A 87 -20.82 30.04 40.23
N SER A 88 -20.58 30.29 41.50
CA SER A 88 -21.57 31.00 42.35
C SER A 88 -21.25 32.49 42.28
N LEU A 89 -22.16 33.37 42.64
CA LEU A 89 -21.80 34.80 42.55
C LEU A 89 -20.76 35.13 43.66
N GLU A 90 -20.81 34.49 44.84
CA GLU A 90 -19.72 34.47 45.88
C GLU A 90 -18.35 34.39 45.16
N GLU A 91 -18.19 33.41 44.27
CA GLU A 91 -16.94 33.14 43.49
C GLU A 91 -16.66 34.33 42.55
N LEU A 92 -17.69 34.88 41.90
CA LEU A 92 -17.54 36.08 41.02
C LEU A 92 -17.11 37.28 41.88
N GLN A 93 -17.64 37.43 43.11
CA GLN A 93 -17.33 38.61 43.97
C GLN A 93 -15.89 38.52 44.42
N ASN A 94 -15.32 37.30 44.40
CA ASN A 94 -13.99 36.99 44.98
C ASN A 94 -12.89 36.95 43.89
N LEU A 95 -13.18 37.19 42.61
CA LEU A 95 -12.07 37.36 41.66
C LEU A 95 -11.37 38.68 41.94
N PRO A 96 -10.04 38.72 41.79
CA PRO A 96 -9.22 39.74 42.47
C PRO A 96 -9.38 41.15 41.88
N LYS A 97 -9.23 42.17 42.74
CA LYS A 97 -9.56 43.58 42.44
C LYS A 97 -8.66 44.12 41.32
N SER A 98 -7.54 43.45 41.02
CA SER A 98 -6.56 43.89 40.00
C SER A 98 -6.93 43.41 38.59
N LEU A 99 -7.96 42.55 38.45
CA LEU A 99 -8.28 41.79 37.20
C LEU A 99 -8.77 42.75 36.12
N LEU A 100 -8.32 42.52 34.88
CA LEU A 100 -8.61 43.38 33.68
C LEU A 100 -9.41 42.57 32.63
N LYS A 101 -9.15 41.28 32.51
CA LYS A 101 -9.68 40.50 31.37
C LYS A 101 -10.16 39.13 31.87
N LEU A 102 -11.42 38.77 31.58
CA LEU A 102 -12.11 37.60 32.16
C LEU A 102 -12.96 36.91 31.10
N LYS A 103 -12.83 35.60 30.95
CA LYS A 103 -13.89 34.79 30.28
C LYS A 103 -14.47 33.81 31.28
N LEU A 104 -15.79 33.80 31.42
CA LEU A 104 -16.53 32.97 32.38
C LEU A 104 -16.69 31.57 31.80
N GLY A 105 -17.03 30.61 32.64
CA GLY A 105 -17.25 29.21 32.25
C GLY A 105 -18.44 29.06 31.34
N ASP A 106 -18.51 28.00 30.57
CA ASP A 106 -19.62 27.80 29.61
C ASP A 106 -20.88 27.43 30.39
N VAL A 107 -20.74 26.74 31.52
CA VAL A 107 -21.88 26.26 32.35
C VAL A 107 -22.60 27.44 33.07
N PHE A 108 -21.88 28.53 33.42
CA PHE A 108 -22.41 29.74 34.10
C PHE A 108 -23.60 30.37 33.34
N ASN A 109 -24.77 30.39 34.01
CA ASN A 109 -26.11 30.87 33.55
C ASN A 109 -26.94 31.23 34.78
N GLN A 110 -26.34 32.01 35.65
CA GLN A 110 -27.01 32.74 36.76
C GLN A 110 -26.95 34.25 36.52
N GLU A 111 -27.93 34.96 37.09
CA GLU A 111 -28.20 36.41 36.88
C GLU A 111 -27.27 37.25 37.75
N ILE A 112 -26.51 38.15 37.12
CA ILE A 112 -25.51 39.03 37.78
C ILE A 112 -26.18 40.35 38.15
N VAL A 113 -25.82 40.87 39.31
CA VAL A 113 -26.44 42.09 39.89
C VAL A 113 -25.30 43.03 40.28
N GLU A 114 -25.64 44.15 40.93
CA GLU A 114 -24.73 45.29 41.26
C GLU A 114 -23.41 44.82 41.88
N ASN A 115 -22.29 45.39 41.45
CA ASN A 115 -21.03 45.39 42.23
C ASN A 115 -20.60 43.94 42.53
N VAL A 116 -20.62 43.04 41.55
CA VAL A 116 -20.17 41.62 41.65
C VAL A 116 -18.91 41.44 40.77
N LEU A 117 -19.04 41.64 39.44
CA LEU A 117 -17.88 41.54 38.50
C LEU A 117 -16.91 42.68 38.80
N PRO A 118 -15.55 42.42 38.78
CA PRO A 118 -14.55 43.42 39.18
C PRO A 118 -14.69 44.80 38.54
N GLY A 119 -14.78 45.86 39.37
CA GLY A 119 -15.01 47.26 38.94
C GLY A 119 -14.05 47.70 37.84
N GLY A 120 -12.76 47.37 37.98
CA GLY A 120 -11.66 47.85 37.12
C GLY A 120 -11.54 47.05 35.84
N LEU A 121 -12.48 46.15 35.57
CA LEU A 121 -12.41 45.16 34.46
C LEU A 121 -12.63 45.88 33.15
N THR A 122 -11.98 45.41 32.08
CA THR A 122 -11.99 45.98 30.71
C THR A 122 -12.44 44.94 29.67
N HIS A 123 -12.10 43.66 29.82
CA HIS A 123 -12.43 42.57 28.84
C HIS A 123 -13.28 41.48 29.53
N LEU A 124 -14.52 41.29 29.06
CA LEU A 124 -15.51 40.35 29.64
C LEU A 124 -16.06 39.47 28.53
N THR A 125 -16.07 38.16 28.73
CA THR A 125 -16.56 37.18 27.72
C THR A 125 -17.46 36.15 28.42
N PHE A 126 -18.77 36.17 28.13
CA PHE A 126 -19.77 35.20 28.65
C PHE A 126 -19.59 33.83 27.97
N GLY A 127 -19.90 32.74 28.68
CA GLY A 127 -19.91 31.36 28.17
C GLY A 127 -21.06 30.99 27.24
N GLU A 128 -21.08 29.74 26.77
CA GLU A 128 -22.10 29.16 25.85
C GLU A 128 -23.49 29.33 26.49
N GLU A 129 -23.67 28.90 27.75
CA GLU A 129 -25.01 28.57 28.32
C GLU A 129 -25.69 29.78 28.95
N PHE A 130 -24.90 30.82 29.27
CA PHE A 130 -25.35 32.15 29.75
C PHE A 130 -26.49 32.73 28.91
N ASN A 131 -27.64 33.01 29.55
CA ASN A 131 -28.89 33.56 28.96
C ASN A 131 -29.76 34.12 30.10
N GLN A 132 -29.10 34.99 30.85
CA GLN A 132 -29.61 35.68 32.05
C GLN A 132 -29.54 37.19 31.80
N LYS A 133 -30.55 37.91 32.31
CA LYS A 133 -30.90 39.34 32.11
C LYS A 133 -29.82 40.24 32.72
N ILE A 134 -29.47 41.33 32.07
CA ILE A 134 -28.44 42.33 32.53
C ILE A 134 -29.11 43.69 32.69
N VAL A 135 -28.94 44.34 33.85
CA VAL A 135 -29.62 45.63 34.19
C VAL A 135 -28.52 46.68 34.39
N GLU A 136 -28.86 47.83 34.96
CA GLU A 136 -28.21 49.12 34.61
C GLU A 136 -26.74 49.12 35.03
N ASN A 137 -26.43 48.94 36.32
CA ASN A 137 -25.07 49.21 36.85
C ASN A 137 -24.39 47.90 37.22
N VAL A 138 -24.49 46.90 36.35
CA VAL A 138 -24.01 45.49 36.56
C VAL A 138 -22.61 45.34 35.95
N LEU A 139 -22.45 45.54 34.61
CA LEU A 139 -21.16 45.45 33.86
C LEU A 139 -20.22 46.53 34.36
N PRO A 140 -18.90 46.28 34.54
CA PRO A 140 -17.97 47.32 34.99
C PRO A 140 -17.99 48.57 34.09
N GLY A 141 -17.99 49.77 34.67
CA GLY A 141 -18.26 51.05 33.97
C GLY A 141 -17.14 51.47 33.03
N GLY A 142 -15.97 50.81 33.14
CA GLY A 142 -14.76 51.06 32.33
C GLY A 142 -14.50 49.96 31.33
N LEU A 143 -15.48 49.07 31.15
CA LEU A 143 -15.37 47.90 30.26
C LEU A 143 -15.26 48.40 28.81
N THR A 144 -14.34 47.86 28.02
CA THR A 144 -14.07 48.24 26.60
C THR A 144 -14.45 47.11 25.65
N HIS A 145 -14.42 45.87 26.13
CA HIS A 145 -14.67 44.67 25.31
C HIS A 145 -15.72 43.81 26.01
N LEU A 146 -16.85 43.61 25.36
CA LEU A 146 -17.95 42.76 25.84
C LEU A 146 -18.26 41.70 24.78
N THR A 147 -18.10 40.41 25.09
CA THR A 147 -18.59 39.36 24.17
C THR A 147 -19.60 38.44 24.84
N PHE A 148 -20.73 38.25 24.17
CA PHE A 148 -21.84 37.33 24.52
C PHE A 148 -21.59 35.99 23.85
N GLY A 149 -22.05 34.89 24.44
CA GLY A 149 -21.84 33.54 23.92
C GLY A 149 -23.04 33.04 23.17
N GLU A 150 -23.06 31.74 22.87
CA GLU A 150 -24.01 31.09 21.91
C GLU A 150 -25.45 31.41 22.33
N GLU A 151 -25.80 31.26 23.62
CA GLU A 151 -27.23 31.13 24.06
C GLU A 151 -27.85 32.48 24.46
N PHE A 152 -27.08 33.53 24.78
CA PHE A 152 -27.59 34.86 25.23
C PHE A 152 -28.63 35.46 24.25
N ASN A 153 -29.89 35.66 24.70
CA ASN A 153 -31.00 36.32 23.96
C ASN A 153 -31.88 37.04 24.98
N GLN A 154 -31.25 37.89 25.76
CA GLN A 154 -31.97 38.77 26.67
C GLN A 154 -31.89 40.19 26.09
N LYS A 155 -32.86 41.03 26.49
CA LYS A 155 -33.02 42.41 25.96
C LYS A 155 -31.94 43.30 26.54
N ILE A 156 -31.54 44.31 25.78
CA ILE A 156 -30.54 45.34 26.18
C ILE A 156 -31.24 46.68 26.08
N VAL A 157 -31.37 47.41 27.19
CA VAL A 157 -32.12 48.69 27.26
C VAL A 157 -31.14 49.80 27.66
N GLU A 158 -31.59 51.06 27.66
CA GLU A 158 -30.69 52.25 27.66
C GLU A 158 -29.84 52.27 28.95
N ASN A 159 -28.67 52.93 28.92
CA ASN A 159 -27.81 53.30 30.09
C ASN A 159 -27.21 52.05 30.74
N VAL A 160 -27.31 50.91 30.08
CA VAL A 160 -26.87 49.58 30.61
C VAL A 160 -25.45 49.27 30.11
N LEU A 161 -25.14 49.52 28.84
CA LEU A 161 -23.80 49.27 28.24
C LEU A 161 -22.85 50.41 28.63
N PRO A 162 -21.66 50.12 29.19
CA PRO A 162 -20.74 51.18 29.62
C PRO A 162 -20.39 52.18 28.51
N ASN A 163 -20.35 53.47 28.84
CA ASN A 163 -20.13 54.57 27.85
C ASN A 163 -18.62 54.62 27.55
N SER A 164 -17.84 53.62 28.01
CA SER A 164 -16.42 53.40 27.64
C SER A 164 -16.27 52.29 26.59
N LEU A 165 -17.37 51.65 26.17
CA LEU A 165 -17.33 50.38 25.41
C LEU A 165 -16.99 50.67 23.95
N THR A 166 -16.06 49.91 23.36
CA THR A 166 -15.51 50.12 21.99
C THR A 166 -15.78 48.91 21.09
N HIS A 167 -15.89 47.72 21.66
CA HIS A 167 -16.12 46.47 20.90
C HIS A 167 -17.26 45.70 21.55
N LEU A 168 -18.31 45.43 20.80
CA LEU A 168 -19.50 44.71 21.31
C LEU A 168 -19.84 43.64 20.31
N SER A 169 -19.70 42.37 20.67
CA SER A 169 -19.85 41.23 19.77
C SER A 169 -20.90 40.27 20.36
N PHE A 170 -22.04 40.15 19.71
CA PHE A 170 -23.14 39.24 20.09
C PHE A 170 -22.85 37.82 19.61
N GLY A 171 -23.41 36.80 20.24
CA GLY A 171 -23.30 35.38 19.82
C GLY A 171 -24.49 34.96 18.95
N ASP A 172 -24.72 33.66 18.81
CA ASP A 172 -25.64 33.11 17.77
C ASP A 172 -27.10 33.37 18.13
N CYS A 173 -27.49 33.28 19.39
CA CYS A 173 -28.93 33.24 19.77
C CYS A 173 -29.57 34.63 19.94
N PHE A 174 -28.73 35.66 20.20
CA PHE A 174 -29.16 37.08 20.32
C PHE A 174 -29.93 37.55 19.08
N ASN A 175 -31.15 38.09 19.31
CA ASN A 175 -32.23 38.44 18.35
C ASN A 175 -33.27 39.27 19.12
N GLN A 176 -32.78 40.32 19.76
CA GLN A 176 -33.58 41.33 20.49
C GLN A 176 -33.36 42.67 19.78
N LYS A 177 -34.39 43.55 19.78
CA LYS A 177 -34.39 44.93 19.21
C LYS A 177 -33.33 45.77 19.91
N ILE A 178 -32.56 46.53 19.15
CA ILE A 178 -31.52 47.46 19.69
C ILE A 178 -32.01 48.87 19.36
N THR A 179 -32.45 49.65 20.34
CA THR A 179 -33.13 50.97 20.11
C THR A 179 -32.18 52.13 20.42
N GLU A 180 -32.72 53.38 20.36
CA GLU A 180 -31.96 54.67 20.35
C GLU A 180 -31.28 54.86 21.71
N ASN A 181 -30.01 55.31 21.69
CA ASN A 181 -29.19 55.58 22.91
C ASN A 181 -28.89 54.32 23.73
N VAL A 182 -29.05 53.11 23.20
CA VAL A 182 -28.74 51.84 23.92
C VAL A 182 -27.24 51.57 23.78
N LEU A 183 -26.74 51.65 22.55
CA LEU A 183 -25.32 51.45 22.20
C LEU A 183 -24.54 52.68 22.63
N PRO A 184 -23.37 52.51 23.23
CA PRO A 184 -22.52 53.62 23.66
C PRO A 184 -22.01 54.52 22.56
N ASN A 185 -21.77 55.79 22.86
CA ASN A 185 -21.19 56.78 21.90
C ASN A 185 -19.67 56.59 21.79
N SER A 186 -19.08 55.54 22.39
CA SER A 186 -17.64 55.20 22.32
C SER A 186 -17.38 54.01 21.37
N LEU A 187 -18.44 53.36 20.88
CA LEU A 187 -18.39 52.04 20.18
C LEU A 187 -17.84 52.22 18.77
N THR A 188 -16.82 51.44 18.41
CA THR A 188 -16.15 51.48 17.08
C THR A 188 -16.42 50.17 16.33
N TYR A 189 -16.54 49.05 17.03
CA TYR A 189 -16.90 47.73 16.43
C TYR A 189 -18.21 47.23 17.02
N LEU A 190 -19.09 46.76 16.16
CA LEU A 190 -20.35 46.10 16.55
C LEU A 190 -20.49 44.89 15.66
N GLU A 191 -20.58 43.72 16.27
CA GLU A 191 -20.72 42.51 15.46
C GLU A 191 -21.90 41.69 15.91
N PHE A 192 -22.94 41.58 15.12
CA PHE A 192 -24.07 40.67 15.39
C PHE A 192 -23.70 39.26 14.95
N GLY A 193 -24.31 38.29 15.62
CA GLY A 193 -24.16 36.86 15.27
C GLY A 193 -25.33 36.38 14.44
N ARG A 194 -25.55 35.07 14.49
CA ARG A 194 -26.32 34.27 13.52
C ARG A 194 -27.79 34.71 13.51
N ASN A 195 -28.49 34.79 14.66
CA ASN A 195 -29.98 34.74 14.69
C ASN A 195 -30.61 36.13 14.57
N PHE A 196 -29.80 37.19 14.83
CA PHE A 196 -30.22 38.62 14.88
C PHE A 196 -30.99 39.08 13.64
N ASN A 197 -32.27 39.41 13.79
CA ASN A 197 -33.05 39.82 12.61
C ASN A 197 -34.07 40.93 12.96
N GLN A 198 -33.58 42.06 13.46
CA GLN A 198 -34.41 43.25 13.78
C GLN A 198 -34.03 44.43 12.87
N LYS A 199 -35.02 45.31 12.56
CA LYS A 199 -34.82 46.61 11.86
C LYS A 199 -33.78 47.40 12.64
N ILE A 200 -32.95 48.16 11.95
CA ILE A 200 -32.05 49.15 12.57
C ILE A 200 -32.54 50.49 12.02
N THR A 201 -32.99 51.40 12.91
CA THR A 201 -33.55 52.73 12.55
C THR A 201 -32.52 53.83 12.80
N GLU A 202 -32.96 55.10 12.74
CA GLU A 202 -32.11 56.30 12.92
C GLU A 202 -31.70 56.44 14.40
N ASN A 203 -30.46 56.88 14.60
CA ASN A 203 -29.83 57.24 15.89
C ASN A 203 -29.66 56.01 16.79
N VAL A 204 -29.63 54.79 16.22
CA VAL A 204 -29.43 53.54 17.02
C VAL A 204 -27.95 53.17 17.00
N LEU A 205 -27.31 53.29 15.84
CA LEU A 205 -25.85 53.07 15.71
C LEU A 205 -25.19 54.41 16.05
N PRO A 206 -24.19 54.43 16.94
CA PRO A 206 -23.53 55.67 17.34
C PRO A 206 -22.63 56.25 16.23
N ASN A 207 -22.24 57.53 16.31
CA ASN A 207 -21.49 58.23 15.23
C ASN A 207 -19.98 57.98 15.37
N SER A 208 -19.57 57.04 16.21
CA SER A 208 -18.14 56.64 16.41
C SER A 208 -17.87 55.27 15.78
N LEU A 209 -18.92 54.63 15.28
CA LEU A 209 -18.91 53.25 14.73
C LEU A 209 -18.14 53.27 13.41
N THR A 210 -17.12 52.42 13.30
CA THR A 210 -16.25 52.28 12.10
C THR A 210 -16.45 50.91 11.46
N HIS A 211 -16.76 49.88 12.24
CA HIS A 211 -16.92 48.49 11.73
C HIS A 211 -18.33 48.02 12.08
N LEU A 212 -19.03 47.40 11.13
CA LEU A 212 -20.35 46.80 11.40
C LEU A 212 -20.44 45.47 10.65
N THR A 213 -20.63 44.36 11.36
CA THR A 213 -20.79 43.01 10.77
C THR A 213 -22.13 42.41 11.17
N PHE A 214 -23.06 42.21 10.24
CA PHE A 214 -24.31 41.46 10.51
C PHE A 214 -24.06 40.00 10.18
N GLY A 215 -25.00 39.13 10.51
CA GLY A 215 -24.72 37.67 10.50
C GLY A 215 -25.70 36.90 9.65
N TRP A 216 -25.73 35.58 9.83
CA TRP A 216 -26.54 34.64 9.02
C TRP A 216 -27.92 35.18 8.64
N TYR A 217 -28.79 35.45 9.61
CA TYR A 217 -30.25 35.55 9.38
C TYR A 217 -30.72 37.00 9.13
N PHE A 218 -29.91 38.00 9.46
CA PHE A 218 -30.20 39.44 9.31
C PHE A 218 -30.66 39.75 7.88
N ASN A 219 -31.93 40.11 7.73
CA ASN A 219 -32.53 40.42 6.40
C ASN A 219 -33.61 41.50 6.53
N GLN A 220 -33.16 42.62 7.05
CA GLN A 220 -33.94 43.84 7.30
C GLN A 220 -33.35 44.96 6.45
N GLN A 221 -34.20 45.91 6.03
CA GLN A 221 -33.84 47.00 5.11
C GLN A 221 -33.04 48.05 5.87
N ILE A 222 -32.01 48.61 5.26
CA ILE A 222 -31.26 49.77 5.79
C ILE A 222 -31.66 51.01 5.01
N THR A 223 -32.27 52.00 5.66
CA THR A 223 -32.81 53.23 5.02
C THR A 223 -31.81 54.39 5.19
N GLU A 224 -32.12 55.59 4.67
CA GLU A 224 -31.35 56.85 4.82
C GLU A 224 -31.00 57.11 6.30
N ASN A 225 -29.77 57.56 6.56
CA ASN A 225 -29.33 58.16 7.86
C ASN A 225 -29.37 57.14 9.02
N VAL A 226 -29.25 55.84 8.74
CA VAL A 226 -29.23 54.69 9.73
C VAL A 226 -27.77 54.38 10.10
N LEU A 227 -26.94 54.13 9.08
CA LEU A 227 -25.47 53.86 9.19
C LEU A 227 -24.75 55.18 9.39
N PRO A 228 -23.82 55.24 10.36
CA PRO A 228 -23.12 56.49 10.66
C PRO A 228 -22.02 56.83 9.64
N ASN A 229 -21.68 58.11 9.53
CA ASN A 229 -20.65 58.67 8.63
C ASN A 229 -19.25 58.48 9.23
N SER A 230 -19.11 57.73 10.30
CA SER A 230 -17.76 57.32 10.77
C SER A 230 -17.36 55.98 10.12
N LEU A 231 -18.37 55.25 9.61
CA LEU A 231 -18.31 53.81 9.23
C LEU A 231 -17.39 53.64 8.03
N THR A 232 -16.43 52.72 8.14
CA THR A 232 -15.47 52.36 7.09
C THR A 232 -15.71 50.93 6.64
N TYR A 233 -16.33 50.07 7.45
CA TYR A 233 -16.36 48.60 7.21
C TYR A 233 -17.80 48.10 7.40
N LEU A 234 -18.43 47.55 6.38
CA LEU A 234 -19.79 46.96 6.43
C LEU A 234 -19.71 45.57 5.85
N GLU A 235 -20.05 44.54 6.62
CA GLU A 235 -20.09 43.15 6.13
C GLU A 235 -21.47 42.57 6.41
N PHE A 236 -22.21 42.29 5.37
CA PHE A 236 -23.54 41.67 5.47
C PHE A 236 -23.32 40.16 5.62
N GLY A 237 -24.32 39.45 6.13
CA GLY A 237 -24.17 37.99 6.29
C GLY A 237 -25.04 37.28 5.31
N ARG A 238 -25.33 36.00 5.54
CA ARG A 238 -25.77 35.10 4.44
C ARG A 238 -27.13 35.52 3.86
N ASN A 239 -28.10 35.86 4.70
CA ASN A 239 -29.51 36.02 4.24
C ASN A 239 -29.84 37.45 3.83
N PHE A 240 -29.05 38.45 4.20
CA PHE A 240 -29.32 39.84 3.76
C PHE A 240 -29.47 39.89 2.23
N ASN A 241 -30.69 40.09 1.72
CA ASN A 241 -31.06 40.29 0.31
C ASN A 241 -32.07 41.46 0.19
N GLN A 242 -31.75 42.66 0.66
CA GLN A 242 -32.68 43.81 0.64
C GLN A 242 -32.07 44.85 -0.28
N GLN A 243 -32.86 45.51 -1.11
CA GLN A 243 -32.34 46.52 -2.08
C GLN A 243 -31.76 47.69 -1.28
N ILE A 244 -30.62 48.20 -1.74
CA ILE A 244 -29.86 49.32 -1.10
C ILE A 244 -29.89 50.49 -2.07
N THR A 245 -30.58 51.56 -1.66
CA THR A 245 -30.86 52.72 -2.52
C THR A 245 -29.86 53.82 -2.16
N GLU A 246 -30.14 55.05 -2.65
CA GLU A 246 -29.30 56.27 -2.51
C GLU A 246 -29.35 56.85 -1.08
N ASN A 247 -28.17 57.28 -0.63
CA ASN A 247 -27.92 58.06 0.61
C ASN A 247 -28.08 57.17 1.84
N VAL A 248 -27.87 55.86 1.73
CA VAL A 248 -27.91 54.89 2.88
C VAL A 248 -26.48 54.48 3.26
N LEU A 249 -25.58 54.31 2.30
CA LEU A 249 -24.17 53.96 2.60
C LEU A 249 -23.37 55.24 2.80
N PRO A 250 -22.67 55.39 3.94
CA PRO A 250 -21.91 56.61 4.23
C PRO A 250 -20.69 56.84 3.33
N ASN A 251 -20.29 58.11 3.24
CA ASN A 251 -19.32 58.66 2.26
C ASN A 251 -17.90 58.48 2.82
N SER A 252 -17.76 57.69 3.87
CA SER A 252 -16.47 57.41 4.54
C SER A 252 -16.13 55.92 4.42
N LEU A 253 -17.09 55.17 3.86
CA LEU A 253 -17.03 53.71 3.67
C LEU A 253 -15.89 53.38 2.72
N THR A 254 -15.03 52.49 3.17
CA THR A 254 -13.82 52.04 2.45
C THR A 254 -13.93 50.54 2.11
N TYR A 255 -14.65 49.74 2.90
N TYR A 255 -14.64 49.74 2.91
CA TYR A 255 -14.80 48.28 2.71
CA TYR A 255 -14.79 48.26 2.72
C TYR A 255 -16.28 47.90 2.76
C TYR A 255 -16.28 47.90 2.76
N LEU A 256 -16.71 46.93 1.95
CA LEU A 256 -18.14 46.53 1.83
C LEU A 256 -18.17 45.09 1.32
N GLU A 257 -18.75 44.17 2.10
CA GLU A 257 -18.86 42.77 1.68
C GLU A 257 -20.29 42.27 1.84
N PHE A 258 -20.86 41.70 0.79
CA PHE A 258 -22.24 41.18 0.77
C PHE A 258 -22.13 39.68 1.09
N GLY A 259 -23.22 39.10 1.59
CA GLY A 259 -23.31 37.65 1.80
C GLY A 259 -23.99 36.96 0.64
N ARG A 260 -24.22 35.66 0.77
CA ARG A 260 -24.61 34.72 -0.30
C ARG A 260 -25.84 35.24 -1.00
N ASN A 261 -26.84 35.61 -0.22
CA ASN A 261 -28.22 35.69 -0.76
C ASN A 261 -28.44 36.99 -1.56
N PHE A 262 -27.61 38.01 -1.33
CA PHE A 262 -27.77 39.35 -1.93
C PHE A 262 -27.73 39.25 -3.46
N ASN A 263 -28.85 39.62 -4.11
CA ASN A 263 -29.03 39.56 -5.59
C ASN A 263 -29.92 40.73 -6.02
N GLN A 264 -29.58 41.97 -5.64
CA GLN A 264 -30.42 43.16 -5.94
C GLN A 264 -29.62 44.06 -6.87
N GLN A 265 -30.34 44.83 -7.71
CA GLN A 265 -29.77 45.79 -8.69
C GLN A 265 -29.20 46.96 -7.93
N ILE A 266 -28.12 47.52 -8.44
CA ILE A 266 -27.43 48.69 -7.85
C ILE A 266 -27.37 49.79 -8.93
N THR A 267 -28.03 50.90 -8.64
CA THR A 267 -28.14 52.05 -9.56
C THR A 267 -27.07 53.07 -9.19
N GLU A 268 -27.10 54.21 -9.88
CA GLU A 268 -26.12 55.32 -9.75
C GLU A 268 -26.38 56.03 -8.39
N ASN A 269 -25.31 56.48 -7.74
CA ASN A 269 -25.31 57.37 -6.53
C ASN A 269 -25.79 56.57 -5.32
N VAL A 270 -25.49 55.25 -5.29
CA VAL A 270 -25.71 54.32 -4.13
C VAL A 270 -24.36 53.79 -3.61
N LEU A 271 -23.38 53.49 -4.45
CA LEU A 271 -22.06 53.02 -3.96
C LEU A 271 -21.17 54.24 -3.70
N PRO A 272 -20.78 54.50 -2.44
CA PRO A 272 -20.06 55.73 -2.11
C PRO A 272 -18.67 55.78 -2.75
N ASN A 273 -18.24 56.98 -3.12
CA ASN A 273 -17.07 57.18 -3.99
C ASN A 273 -15.83 56.92 -3.14
N SER A 274 -15.99 56.73 -1.84
CA SER A 274 -14.86 56.53 -0.89
C SER A 274 -14.36 55.09 -0.89
N LEU A 275 -15.19 54.15 -1.37
CA LEU A 275 -14.96 52.68 -1.39
C LEU A 275 -13.73 52.27 -2.23
N THR A 276 -12.89 51.43 -1.66
CA THR A 276 -11.71 50.85 -2.32
C THR A 276 -11.95 49.36 -2.52
N HIS A 277 -12.78 48.72 -1.70
CA HIS A 277 -13.02 47.25 -1.78
C HIS A 277 -14.51 46.92 -1.82
N ILE A 278 -14.98 46.22 -2.85
CA ILE A 278 -16.26 45.44 -2.83
C ILE A 278 -15.92 43.95 -2.91
N THR A 279 -16.48 43.14 -2.02
CA THR A 279 -16.58 41.67 -2.26
C THR A 279 -18.06 41.36 -2.41
N PHE A 280 -18.46 40.83 -3.55
CA PHE A 280 -19.86 40.43 -3.75
C PHE A 280 -20.08 39.03 -3.17
N GLY A 281 -21.36 38.81 -2.88
CA GLY A 281 -21.95 37.53 -2.46
C GLY A 281 -21.89 36.44 -3.51
N ASN A 282 -22.24 35.27 -3.10
CA ASN A 282 -22.32 34.12 -4.02
C ASN A 282 -23.39 34.31 -5.09
N ASN A 283 -24.61 34.62 -4.71
CA ASN A 283 -25.76 34.56 -5.65
C ASN A 283 -25.86 35.80 -6.55
N PHE A 284 -25.11 36.87 -6.25
CA PHE A 284 -25.18 38.17 -6.96
C PHE A 284 -24.96 37.91 -8.45
N ASN A 285 -25.93 38.34 -9.26
CA ASN A 285 -26.02 38.08 -10.73
C ASN A 285 -26.86 39.16 -11.43
N GLN A 286 -26.61 40.42 -11.08
CA GLN A 286 -27.35 41.58 -11.61
C GLN A 286 -26.38 42.36 -12.49
N ILE A 287 -26.95 42.97 -13.55
CA ILE A 287 -26.25 43.84 -14.54
C ILE A 287 -25.70 45.04 -13.77
N ILE A 288 -24.37 45.23 -13.87
CA ILE A 288 -23.59 46.41 -13.43
C ILE A 288 -23.44 47.35 -14.65
N THR A 289 -24.17 48.46 -14.60
CA THR A 289 -24.32 49.50 -15.67
C THR A 289 -23.28 50.60 -15.39
N GLU A 290 -23.43 51.78 -16.00
CA GLU A 290 -22.23 52.53 -16.42
C GLU A 290 -21.52 53.21 -15.23
N ASN A 291 -22.11 54.22 -14.59
CA ASN A 291 -21.42 55.03 -13.54
C ASN A 291 -21.96 54.60 -12.18
N VAL A 292 -21.97 53.29 -11.92
CA VAL A 292 -22.49 52.62 -10.68
C VAL A 292 -21.34 52.41 -9.70
N LEU A 293 -20.24 51.84 -10.18
CA LEU A 293 -19.07 51.52 -9.32
C LEU A 293 -18.38 52.82 -8.94
N PRO A 294 -17.93 52.96 -7.68
CA PRO A 294 -17.10 54.08 -7.24
C PRO A 294 -15.72 54.21 -7.90
N ASN A 295 -15.20 55.43 -7.88
CA ASN A 295 -14.03 55.91 -8.68
C ASN A 295 -12.72 55.67 -7.93
N SER A 296 -12.79 55.37 -6.63
CA SER A 296 -11.60 55.17 -5.79
C SER A 296 -11.36 53.66 -5.60
N LEU A 297 -12.25 52.83 -6.18
CA LEU A 297 -12.23 51.34 -6.11
C LEU A 297 -10.88 50.79 -6.57
N THR A 298 -10.27 49.93 -5.77
CA THR A 298 -8.97 49.29 -6.08
C THR A 298 -9.16 47.78 -6.17
N HIS A 299 -10.00 47.18 -5.34
CA HIS A 299 -10.24 45.71 -5.41
C HIS A 299 -11.71 45.41 -5.70
N LEU A 300 -12.03 44.57 -6.69
CA LEU A 300 -13.42 44.11 -6.99
C LEU A 300 -13.42 42.62 -7.07
N THR A 301 -14.28 41.98 -6.29
CA THR A 301 -14.43 40.51 -6.27
C THR A 301 -15.87 40.13 -6.45
N PHE A 302 -16.17 39.37 -7.50
CA PHE A 302 -17.52 38.83 -7.77
C PHE A 302 -17.72 37.49 -7.02
N GLY A 303 -18.99 37.09 -6.89
CA GLY A 303 -19.35 35.77 -6.37
C GLY A 303 -19.37 34.65 -7.40
N ASN A 304 -19.78 33.46 -6.97
CA ASN A 304 -19.85 32.25 -7.82
C ASN A 304 -21.00 32.29 -8.81
N ASN A 305 -22.07 33.03 -8.58
CA ASN A 305 -23.17 32.99 -9.58
C ASN A 305 -23.11 34.14 -10.59
N PHE A 306 -22.34 35.21 -10.32
CA PHE A 306 -22.25 36.41 -11.20
C PHE A 306 -21.83 36.03 -12.61
N ASN A 307 -22.67 36.37 -13.60
CA ASN A 307 -22.44 35.99 -15.01
C ASN A 307 -23.03 37.00 -16.01
N GLN A 308 -22.90 38.30 -15.72
CA GLN A 308 -23.53 39.42 -16.48
C GLN A 308 -22.45 40.22 -17.20
N ILE A 309 -22.79 40.59 -18.44
CA ILE A 309 -21.90 41.19 -19.46
C ILE A 309 -21.29 42.47 -18.87
N ILE A 310 -19.99 42.66 -19.09
CA ILE A 310 -19.25 43.87 -18.62
C ILE A 310 -18.88 44.62 -19.89
N THR A 311 -19.49 45.79 -20.05
CA THR A 311 -19.50 46.63 -21.26
C THR A 311 -18.51 47.77 -21.01
N GLU A 312 -18.42 48.69 -21.95
CA GLU A 312 -17.40 49.76 -21.92
C GLU A 312 -17.68 50.71 -20.76
N ASN A 313 -16.60 51.22 -20.14
CA ASN A 313 -16.58 52.17 -18.98
C ASN A 313 -17.60 51.77 -17.89
N VAL A 314 -17.52 50.52 -17.43
CA VAL A 314 -18.28 49.98 -16.26
C VAL A 314 -17.36 49.95 -15.04
N LEU A 315 -16.17 49.42 -15.22
CA LEU A 315 -15.06 49.41 -14.23
C LEU A 315 -14.42 50.79 -14.16
N PRO A 316 -14.08 51.27 -12.95
CA PRO A 316 -13.25 52.47 -12.81
C PRO A 316 -11.77 52.37 -13.23
N ASN A 317 -11.16 53.52 -13.55
CA ASN A 317 -9.75 53.66 -13.98
C ASN A 317 -8.85 53.73 -12.75
N SER A 318 -9.41 53.52 -11.57
CA SER A 318 -8.68 53.35 -10.28
C SER A 318 -8.36 51.86 -9.97
N LEU A 319 -9.19 50.94 -10.49
CA LEU A 319 -9.23 49.49 -10.14
C LEU A 319 -7.91 48.80 -10.45
N THR A 320 -7.40 48.00 -9.53
CA THR A 320 -6.10 47.28 -9.65
C THR A 320 -6.26 45.75 -9.53
N HIS A 321 -7.29 45.27 -8.84
CA HIS A 321 -7.55 43.82 -8.66
C HIS A 321 -8.97 43.49 -9.07
N LEU A 322 -9.13 42.61 -10.06
CA LEU A 322 -10.45 42.05 -10.46
C LEU A 322 -10.38 40.52 -10.40
N THR A 323 -11.23 39.94 -9.55
CA THR A 323 -11.40 38.48 -9.40
C THR A 323 -12.83 38.10 -9.78
N PHE A 324 -12.94 37.15 -10.69
CA PHE A 324 -14.24 36.62 -11.17
C PHE A 324 -14.54 35.33 -10.41
N GLY A 325 -15.82 34.96 -10.44
CA GLY A 325 -16.26 33.73 -9.78
C GLY A 325 -16.42 32.56 -10.71
N ASP A 326 -17.09 31.55 -10.20
CA ASP A 326 -17.20 30.21 -10.79
C ASP A 326 -18.01 30.28 -12.10
N ASP A 327 -19.06 31.10 -12.14
CA ASP A 327 -20.00 31.14 -13.30
C ASP A 327 -19.57 32.04 -14.47
N PHE A 328 -18.86 33.15 -14.17
CA PHE A 328 -18.57 34.26 -15.13
C PHE A 328 -18.05 33.75 -16.48
N ASN A 329 -18.80 33.99 -17.53
CA ASN A 329 -18.47 33.40 -18.85
C ASN A 329 -18.96 34.31 -20.01
N GLN A 330 -18.81 35.63 -19.82
CA GLN A 330 -19.23 36.68 -20.77
C GLN A 330 -18.03 37.17 -21.60
N ILE A 331 -18.27 37.48 -22.89
CA ILE A 331 -17.22 37.98 -23.83
C ILE A 331 -16.63 39.25 -23.22
N ILE A 332 -15.30 39.41 -23.24
CA ILE A 332 -14.61 40.67 -22.85
C ILE A 332 -13.96 41.31 -24.08
N THR A 333 -14.54 42.46 -24.52
CA THR A 333 -14.15 43.37 -25.66
C THR A 333 -13.20 44.47 -25.17
N GLU A 334 -12.90 45.48 -26.00
CA GLU A 334 -11.56 46.15 -26.01
C GLU A 334 -11.34 47.12 -24.84
N ASN A 335 -12.17 48.14 -24.66
CA ASN A 335 -12.01 49.11 -23.54
C ASN A 335 -12.96 48.73 -22.40
N VAL A 336 -12.81 47.51 -21.86
CA VAL A 336 -13.67 47.00 -20.76
C VAL A 336 -12.90 47.07 -19.44
N LEU A 337 -11.68 46.53 -19.42
CA LEU A 337 -10.79 46.50 -18.23
C LEU A 337 -10.06 47.84 -18.20
N PRO A 338 -9.90 48.45 -17.02
CA PRO A 338 -9.16 49.70 -16.89
C PRO A 338 -7.64 49.56 -17.04
N ASN A 339 -7.00 50.70 -17.32
CA ASN A 339 -5.57 50.78 -17.68
C ASN A 339 -4.70 50.80 -16.41
N SER A 340 -5.32 50.74 -15.24
CA SER A 340 -4.64 50.68 -13.90
C SER A 340 -4.55 49.24 -13.40
N LEU A 341 -5.44 48.38 -13.92
CA LEU A 341 -5.63 46.96 -13.52
C LEU A 341 -4.31 46.21 -13.64
N THR A 342 -3.85 45.65 -12.53
CA THR A 342 -2.59 44.87 -12.44
C THR A 342 -2.89 43.39 -12.21
N HIS A 343 -4.05 43.04 -11.62
CA HIS A 343 -4.40 41.63 -11.27
C HIS A 343 -5.78 41.23 -11.79
N LEU A 344 -5.78 40.04 -12.41
CA LEU A 344 -6.96 39.42 -13.04
C LEU A 344 -6.94 37.95 -12.69
N THR A 345 -8.06 37.48 -12.18
CA THR A 345 -8.29 36.07 -11.88
C THR A 345 -9.65 35.70 -12.41
N PHE A 346 -9.70 34.70 -13.25
CA PHE A 346 -10.96 34.17 -13.82
C PHE A 346 -11.36 32.97 -12.98
N GLY A 347 -12.61 32.54 -13.17
CA GLY A 347 -13.16 31.38 -12.46
C GLY A 347 -13.34 30.17 -13.34
N ASP A 348 -14.12 29.22 -12.85
CA ASP A 348 -14.07 27.82 -13.33
C ASP A 348 -14.66 27.81 -14.76
N ASP A 349 -15.71 28.58 -15.01
CA ASP A 349 -16.55 28.51 -16.23
C ASP A 349 -15.96 29.33 -17.38
N PHE A 350 -15.15 30.35 -17.06
CA PHE A 350 -14.70 31.36 -18.05
C PHE A 350 -14.04 30.66 -19.24
N ASN A 351 -14.63 30.86 -20.40
CA ASN A 351 -14.06 30.24 -21.60
C ASN A 351 -14.37 31.06 -22.85
N GLN A 352 -14.21 32.38 -22.82
CA GLN A 352 -14.45 33.23 -24.01
C GLN A 352 -13.09 33.68 -24.54
N ILE A 353 -13.05 33.99 -25.83
CA ILE A 353 -11.87 34.41 -26.63
C ILE A 353 -11.36 35.72 -26.03
N ILE A 354 -10.05 36.00 -26.05
CA ILE A 354 -9.46 37.25 -25.50
C ILE A 354 -8.52 37.84 -26.54
N THR A 355 -8.91 38.90 -27.27
CA THR A 355 -8.21 39.34 -28.52
C THR A 355 -7.14 40.39 -28.20
N GLU A 356 -6.76 41.17 -29.24
CA GLU A 356 -5.48 41.92 -29.35
C GLU A 356 -5.39 43.01 -28.28
N ASN A 357 -6.28 43.99 -28.24
CA ASN A 357 -6.12 45.07 -27.23
C ASN A 357 -7.22 44.96 -26.16
N VAL A 358 -7.35 43.80 -25.48
CA VAL A 358 -8.49 43.55 -24.53
C VAL A 358 -8.01 43.70 -23.07
N LEU A 359 -6.91 42.96 -22.76
CA LEU A 359 -6.13 42.98 -21.49
C LEU A 359 -5.34 44.29 -21.41
N PRO A 360 -5.37 45.06 -20.31
CA PRO A 360 -4.63 46.31 -20.22
C PRO A 360 -3.12 46.14 -20.09
N ASN A 361 -2.40 47.24 -20.33
CA ASN A 361 -0.94 47.25 -20.51
C ASN A 361 -0.27 47.45 -19.15
N SER A 362 -1.08 47.50 -18.10
CA SER A 362 -0.62 47.56 -16.68
C SER A 362 -0.56 46.15 -16.09
N LEU A 363 -1.24 45.17 -16.71
CA LEU A 363 -1.53 43.83 -16.12
C LEU A 363 -0.21 43.12 -15.85
N THR A 364 0.02 42.68 -14.61
CA THR A 364 1.23 41.91 -14.19
C THR A 364 0.88 40.46 -13.84
N HIS A 365 -0.36 40.20 -13.47
CA HIS A 365 -0.78 38.87 -12.98
C HIS A 365 -2.07 38.45 -13.68
N LEU A 366 -2.02 37.28 -14.32
CA LEU A 366 -3.18 36.67 -15.02
C LEU A 366 -3.30 35.19 -14.60
N THR A 367 -4.43 34.91 -13.97
CA THR A 367 -4.82 33.55 -13.54
C THR A 367 -6.09 33.16 -14.30
N PHE A 368 -6.01 32.10 -15.10
CA PHE A 368 -7.20 31.57 -15.81
C PHE A 368 -7.91 30.54 -14.94
N GLY A 369 -9.17 30.24 -15.29
CA GLY A 369 -10.00 29.27 -14.58
C GLY A 369 -9.80 27.86 -15.06
N ASP A 370 -10.76 26.98 -14.80
CA ASP A 370 -10.69 25.57 -15.22
C ASP A 370 -10.82 25.54 -16.72
N ASP A 371 -11.93 26.08 -17.17
CA ASP A 371 -12.50 25.82 -18.51
C ASP A 371 -11.70 26.51 -19.63
N PHE A 372 -10.92 27.55 -19.29
CA PHE A 372 -10.35 28.51 -20.27
C PHE A 372 -9.51 27.75 -21.28
N ASN A 373 -9.84 27.80 -22.57
CA ASN A 373 -9.18 26.96 -23.60
C ASN A 373 -9.31 27.59 -25.01
N GLN A 374 -9.00 28.87 -25.10
CA GLN A 374 -9.03 29.66 -26.35
C GLN A 374 -7.59 30.03 -26.72
N ILE A 375 -7.24 29.89 -28.03
CA ILE A 375 -5.95 30.30 -28.68
C ILE A 375 -5.54 31.70 -28.19
N ILE A 376 -4.29 31.87 -27.80
CA ILE A 376 -3.72 33.19 -27.43
C ILE A 376 -2.64 33.49 -28.44
N THR A 377 -2.83 34.50 -29.26
CA THR A 377 -1.91 34.82 -30.38
C THR A 377 -0.99 35.95 -29.90
N GLU A 378 -0.16 36.45 -30.82
CA GLU A 378 0.87 37.50 -30.59
C GLU A 378 0.18 38.83 -30.25
N ASN A 379 0.81 39.67 -29.42
CA ASN A 379 0.26 40.98 -28.97
C ASN A 379 -1.14 40.84 -28.37
N VAL A 380 -1.42 39.76 -27.62
CA VAL A 380 -2.70 39.55 -26.86
C VAL A 380 -2.42 39.77 -25.37
N LEU A 381 -1.43 39.02 -24.86
CA LEU A 381 -0.79 39.14 -23.53
C LEU A 381 -0.05 40.46 -23.41
N PRO A 382 -0.25 41.27 -22.36
CA PRO A 382 0.50 42.51 -22.19
C PRO A 382 1.99 42.34 -21.90
N ASN A 383 2.77 43.35 -22.32
CA ASN A 383 4.25 43.38 -22.24
C ASN A 383 4.63 43.86 -20.84
N SER A 384 3.67 44.04 -19.93
CA SER A 384 3.93 44.33 -18.49
C SER A 384 3.76 43.06 -17.62
N LEU A 385 3.25 41.96 -18.17
CA LEU A 385 2.88 40.70 -17.44
C LEU A 385 4.14 39.99 -16.91
N VAL A 386 4.10 39.60 -15.63
CA VAL A 386 5.20 38.86 -14.97
C VAL A 386 4.68 37.54 -14.43
N HIS A 387 3.37 37.30 -14.41
CA HIS A 387 2.85 36.09 -13.75
C HIS A 387 1.67 35.50 -14.51
N LEU A 388 1.80 34.28 -15.01
CA LEU A 388 0.76 33.67 -15.88
C LEU A 388 0.51 32.25 -15.39
N SER A 389 -0.71 31.93 -14.95
CA SER A 389 -1.10 30.57 -14.50
C SER A 389 -2.26 30.13 -15.37
N PHE A 390 -2.04 29.15 -16.21
CA PHE A 390 -3.12 28.53 -16.98
C PHE A 390 -3.80 27.51 -16.08
N GLY A 391 -5.06 27.22 -16.31
CA GLY A 391 -5.80 26.20 -15.56
C GLY A 391 -5.83 24.83 -16.20
N CYS A 392 -6.79 24.03 -15.72
CA CYS A 392 -6.95 22.58 -15.97
C CYS A 392 -7.11 22.34 -17.48
N GLU A 393 -8.06 23.00 -18.15
CA GLU A 393 -8.52 22.51 -19.48
C GLU A 393 -7.72 23.14 -20.63
N PHE A 394 -7.01 24.25 -20.36
CA PHE A 394 -6.11 24.91 -21.34
C PHE A 394 -5.11 23.91 -21.92
N ASN A 395 -5.24 23.64 -23.23
CA ASN A 395 -4.32 22.81 -24.05
C ASN A 395 -4.29 23.37 -25.49
N GLN A 396 -3.98 24.66 -25.65
CA GLN A 396 -3.75 25.32 -26.97
C GLN A 396 -2.25 25.52 -27.22
N GLU A 397 -1.90 25.57 -28.51
CA GLU A 397 -0.51 25.77 -28.98
C GLU A 397 -0.01 27.13 -28.47
N ILE A 398 1.26 27.23 -28.08
CA ILE A 398 1.90 28.55 -27.79
C ILE A 398 3.02 28.81 -28.81
N ALA A 399 2.76 29.76 -29.73
CA ALA A 399 3.59 30.24 -30.87
C ALA A 399 4.79 31.07 -30.38
N GLU A 400 5.46 31.83 -31.25
CA GLU A 400 6.82 32.36 -30.96
C GLU A 400 6.73 33.60 -30.05
N LYS A 401 6.27 34.75 -30.54
CA LYS A 401 6.29 36.01 -29.74
C LYS A 401 5.00 36.17 -28.96
N VAL A 402 4.36 35.09 -28.51
CA VAL A 402 3.09 35.10 -27.70
C VAL A 402 3.34 35.57 -26.26
N LEU A 403 4.14 34.83 -25.46
CA LEU A 403 4.44 35.10 -24.02
C LEU A 403 5.31 36.34 -23.89
N PRO A 404 4.90 37.37 -23.12
CA PRO A 404 5.60 38.64 -23.14
C PRO A 404 7.05 38.59 -22.68
N ASN A 405 7.87 39.53 -23.15
CA ASN A 405 9.30 39.72 -22.82
C ASN A 405 9.46 39.69 -21.30
N SER A 406 8.48 40.24 -20.59
CA SER A 406 8.56 40.63 -19.17
C SER A 406 8.22 39.45 -18.24
N LEU A 407 7.93 38.27 -18.80
CA LEU A 407 7.28 37.18 -18.02
C LEU A 407 8.36 36.50 -17.16
N THR A 408 8.04 36.29 -15.87
CA THR A 408 8.95 35.69 -14.85
C THR A 408 8.37 34.38 -14.30
N TYR A 409 7.05 34.24 -14.24
CA TYR A 409 6.39 33.08 -13.61
C TYR A 409 5.35 32.53 -14.60
N LEU A 410 5.53 31.28 -15.02
CA LEU A 410 4.58 30.61 -15.92
C LEU A 410 4.21 29.27 -15.29
N GLU A 411 2.93 29.09 -15.06
CA GLU A 411 2.43 27.82 -14.51
C GLU A 411 1.48 27.23 -15.54
N LEU A 412 1.84 26.09 -16.11
CA LEU A 412 0.95 25.44 -17.12
C LEU A 412 0.13 24.35 -16.44
N GLY A 413 -1.09 24.16 -16.93
CA GLY A 413 -2.17 23.43 -16.25
C GLY A 413 -2.10 21.93 -16.47
N HIS A 414 -3.16 21.25 -16.06
CA HIS A 414 -3.27 19.77 -16.05
C HIS A 414 -3.18 19.28 -17.48
N ASN A 415 -4.04 19.82 -18.36
CA ASN A 415 -4.30 19.24 -19.70
C ASN A 415 -3.22 19.72 -20.65
N PHE A 416 -2.40 20.70 -20.27
CA PHE A 416 -1.39 21.31 -21.18
C PHE A 416 -0.40 20.26 -21.72
N ASN A 417 -0.41 19.99 -23.03
CA ASN A 417 0.51 19.02 -23.66
C ASN A 417 0.79 19.40 -25.13
N GLN A 418 1.11 20.67 -25.39
CA GLN A 418 1.62 21.12 -26.71
C GLN A 418 3.14 21.30 -26.64
N LYS A 419 3.78 21.18 -27.81
CA LYS A 419 5.26 21.19 -27.96
C LYS A 419 5.77 22.61 -27.70
N ILE A 420 6.98 22.75 -27.16
CA ILE A 420 7.63 24.06 -26.83
C ILE A 420 8.95 24.15 -27.60
N ILE A 421 9.07 25.06 -28.57
CA ILE A 421 10.18 25.07 -29.58
C ILE A 421 11.08 26.31 -29.31
N GLU A 422 12.13 26.54 -30.10
CA GLU A 422 13.29 27.46 -29.81
C GLU A 422 12.83 28.71 -29.05
N ASN A 423 12.10 29.66 -29.66
CA ASN A 423 11.77 30.96 -29.00
C ASN A 423 10.29 31.04 -28.63
N VAL A 424 9.85 30.16 -27.75
CA VAL A 424 8.49 30.26 -27.15
C VAL A 424 8.63 30.90 -25.76
N LEU A 425 9.47 30.37 -24.86
CA LEU A 425 9.57 30.84 -23.44
C LEU A 425 10.50 32.04 -23.37
N PRO A 426 10.09 33.14 -22.70
CA PRO A 426 10.90 34.36 -22.64
C PRO A 426 12.27 34.17 -21.97
N ASN A 427 13.33 34.74 -22.56
CA ASN A 427 14.64 35.00 -21.93
C ASN A 427 14.42 36.02 -20.81
N GLY A 428 14.61 35.61 -19.55
CA GLY A 428 14.12 36.36 -18.38
C GLY A 428 13.24 35.52 -17.50
N LEU A 429 12.67 34.41 -18.00
CA LEU A 429 11.74 33.54 -17.21
C LEU A 429 12.48 32.88 -16.03
N VAL A 430 11.87 32.95 -14.84
CA VAL A 430 12.51 32.55 -13.55
C VAL A 430 11.89 31.24 -13.02
N HIS A 431 10.56 31.11 -13.09
CA HIS A 431 9.84 29.90 -12.64
C HIS A 431 9.05 29.33 -13.81
N LEU A 432 9.08 28.01 -13.98
CA LEU A 432 8.35 27.27 -15.03
C LEU A 432 7.89 25.94 -14.44
N SER A 433 6.60 25.70 -14.50
CA SER A 433 5.93 24.55 -13.86
C SER A 433 5.01 23.96 -14.93
N PHE A 434 5.40 22.81 -15.44
CA PHE A 434 4.53 22.00 -16.31
C PHE A 434 3.60 21.17 -15.42
N GLY A 435 2.36 21.00 -15.86
CA GLY A 435 1.32 20.23 -15.16
C GLY A 435 1.36 18.76 -15.52
N CYS A 436 0.29 18.06 -15.24
CA CYS A 436 0.14 16.58 -15.31
C CYS A 436 0.53 16.08 -16.71
N LYS A 437 -0.21 16.49 -17.75
CA LYS A 437 -0.23 15.77 -19.04
C LYS A 437 1.01 16.12 -19.89
N PHE A 438 1.74 17.19 -19.55
CA PHE A 438 2.86 17.66 -20.40
C PHE A 438 3.86 16.53 -20.58
N ASN A 439 4.05 16.05 -21.81
CA ASN A 439 5.04 14.99 -22.20
C ASN A 439 5.51 15.23 -23.64
N GLN A 440 6.04 16.42 -23.93
CA GLN A 440 6.72 16.74 -25.21
C GLN A 440 8.23 16.89 -24.99
N GLU A 441 9.03 16.55 -26.01
CA GLU A 441 10.51 16.61 -25.95
C GLU A 441 10.92 18.05 -25.59
N ILE A 442 11.96 18.21 -24.78
CA ILE A 442 12.54 19.54 -24.48
C ILE A 442 14.00 19.50 -24.92
N VAL A 443 14.25 20.03 -26.11
CA VAL A 443 15.55 20.07 -26.84
C VAL A 443 16.33 21.30 -26.40
N GLU A 444 17.54 21.54 -26.93
CA GLU A 444 18.44 22.63 -26.43
C GLU A 444 18.01 24.01 -26.99
N ASN A 445 18.34 25.05 -26.24
CA ASN A 445 18.05 26.49 -26.49
C ASN A 445 16.55 26.76 -26.55
N VAL A 446 15.75 25.97 -25.84
CA VAL A 446 14.28 26.20 -25.65
C VAL A 446 14.01 26.72 -24.23
N LEU A 447 14.60 26.15 -23.18
CA LEU A 447 14.50 26.66 -21.77
C LEU A 447 15.47 27.82 -21.62
N PRO A 448 15.02 28.98 -21.13
CA PRO A 448 15.87 30.17 -21.12
C PRO A 448 16.99 30.16 -20.06
N ASP A 449 18.07 30.91 -20.32
CA ASP A 449 19.34 30.85 -19.55
C ASP A 449 19.16 31.57 -18.20
N SER A 450 17.98 32.14 -17.94
CA SER A 450 17.63 32.86 -16.68
C SER A 450 17.03 31.90 -15.64
N LEU A 451 16.45 30.79 -16.08
CA LEU A 451 15.47 29.98 -15.31
C LEU A 451 16.20 29.45 -14.10
N THR A 452 15.59 29.53 -12.92
CA THR A 452 16.16 29.01 -11.64
C THR A 452 15.31 27.85 -11.14
N HIS A 453 14.01 27.89 -11.32
CA HIS A 453 13.09 26.85 -10.80
C HIS A 453 12.42 26.21 -12.01
N LEU A 454 12.45 24.87 -12.11
CA LEU A 454 11.79 24.10 -13.20
C LEU A 454 11.13 22.88 -12.57
N SER A 455 9.84 22.64 -12.78
CA SER A 455 9.09 21.49 -12.21
C SER A 455 8.26 20.83 -13.29
N PHE A 456 8.24 19.52 -13.31
CA PHE A 456 7.52 18.74 -14.34
C PHE A 456 6.38 18.01 -13.67
N GLY A 457 5.44 17.50 -14.44
CA GLY A 457 4.24 16.88 -13.87
C GLY A 457 4.29 15.37 -13.94
N HIS A 458 3.16 14.76 -13.60
CA HIS A 458 2.94 13.30 -13.56
C HIS A 458 3.54 12.62 -14.80
N CYS A 459 3.19 13.09 -16.00
CA CYS A 459 3.29 12.32 -17.27
C CYS A 459 4.67 12.48 -17.92
N PHE A 460 5.37 13.59 -17.67
CA PHE A 460 6.65 13.92 -18.33
C PHE A 460 7.68 12.83 -18.11
N ASN A 461 8.01 12.11 -19.18
CA ASN A 461 9.00 11.00 -19.23
C ASN A 461 9.73 11.07 -20.57
N GLN A 462 10.30 12.22 -20.93
CA GLN A 462 11.20 12.34 -22.11
C GLN A 462 12.64 12.51 -21.62
N LYS A 463 13.56 12.10 -22.49
CA LYS A 463 15.03 12.27 -22.38
C LYS A 463 15.37 13.74 -22.15
N ILE A 464 16.36 14.01 -21.31
CA ILE A 464 16.94 15.36 -21.08
C ILE A 464 18.43 15.26 -21.41
N THR A 465 18.87 15.77 -22.56
CA THR A 465 20.25 15.56 -23.07
C THR A 465 21.14 16.73 -22.62
N GLU A 466 22.39 16.74 -23.06
CA GLU A 466 23.46 17.66 -22.59
C GLU A 466 23.08 19.06 -23.03
N ASN A 467 23.23 20.02 -22.10
CA ASN A 467 23.01 21.47 -22.29
C ASN A 467 21.58 21.77 -22.72
N VAL A 468 20.59 21.05 -22.20
CA VAL A 468 19.14 21.42 -22.36
C VAL A 468 18.75 22.39 -21.22
N LEU A 469 19.01 21.95 -19.98
CA LEU A 469 18.72 22.68 -18.71
C LEU A 469 19.60 23.92 -18.66
N PRO A 470 19.07 25.09 -18.26
CA PRO A 470 19.86 26.31 -18.21
C PRO A 470 20.95 26.34 -17.13
N ASN A 471 21.93 27.21 -17.33
CA ASN A 471 23.13 27.39 -16.46
C ASN A 471 22.70 27.92 -15.09
N SER A 472 21.71 28.82 -15.06
CA SER A 472 21.31 29.53 -13.83
C SER A 472 20.22 28.74 -13.08
N LEU A 473 19.89 27.51 -13.51
CA LEU A 473 18.97 26.56 -12.79
C LEU A 473 19.54 26.23 -11.40
N THR A 474 18.75 26.48 -10.35
CA THR A 474 19.02 26.05 -8.95
C THR A 474 18.09 24.91 -8.54
N TYR A 475 16.90 24.76 -9.12
CA TYR A 475 15.85 23.89 -8.55
C TYR A 475 15.18 23.07 -9.67
N LEU A 476 15.12 21.76 -9.51
CA LEU A 476 14.60 20.84 -10.54
C LEU A 476 13.76 19.75 -9.88
N GLU A 477 12.49 19.68 -10.21
CA GLU A 477 11.56 18.66 -9.69
C GLU A 477 10.99 17.88 -10.85
N LEU A 478 11.22 16.58 -10.82
CA LEU A 478 10.81 15.64 -11.89
C LEU A 478 9.60 14.86 -11.38
N GLY A 479 8.76 14.39 -12.27
CA GLY A 479 7.43 13.92 -11.89
C GLY A 479 7.35 12.42 -11.90
N HIS A 480 6.14 11.93 -11.73
CA HIS A 480 5.81 10.55 -11.38
C HIS A 480 6.51 9.60 -12.35
N ASN A 481 6.26 9.77 -13.66
CA ASN A 481 6.58 8.78 -14.70
C ASN A 481 8.02 8.96 -15.18
N PHE A 482 8.62 10.12 -14.87
CA PHE A 482 9.97 10.46 -15.36
C PHE A 482 10.94 9.38 -14.93
N ASN A 483 11.41 8.59 -15.88
CA ASN A 483 12.25 7.39 -15.69
C ASN A 483 13.17 7.31 -16.91
N GLN A 484 13.89 8.40 -17.19
CA GLN A 484 15.01 8.43 -18.17
C GLN A 484 16.32 8.65 -17.41
N LYS A 485 17.39 8.01 -17.90
CA LYS A 485 18.76 8.10 -17.37
C LYS A 485 19.26 9.53 -17.45
N ILE A 486 19.97 9.97 -16.42
CA ILE A 486 20.71 11.25 -16.41
C ILE A 486 22.19 10.92 -16.64
N ILE A 487 22.83 11.65 -17.56
CA ILE A 487 24.15 11.37 -18.19
C ILE A 487 25.12 12.47 -17.75
N GLU A 488 26.35 12.50 -18.27
CA GLU A 488 27.50 13.25 -17.68
C GLU A 488 27.22 14.75 -17.60
N ASN A 489 26.91 15.43 -18.70
CA ASN A 489 26.93 16.92 -18.70
C ASN A 489 25.54 17.46 -18.97
N VAL A 490 24.53 17.01 -18.23
CA VAL A 490 23.11 17.44 -18.44
C VAL A 490 22.63 18.35 -17.30
N LEU A 491 22.77 17.93 -16.03
CA LEU A 491 22.38 18.72 -14.82
C LEU A 491 23.36 19.87 -14.64
N PRO A 492 22.89 21.13 -14.56
CA PRO A 492 23.79 22.28 -14.64
C PRO A 492 24.63 22.45 -13.38
N ASP A 493 25.57 23.40 -13.42
CA ASP A 493 26.60 23.60 -12.38
C ASP A 493 26.14 24.58 -11.27
N ARG A 494 24.88 25.07 -11.26
CA ARG A 494 24.34 25.85 -10.11
C ARG A 494 23.19 25.11 -9.41
N LEU A 495 22.86 23.88 -9.82
CA LEU A 495 21.72 23.10 -9.27
C LEU A 495 22.06 22.70 -7.85
N THR A 496 21.26 23.16 -6.89
CA THR A 496 21.42 22.79 -5.46
C THR A 496 20.37 21.74 -5.07
N TYR A 497 19.21 21.74 -5.70
CA TYR A 497 18.06 20.92 -5.24
C TYR A 497 17.63 19.96 -6.34
N LEU A 498 17.54 18.67 -6.06
CA LEU A 498 17.03 17.69 -7.04
C LEU A 498 16.02 16.79 -6.34
N GLU A 499 14.82 16.70 -6.88
CA GLU A 499 13.79 15.71 -6.48
C GLU A 499 13.52 14.78 -7.65
N LEU A 500 13.78 13.48 -7.46
CA LEU A 500 13.43 12.46 -8.47
C LEU A 500 12.06 11.86 -8.14
N GLY A 501 11.40 11.32 -9.16
CA GLY A 501 9.98 10.97 -9.13
C GLY A 501 9.77 9.53 -8.74
N HIS A 502 8.50 9.18 -8.51
CA HIS A 502 8.02 7.83 -8.06
C HIS A 502 8.71 6.74 -8.90
N ASP A 503 8.70 6.87 -10.24
CA ASP A 503 9.11 5.79 -11.16
C ASP A 503 10.63 5.74 -11.31
N PHE A 504 11.32 6.87 -11.08
CA PHE A 504 12.78 7.01 -11.38
C PHE A 504 13.61 5.93 -10.68
N ASN A 505 14.12 4.96 -11.43
CA ASN A 505 14.90 3.82 -10.91
C ASN A 505 16.03 3.44 -11.89
N GLN A 506 16.90 4.39 -12.24
CA GLN A 506 18.03 4.25 -13.21
C GLN A 506 19.33 4.55 -12.46
N LYS A 507 20.42 3.84 -12.76
CA LYS A 507 21.74 3.96 -12.07
C LYS A 507 22.34 5.36 -12.31
N ILE A 508 23.07 5.88 -11.33
CA ILE A 508 23.73 7.23 -11.37
C ILE A 508 25.25 7.02 -11.47
N MET A 509 25.86 7.43 -12.59
CA MET A 509 27.33 7.38 -12.78
C MET A 509 27.98 8.69 -12.26
N GLU A 510 29.29 8.84 -12.45
CA GLU A 510 30.13 9.51 -11.44
C GLU A 510 29.97 11.02 -11.52
N ASN A 511 30.25 11.59 -12.68
CA ASN A 511 30.38 13.06 -12.85
C ASN A 511 29.04 13.63 -13.36
N VAL A 512 27.93 13.20 -12.75
CA VAL A 512 26.53 13.47 -13.20
C VAL A 512 25.92 14.55 -12.31
N LEU A 513 25.76 14.25 -11.01
CA LEU A 513 25.15 15.12 -9.97
C LEU A 513 26.17 16.22 -9.66
N PRO A 514 25.85 17.51 -9.83
CA PRO A 514 26.87 18.55 -9.82
C PRO A 514 27.42 18.89 -8.44
N ASN A 515 28.59 19.51 -8.42
CA ASN A 515 29.37 19.80 -7.17
C ASN A 515 28.78 21.01 -6.44
N SER A 516 27.64 21.52 -6.93
CA SER A 516 26.83 22.59 -6.29
C SER A 516 25.59 21.97 -5.62
N LEU A 517 25.23 20.72 -5.98
CA LEU A 517 24.05 20.01 -5.43
C LEU A 517 24.27 19.74 -3.94
N THR A 518 23.29 20.17 -3.12
CA THR A 518 23.25 20.04 -1.65
C THR A 518 22.08 19.17 -1.18
N HIS A 519 20.99 19.11 -1.91
CA HIS A 519 19.73 18.48 -1.44
C HIS A 519 19.26 17.46 -2.44
N LEU A 520 19.14 16.20 -2.07
CA LEU A 520 18.80 15.13 -3.04
C LEU A 520 17.66 14.30 -2.46
N ILE A 521 16.60 14.10 -3.25
CA ILE A 521 15.37 13.39 -2.82
C ILE A 521 15.12 12.28 -3.83
N PHE A 522 15.15 11.05 -3.38
CA PHE A 522 14.77 9.90 -4.23
C PHE A 522 13.27 9.66 -4.04
N GLY A 523 12.64 9.13 -5.08
CA GLY A 523 11.23 8.76 -5.04
C GLY A 523 11.07 7.32 -4.70
N THR A 524 9.83 6.85 -4.73
CA THR A 524 9.34 5.51 -4.34
C THR A 524 10.25 4.39 -4.89
N SER A 525 10.55 4.38 -6.18
CA SER A 525 11.06 3.17 -6.89
C SER A 525 12.59 3.05 -6.83
N PHE A 526 13.35 4.15 -6.70
CA PHE A 526 14.84 4.10 -6.84
C PHE A 526 15.45 3.02 -5.93
N ASN A 527 16.14 2.06 -6.53
CA ASN A 527 16.73 0.92 -5.78
C ASN A 527 17.97 0.43 -6.51
N GLN A 528 18.86 1.36 -6.85
CA GLN A 528 20.10 1.11 -7.62
C GLN A 528 21.26 1.48 -6.70
N ASN A 529 22.37 0.73 -6.78
CA ASN A 529 23.43 0.84 -5.75
C ASN A 529 24.24 2.13 -5.97
N LEU A 530 24.60 2.78 -4.86
CA LEU A 530 25.46 3.98 -4.87
C LEU A 530 26.91 3.60 -4.51
N THR A 531 27.87 3.97 -5.37
CA THR A 531 29.32 3.65 -5.26
C THR A 531 30.14 4.93 -5.03
N GLU A 532 31.47 4.87 -5.16
CA GLU A 532 32.39 5.98 -4.82
C GLU A 532 32.35 7.07 -5.89
N ASN A 533 32.59 8.30 -5.46
CA ASN A 533 32.46 9.59 -6.20
C ASN A 533 31.23 9.59 -7.12
N VAL A 534 30.06 9.20 -6.60
CA VAL A 534 28.75 9.41 -7.30
C VAL A 534 28.13 10.68 -6.71
N LEU A 535 27.92 10.66 -5.40
CA LEU A 535 27.31 11.75 -4.61
C LEU A 535 28.33 12.86 -4.47
N PRO A 536 27.87 14.11 -4.64
CA PRO A 536 28.76 15.26 -4.69
C PRO A 536 29.29 15.59 -3.29
N ASN A 537 30.48 16.19 -3.20
CA ASN A 537 31.20 16.52 -1.93
C ASN A 537 30.69 17.88 -1.39
N SER A 538 29.58 18.35 -1.92
CA SER A 538 28.89 19.53 -1.37
C SER A 538 27.54 19.09 -0.78
N LEU A 539 27.13 17.82 -1.00
CA LEU A 539 25.77 17.31 -0.66
C LEU A 539 25.58 17.30 0.87
N THR A 540 24.48 17.91 1.37
CA THR A 540 24.10 17.97 2.80
C THR A 540 22.82 17.17 3.09
N HIS A 541 21.87 17.06 2.17
CA HIS A 541 20.55 16.45 2.50
C HIS A 541 20.25 15.31 1.57
N LEU A 542 20.10 14.09 2.09
CA LEU A 542 19.85 12.90 1.25
C LEU A 542 18.64 12.19 1.82
N THR A 543 17.59 12.05 1.04
CA THR A 543 16.31 11.42 1.47
C THR A 543 16.03 10.27 0.52
N PHE A 544 15.94 9.06 1.02
CA PHE A 544 15.73 7.87 0.16
C PHE A 544 14.23 7.62 0.13
N GLY A 545 13.73 6.96 -0.90
CA GLY A 545 12.28 6.76 -1.07
C GLY A 545 11.90 5.41 -0.54
N THR A 546 10.66 4.96 -0.80
CA THR A 546 10.08 3.68 -0.31
C THR A 546 11.08 2.55 -0.54
N CYS A 547 11.40 2.22 -1.81
CA CYS A 547 11.92 0.87 -2.22
C CYS A 547 13.46 0.76 -2.20
N PHE A 548 14.19 1.84 -1.92
CA PHE A 548 15.67 1.82 -1.85
C PHE A 548 16.10 0.92 -0.71
N ASN A 549 16.63 -0.26 -1.01
CA ASN A 549 17.15 -1.25 -0.03
C ASN A 549 18.49 -1.81 -0.52
N GLN A 550 19.45 -0.94 -0.84
CA GLN A 550 20.84 -1.28 -1.26
C GLN A 550 21.81 -0.91 -0.14
N LYS A 551 22.74 -1.82 0.14
CA LYS A 551 23.79 -1.68 1.19
C LYS A 551 24.75 -0.56 0.78
N ILE A 552 25.20 0.22 1.77
CA ILE A 552 26.17 1.33 1.59
C ILE A 552 27.55 0.89 2.15
N ILE A 553 28.65 1.18 1.43
CA ILE A 553 30.07 0.83 1.77
C ILE A 553 30.86 2.12 2.06
N GLU A 554 32.14 1.99 2.43
CA GLU A 554 33.06 3.12 2.70
C GLU A 554 33.09 4.08 1.50
N ASN A 555 33.22 5.38 1.76
CA ASN A 555 33.48 6.48 0.79
C ASN A 555 32.35 6.63 -0.23
N VAL A 556 31.10 6.50 0.21
CA VAL A 556 29.92 6.67 -0.66
C VAL A 556 29.13 7.93 -0.27
N LEU A 557 28.74 8.07 1.00
CA LEU A 557 28.01 9.25 1.54
C LEU A 557 29.04 10.33 1.85
N PRO A 558 28.96 11.53 1.26
CA PRO A 558 30.11 12.42 1.27
C PRO A 558 30.29 13.10 2.62
N ASN A 559 31.46 13.69 2.81
CA ASN A 559 31.95 14.11 4.15
C ASN A 559 31.42 15.50 4.43
N SER A 560 30.37 15.91 3.75
CA SER A 560 29.69 17.19 4.03
C SER A 560 28.27 16.91 4.55
N LEU A 561 27.82 15.65 4.46
CA LEU A 561 26.40 15.26 4.63
C LEU A 561 25.98 15.37 6.09
N THR A 562 24.86 16.05 6.34
CA THR A 562 24.38 16.41 7.69
C THR A 562 23.00 15.80 7.96
N HIS A 563 22.13 15.72 6.96
CA HIS A 563 20.82 15.05 7.08
C HIS A 563 20.73 13.83 6.17
N LEU A 564 20.57 12.66 6.77
CA LEU A 564 20.29 11.40 6.05
C LEU A 564 19.00 10.77 6.59
N GLU A 565 18.12 10.33 5.70
CA GLU A 565 16.79 9.77 6.04
C GLU A 565 16.55 8.56 5.15
N PHE A 566 16.67 7.37 5.68
CA PHE A 566 16.37 6.12 4.94
C PHE A 566 14.85 5.95 4.89
N GLY A 567 14.36 5.31 3.83
CA GLY A 567 12.92 5.15 3.58
C GLY A 567 12.42 3.82 4.12
N PRO A 568 11.09 3.57 4.06
CA PRO A 568 10.46 2.34 4.58
C PRO A 568 11.28 1.05 4.51
N LYS A 569 11.71 0.67 3.30
CA LYS A 569 12.14 -0.71 2.95
C LYS A 569 13.65 -0.90 3.13
N PHE A 570 14.45 0.16 3.28
CA PHE A 570 15.90 0.04 3.62
C PHE A 570 16.10 -0.68 4.95
N ASN A 571 16.71 -1.86 4.89
CA ASN A 571 16.98 -2.70 6.07
C ASN A 571 18.31 -3.43 5.89
N GLN A 572 19.39 -2.70 5.60
CA GLN A 572 20.75 -3.27 5.35
C GLN A 572 21.69 -2.86 6.50
N LYS A 573 22.58 -3.75 6.90
CA LYS A 573 23.66 -3.50 7.89
C LYS A 573 24.44 -2.24 7.49
N ILE A 574 24.95 -1.53 8.49
CA ILE A 574 25.82 -0.32 8.32
C ILE A 574 27.06 -0.49 9.19
N THR A 575 28.27 -0.58 8.63
CA THR A 575 29.50 -0.82 9.43
C THR A 575 30.27 0.49 9.63
N GLU A 576 31.54 0.37 10.06
CA GLU A 576 32.46 1.45 10.51
C GLU A 576 32.79 2.41 9.37
N ASN A 577 32.73 3.71 9.65
CA ASN A 577 33.15 4.82 8.76
C ASN A 577 32.49 4.66 7.38
N VAL A 578 31.20 4.32 7.40
CA VAL A 578 30.28 4.43 6.24
C VAL A 578 29.40 5.69 6.40
N LEU A 579 29.00 6.00 7.64
CA LEU A 579 28.23 7.26 7.97
C LEU A 579 29.25 8.39 8.12
N PRO A 580 29.07 9.53 7.42
CA PRO A 580 30.07 10.61 7.43
C PRO A 580 30.21 11.34 8.78
N ASN A 581 31.44 11.78 9.08
CA ASN A 581 31.89 12.57 10.27
C ASN A 581 30.91 13.71 10.52
N SER A 582 30.45 14.34 9.43
CA SER A 582 29.69 15.63 9.36
C SER A 582 28.22 15.44 9.78
N LEU A 583 27.71 14.20 9.86
CA LEU A 583 26.27 13.84 10.07
C LEU A 583 25.77 14.30 11.44
N THR A 584 24.57 14.92 11.45
CA THR A 584 23.90 15.49 12.66
C THR A 584 22.46 14.96 12.80
N HIS A 585 21.78 14.65 11.69
CA HIS A 585 20.41 14.12 11.69
C HIS A 585 20.30 12.88 10.82
N LEU A 586 20.08 11.75 11.48
CA LEU A 586 19.90 10.43 10.84
C LEU A 586 18.52 9.93 11.23
N THR A 587 17.76 9.42 10.28
CA THR A 587 16.36 8.96 10.46
C THR A 587 16.23 7.59 9.80
N PHE A 588 16.00 6.56 10.58
CA PHE A 588 15.80 5.20 10.03
C PHE A 588 14.34 5.07 9.67
N GLY A 589 14.10 4.20 8.70
CA GLY A 589 12.78 4.03 8.09
C GLY A 589 12.09 2.93 8.81
N THR A 590 10.84 2.69 8.44
CA THR A 590 9.85 1.83 9.13
C THR A 590 10.46 0.44 9.44
N SER A 591 11.17 -0.20 8.49
CA SER A 591 11.50 -1.65 8.57
C SER A 591 12.95 -1.92 9.01
N PHE A 592 13.77 -0.89 9.24
CA PHE A 592 15.23 -1.07 9.52
C PHE A 592 15.38 -1.84 10.81
N ASN A 593 15.90 -3.06 10.75
CA ASN A 593 16.13 -3.88 11.97
C ASN A 593 17.46 -4.64 11.85
N GLN A 594 18.55 -3.99 12.30
CA GLN A 594 19.97 -4.42 12.14
C GLN A 594 20.77 -3.93 13.36
N LYS A 595 21.68 -4.76 13.86
CA LYS A 595 22.52 -4.44 15.03
C LYS A 595 23.35 -3.20 14.72
N ILE A 596 23.68 -2.45 15.77
CA ILE A 596 24.63 -1.31 15.71
C ILE A 596 25.77 -1.61 16.67
N THR A 597 26.97 -1.73 16.15
CA THR A 597 28.19 -1.90 16.96
C THR A 597 28.80 -0.52 17.21
N GLU A 598 29.85 -0.53 18.01
CA GLU A 598 30.70 0.62 18.40
C GLU A 598 31.16 1.33 17.13
N ASN A 599 31.53 2.61 17.20
CA ASN A 599 32.27 3.32 16.11
C ASN A 599 31.47 3.39 14.79
N VAL A 600 30.12 3.37 14.79
CA VAL A 600 29.31 3.34 13.54
C VAL A 600 28.57 4.68 13.33
N LEU A 601 27.79 5.14 14.32
CA LEU A 601 27.04 6.43 14.31
C LEU A 601 28.01 7.56 14.67
N PRO A 602 28.21 8.60 13.84
CA PRO A 602 29.22 9.64 14.12
C PRO A 602 28.99 10.28 15.48
N ASN A 603 30.06 10.46 16.24
CA ASN A 603 30.03 11.05 17.59
C ASN A 603 29.36 12.42 17.52
N GLY A 604 29.47 13.11 16.39
CA GLY A 604 28.96 14.49 16.21
C GLY A 604 27.44 14.57 16.17
N LEU A 605 26.80 13.41 15.98
CA LEU A 605 25.35 13.23 15.71
C LEU A 605 24.54 13.68 16.91
N THR A 606 23.49 14.46 16.68
CA THR A 606 22.66 15.06 17.75
C THR A 606 21.24 14.53 17.69
N TYR A 607 20.69 14.26 16.51
CA TYR A 607 19.32 13.73 16.38
C TYR A 607 19.38 12.37 15.69
N LEU A 608 18.86 11.37 16.36
CA LEU A 608 18.77 9.98 15.84
C LEU A 608 17.34 9.50 16.04
N THR A 609 16.77 8.93 15.01
CA THR A 609 15.38 8.45 15.04
C THR A 609 15.38 7.04 14.49
N PHE A 610 14.86 6.07 15.21
CA PHE A 610 14.64 4.72 14.67
C PHE A 610 13.18 4.67 14.24
N GLY A 611 12.85 3.88 13.22
CA GLY A 611 11.47 3.67 12.77
C GLY A 611 10.85 2.50 13.51
N LEU A 612 9.75 1.96 12.95
CA LEU A 612 8.76 1.08 13.62
C LEU A 612 9.41 -0.16 14.22
N ARG A 613 10.28 -0.81 13.43
CA ARG A 613 10.65 -2.23 13.59
C ARG A 613 12.03 -2.37 14.28
N PHE A 614 12.78 -1.29 14.47
CA PHE A 614 14.11 -1.38 15.12
C PHE A 614 13.91 -1.87 16.54
N ASN A 615 14.44 -3.05 16.84
CA ASN A 615 14.28 -3.74 18.14
C ASN A 615 15.54 -4.55 18.42
N GLN A 616 16.73 -3.95 18.44
CA GLN A 616 18.06 -4.58 18.70
C GLN A 616 18.64 -3.97 19.98
N LYS A 617 19.42 -4.71 20.75
CA LYS A 617 20.10 -4.16 21.93
C LYS A 617 20.96 -2.95 21.49
N ILE A 618 21.18 -2.07 22.46
CA ILE A 618 22.12 -0.91 22.42
C ILE A 618 23.18 -1.26 23.46
N THR A 619 24.40 -1.63 23.05
CA THR A 619 25.53 -1.92 23.98
C THR A 619 26.22 -0.59 24.30
N GLU A 620 27.14 -0.54 25.26
CA GLU A 620 27.88 0.70 25.60
C GLU A 620 28.72 1.19 24.42
N ASN A 621 28.85 2.51 24.27
CA ASN A 621 29.79 3.23 23.37
C ASN A 621 29.38 3.02 21.91
N VAL A 622 28.07 2.98 21.68
CA VAL A 622 27.51 2.84 20.31
C VAL A 622 26.84 4.16 19.94
N LEU A 623 26.11 4.76 20.89
CA LEU A 623 25.25 5.98 20.71
C LEU A 623 26.16 7.20 20.65
N PRO A 624 25.92 8.17 19.76
CA PRO A 624 26.87 9.25 19.60
C PRO A 624 27.04 10.09 20.86
N CYS A 625 28.25 10.63 21.04
CA CYS A 625 28.71 11.32 22.27
C CYS A 625 28.06 12.70 22.38
N SER A 626 27.60 13.27 21.27
CA SER A 626 26.95 14.61 21.22
C SER A 626 25.43 14.47 21.18
N LEU A 627 24.91 13.25 21.17
CA LEU A 627 23.48 12.99 20.89
C LEU A 627 22.63 13.70 21.93
N THR A 628 21.50 14.24 21.49
CA THR A 628 20.58 15.05 22.30
C THR A 628 19.15 14.54 22.14
N HIS A 629 18.78 13.91 21.03
CA HIS A 629 17.39 13.48 20.77
C HIS A 629 17.37 12.07 20.21
N LEU A 630 17.05 11.09 21.04
CA LEU A 630 16.94 9.67 20.66
C LEU A 630 15.46 9.33 20.59
N THR A 631 15.00 8.85 19.44
CA THR A 631 13.57 8.53 19.19
C THR A 631 13.57 7.06 18.76
N PHE A 632 12.81 6.24 19.46
CA PHE A 632 12.68 4.80 19.16
C PHE A 632 11.31 4.59 18.53
N GLY A 633 11.09 3.42 17.94
CA GLY A 633 9.83 3.08 17.26
C GLY A 633 8.97 2.23 18.17
N TRP A 634 7.79 1.85 17.67
CA TRP A 634 6.73 1.08 18.41
C TRP A 634 7.30 -0.25 18.95
N TYR A 635 8.01 -0.99 18.10
CA TYR A 635 8.35 -2.41 18.38
C TYR A 635 9.65 -2.48 19.19
N PHE A 636 10.35 -1.35 19.42
CA PHE A 636 11.58 -1.32 20.27
C PHE A 636 11.20 -1.75 21.69
N ASN A 637 11.61 -2.97 22.05
CA ASN A 637 11.40 -3.66 23.35
C ASN A 637 12.75 -4.16 23.84
N GLN A 638 13.61 -3.27 24.34
CA GLN A 638 14.93 -3.57 24.94
C GLN A 638 15.16 -2.64 26.13
N GLU A 639 15.63 -3.18 27.26
CA GLU A 639 16.06 -2.34 28.40
C GLU A 639 17.09 -1.30 27.91
N LEU A 640 16.98 -0.05 28.42
CA LEU A 640 18.06 0.97 28.42
C LEU A 640 18.61 1.13 29.84
N THR A 641 19.93 1.30 29.99
CA THR A 641 20.65 1.61 31.25
C THR A 641 21.21 3.04 31.14
N GLU A 642 21.57 3.70 32.24
CA GLU A 642 22.04 5.12 32.23
C GLU A 642 23.44 5.22 31.63
N ASN A 643 24.24 4.16 31.68
CA ASN A 643 25.68 4.17 31.28
C ASN A 643 25.82 3.89 29.78
N VAL A 644 24.71 3.54 29.12
CA VAL A 644 24.65 3.24 27.66
C VAL A 644 23.97 4.42 26.94
N LEU A 645 23.34 5.31 27.70
CA LEU A 645 22.81 6.61 27.22
C LEU A 645 23.91 7.66 27.37
N PRO A 646 24.07 8.56 26.38
CA PRO A 646 25.08 9.61 26.44
C PRO A 646 24.73 10.77 27.40
N ASP A 647 25.79 11.43 27.93
CA ASP A 647 25.72 12.38 29.07
C ASP A 647 25.01 13.65 28.60
N THR A 648 24.89 13.80 27.27
CA THR A 648 24.40 15.01 26.55
C THR A 648 22.94 14.82 26.11
N LEU A 649 22.36 13.63 26.31
CA LEU A 649 20.96 13.35 25.89
C LEU A 649 20.03 14.33 26.59
N LYS A 650 19.16 14.97 25.82
CA LYS A 650 18.20 15.97 26.33
C LYS A 650 16.80 15.33 26.33
N VAL A 651 16.47 14.57 25.29
CA VAL A 651 15.09 14.06 25.10
C VAL A 651 15.17 12.64 24.60
N LEU A 652 14.32 11.77 25.17
CA LEU A 652 14.23 10.35 24.78
C LEU A 652 12.78 10.10 24.43
N LYS A 653 12.48 9.65 23.24
CA LYS A 653 11.05 9.41 22.89
C LYS A 653 10.87 7.89 22.84
N ILE A 654 9.89 7.35 23.55
CA ILE A 654 9.64 5.88 23.64
C ILE A 654 8.13 5.67 23.46
N TYR A 655 7.68 4.48 23.08
CA TYR A 655 6.26 4.11 23.13
C TYR A 655 5.82 3.89 24.59
N TYR A 656 4.66 4.43 24.94
CA TYR A 656 4.09 4.39 26.31
C TYR A 656 4.05 2.92 26.77
N GLY A 657 3.41 2.05 25.99
CA GLY A 657 3.05 0.68 26.38
C GLY A 657 4.24 -0.23 26.66
N ASN A 658 5.48 0.20 26.36
CA ASN A 658 6.70 -0.62 26.60
C ASN A 658 7.54 -0.03 27.75
N LYS A 659 7.12 1.10 28.33
CA LYS A 659 8.01 1.96 29.16
C LYS A 659 8.62 1.13 30.29
N ASP A 660 7.80 0.36 31.02
CA ASP A 660 8.26 -0.36 32.24
C ASP A 660 9.23 -1.48 31.84
N ILE A 661 9.26 -1.86 30.54
CA ILE A 661 10.24 -2.83 29.94
C ILE A 661 11.50 -2.05 29.49
N ILE A 662 11.33 -0.86 28.90
CA ILE A 662 12.43 0.00 28.36
C ILE A 662 13.23 0.60 29.52
N LEU A 663 12.55 1.16 30.53
CA LEU A 663 13.22 1.85 31.66
C LEU A 663 13.26 0.97 32.92
N LYS A 664 13.30 -0.36 32.77
CA LYS A 664 13.30 -1.31 33.91
C LYS A 664 14.56 -1.07 34.75
N ASN A 665 15.68 -0.73 34.12
CA ASN A 665 16.99 -0.51 34.78
C ASN A 665 17.30 0.99 34.86
N ILE A 666 16.27 1.86 34.87
CA ILE A 666 16.43 3.35 34.91
C ILE A 666 15.60 3.94 36.07
N ASP A 667 16.30 4.62 36.96
CA ASP A 667 15.72 5.41 38.07
C ASP A 667 15.33 6.75 37.46
N THR A 668 14.04 6.92 37.15
CA THR A 668 13.48 8.09 36.43
C THR A 668 13.43 9.29 37.39
N SER A 669 13.51 9.06 38.70
CA SER A 669 13.46 10.11 39.73
C SER A 669 14.78 10.90 39.74
N LYS A 670 15.83 10.44 39.04
CA LYS A 670 17.12 11.17 39.00
C LYS A 670 17.71 11.19 37.60
N ILE A 671 16.91 11.18 36.53
CA ILE A 671 17.41 11.41 35.14
C ILE A 671 17.67 12.91 34.94
N LYS A 672 18.60 13.22 34.06
CA LYS A 672 18.98 14.60 33.67
C LYS A 672 18.42 14.84 32.29
N PHE A 673 17.61 13.94 31.73
CA PHE A 673 16.97 14.12 30.40
C PHE A 673 15.45 14.11 30.55
N LYS A 674 14.73 14.39 29.48
CA LYS A 674 13.25 14.42 29.49
C LYS A 674 12.75 13.23 28.67
N ILE A 675 12.03 12.29 29.29
CA ILE A 675 11.24 11.22 28.60
C ILE A 675 10.00 11.85 27.95
N GLU A 676 9.93 11.85 26.63
CA GLU A 676 8.70 12.04 25.83
C GLU A 676 8.16 10.64 25.51
N TYR A 677 6.89 10.38 25.78
CA TYR A 677 6.20 9.15 25.32
C TYR A 677 5.43 9.49 24.04
N PHE A 678 5.05 8.46 23.28
CA PHE A 678 3.99 8.53 22.25
C PHE A 678 3.09 7.33 22.51
N ASN A 679 1.88 7.28 21.95
CA ASN A 679 0.97 6.10 22.09
C ASN A 679 0.48 5.60 20.72
N LYS A 680 -0.22 4.47 20.77
CA LYS A 680 -1.15 3.91 19.75
C LYS A 680 -2.43 4.76 19.73
N GLU B 2 -3.76 -14.93 -32.88
CA GLU B 2 -2.73 -14.84 -33.97
C GLU B 2 -1.57 -13.93 -33.53
N LYS B 3 -1.12 -14.05 -32.26
CA LYS B 3 0.08 -13.32 -31.74
C LYS B 3 0.96 -14.27 -30.93
N TYR B 4 2.19 -13.79 -30.73
CA TYR B 4 3.36 -14.46 -30.10
C TYR B 4 3.56 -13.87 -28.71
N THR B 5 4.02 -14.66 -27.76
CA THR B 5 4.44 -14.20 -26.40
C THR B 5 5.89 -14.65 -26.19
N ILE B 6 6.79 -13.69 -26.05
CA ILE B 6 8.24 -13.93 -25.84
C ILE B 6 8.53 -13.98 -24.33
N LYS B 7 9.30 -14.99 -23.90
CA LYS B 7 9.86 -15.15 -22.52
C LYS B 7 11.40 -14.97 -22.63
N GLU B 8 12.15 -15.29 -21.57
CA GLU B 8 13.58 -14.89 -21.42
C GLU B 8 14.35 -15.28 -22.70
N THR B 9 14.14 -16.50 -23.21
CA THR B 9 14.76 -17.02 -24.47
C THR B 9 13.71 -17.77 -25.32
N ILE B 10 12.50 -17.97 -24.78
CA ILE B 10 11.49 -18.97 -25.26
C ILE B 10 10.31 -18.20 -25.85
N LEU B 11 10.30 -18.06 -27.17
CA LEU B 11 9.17 -17.46 -27.89
C LEU B 11 8.05 -18.49 -28.01
N THR B 12 6.91 -18.26 -27.35
CA THR B 12 5.69 -19.11 -27.46
C THR B 12 4.64 -18.41 -28.33
N PHE B 13 4.12 -19.09 -29.34
CA PHE B 13 3.00 -18.57 -30.18
C PHE B 13 1.66 -18.95 -29.53
N ASN B 14 0.62 -18.39 -30.14
CA ASN B 14 -0.81 -18.64 -29.83
C ASN B 14 -1.10 -20.12 -30.07
N ASN B 15 -2.08 -20.67 -29.35
CA ASN B 15 -2.51 -22.09 -29.40
C ASN B 15 -3.44 -22.26 -30.63
N GLU B 16 -3.85 -21.17 -31.30
CA GLU B 16 -4.66 -21.21 -32.55
C GLU B 16 -3.96 -20.38 -33.62
N PHE B 17 -2.63 -20.30 -33.56
CA PHE B 17 -1.80 -19.30 -34.28
C PHE B 17 -2.09 -19.40 -35.78
N ASN B 18 -1.54 -20.45 -36.41
CA ASN B 18 -1.82 -20.91 -37.78
C ASN B 18 -1.81 -19.72 -38.75
N ASP B 19 -0.72 -18.95 -38.75
CA ASP B 19 -0.45 -17.90 -39.75
C ASP B 19 0.85 -18.25 -40.47
N PRO B 20 0.91 -18.13 -41.81
CA PRO B 20 2.18 -18.34 -42.53
C PRO B 20 3.30 -17.55 -41.82
N LEU B 21 4.54 -18.05 -41.81
CA LEU B 21 5.68 -17.46 -41.05
C LEU B 21 6.47 -16.49 -41.93
N ASP B 22 6.01 -16.29 -43.16
CA ASP B 22 6.62 -15.42 -44.19
C ASP B 22 6.88 -14.01 -43.64
N LYS B 23 5.98 -13.43 -42.85
CA LYS B 23 6.15 -12.02 -42.39
C LYS B 23 6.66 -11.98 -40.94
N TYR B 24 7.20 -13.06 -40.39
CA TYR B 24 7.69 -13.07 -38.99
C TYR B 24 9.23 -13.10 -38.94
N TYR B 25 9.92 -13.05 -40.09
CA TYR B 25 11.39 -13.30 -40.11
C TYR B 25 12.07 -12.37 -39.11
N LYS B 26 11.71 -11.08 -39.16
CA LYS B 26 12.34 -10.00 -38.36
C LYS B 26 12.21 -10.35 -36.87
N ILE B 27 11.02 -10.77 -36.43
CA ILE B 27 10.70 -11.10 -35.01
C ILE B 27 11.64 -12.22 -34.56
N LEU B 28 11.77 -13.27 -35.38
CA LEU B 28 12.50 -14.52 -35.02
C LEU B 28 14.02 -14.27 -35.12
N SER B 29 14.43 -13.17 -35.76
CA SER B 29 15.85 -12.76 -35.97
C SER B 29 16.42 -12.04 -34.74
N ASN B 30 15.68 -11.97 -33.63
CA ASN B 30 16.17 -11.41 -32.34
C ASN B 30 17.32 -12.26 -31.82
N PRO B 31 18.56 -11.73 -31.68
CA PRO B 31 19.72 -12.56 -31.31
C PRO B 31 19.78 -13.12 -29.88
N LYS B 32 18.74 -12.91 -29.05
CA LYS B 32 18.65 -13.43 -27.66
C LYS B 32 17.64 -14.57 -27.54
N ILE B 33 17.10 -15.09 -28.65
CA ILE B 33 16.09 -16.20 -28.66
C ILE B 33 16.71 -17.43 -29.34
N ASP B 34 16.87 -18.49 -28.56
CA ASP B 34 17.47 -19.79 -28.95
C ASP B 34 16.35 -20.78 -29.34
N THR B 35 15.10 -20.59 -28.87
CA THR B 35 14.01 -21.61 -29.00
C THR B 35 12.68 -21.00 -29.45
N ILE B 36 11.82 -21.86 -29.97
CA ILE B 36 10.44 -21.55 -30.47
C ILE B 36 9.51 -22.62 -29.93
N GLU B 37 8.39 -22.24 -29.35
CA GLU B 37 7.26 -23.14 -29.02
C GLU B 37 6.12 -22.84 -29.99
N PHE B 38 5.56 -23.85 -30.65
CA PHE B 38 4.29 -23.73 -31.40
C PHE B 38 3.22 -24.48 -30.59
N GLY B 39 1.96 -24.26 -30.93
CA GLY B 39 0.80 -24.85 -30.23
C GLY B 39 -0.11 -25.55 -31.21
N GLU B 40 -1.39 -25.70 -30.83
CA GLU B 40 -2.30 -26.72 -31.39
C GLU B 40 -2.54 -26.52 -32.90
N LYS B 41 -3.00 -25.34 -33.33
CA LYS B 41 -3.67 -25.22 -34.67
C LYS B 41 -2.64 -24.89 -35.77
N PHE B 42 -1.43 -24.46 -35.42
CA PHE B 42 -0.37 -24.09 -36.39
C PHE B 42 -0.14 -25.25 -37.35
N ASN B 43 -0.51 -25.10 -38.63
CA ASN B 43 -0.14 -26.01 -39.74
C ASN B 43 0.29 -25.15 -40.93
N GLN B 44 1.54 -24.65 -40.92
CA GLN B 44 2.14 -23.81 -42.00
C GLN B 44 3.64 -24.16 -42.18
N GLU B 45 4.17 -23.97 -43.38
CA GLU B 45 5.58 -24.27 -43.77
C GLU B 45 6.56 -23.57 -42.82
N ILE B 46 7.71 -24.21 -42.54
CA ILE B 46 8.78 -23.68 -41.65
C ILE B 46 10.18 -24.03 -42.20
N ASP B 47 10.29 -24.45 -43.47
CA ASP B 47 11.58 -24.85 -44.10
C ASP B 47 12.55 -23.68 -44.15
N HIS B 48 12.27 -22.65 -44.97
CA HIS B 48 13.17 -21.49 -45.20
C HIS B 48 12.79 -20.29 -44.31
N LEU B 49 12.09 -20.52 -43.19
CA LEU B 49 11.40 -19.46 -42.41
C LEU B 49 11.87 -19.44 -40.95
N ILE B 50 13.05 -20.03 -40.66
CA ILE B 50 13.71 -20.10 -39.31
C ILE B 50 15.16 -19.67 -39.45
N PRO B 51 15.60 -18.55 -38.81
CA PRO B 51 17.01 -18.12 -38.87
C PRO B 51 18.00 -18.99 -38.05
N SER B 52 19.30 -18.66 -38.13
CA SER B 52 20.47 -19.44 -37.62
C SER B 52 20.55 -19.41 -36.08
N ASN B 53 19.96 -18.37 -35.48
CA ASN B 53 20.05 -18.08 -34.02
C ASN B 53 19.21 -19.08 -33.20
N ILE B 54 18.16 -19.70 -33.76
CA ILE B 54 17.29 -20.67 -33.02
C ILE B 54 17.95 -22.06 -33.04
N LYS B 55 17.95 -22.75 -31.89
CA LYS B 55 18.58 -24.08 -31.63
C LYS B 55 17.55 -25.14 -31.17
N VAL B 56 16.31 -24.75 -30.86
CA VAL B 56 15.24 -25.67 -30.39
C VAL B 56 13.94 -25.30 -31.09
N ILE B 57 13.27 -26.27 -31.72
CA ILE B 57 11.84 -26.12 -32.14
C ILE B 57 11.02 -27.17 -31.43
N LYS B 58 10.26 -26.76 -30.40
CA LYS B 58 9.33 -27.62 -29.62
C LYS B 58 7.92 -27.39 -30.18
N PHE B 59 7.20 -28.45 -30.54
CA PHE B 59 5.82 -28.38 -31.10
C PHE B 59 4.77 -28.70 -30.04
N GLY B 60 5.14 -29.24 -28.88
CA GLY B 60 4.11 -29.55 -27.87
C GLY B 60 3.09 -30.53 -28.40
N TRP B 61 2.64 -31.46 -27.55
CA TRP B 61 2.14 -32.81 -27.92
C TRP B 61 0.84 -32.70 -28.71
N THR B 62 0.20 -31.55 -28.61
CA THR B 62 -1.18 -31.33 -29.11
C THR B 62 -1.20 -30.86 -30.58
N SER B 63 -0.02 -30.68 -31.23
CA SER B 63 0.12 -29.87 -32.46
C SER B 63 -0.61 -30.55 -33.63
N GLU B 64 -1.16 -29.77 -34.57
CA GLU B 64 -1.85 -30.28 -35.78
C GLU B 64 -0.94 -30.04 -36.99
N PHE B 65 0.32 -29.71 -36.73
CA PHE B 65 1.36 -29.49 -37.76
C PHE B 65 1.68 -30.78 -38.51
N ASN B 66 1.42 -30.83 -39.80
CA ASN B 66 1.89 -31.96 -40.63
C ASN B 66 2.24 -31.43 -42.01
N LYS B 67 3.47 -30.93 -42.16
CA LYS B 67 4.06 -30.39 -43.43
C LYS B 67 5.39 -31.08 -43.68
N ASP B 68 5.76 -31.28 -44.94
CA ASP B 68 7.09 -31.79 -45.35
C ASP B 68 8.17 -30.80 -44.84
N VAL B 69 9.16 -31.24 -44.06
CA VAL B 69 10.26 -30.38 -43.51
C VAL B 69 11.63 -31.00 -43.86
N ASN B 70 12.43 -30.30 -44.68
CA ASN B 70 13.64 -30.86 -45.33
C ASN B 70 14.82 -29.87 -45.26
N PHE B 71 14.69 -28.76 -44.52
CA PHE B 71 15.62 -27.60 -44.58
C PHE B 71 15.60 -26.84 -43.25
N LEU B 72 16.03 -27.43 -42.13
CA LEU B 72 15.75 -26.86 -40.78
C LEU B 72 16.60 -25.59 -40.49
N THR B 73 17.93 -25.72 -40.34
CA THR B 73 18.89 -24.61 -40.11
C THR B 73 20.32 -25.07 -40.43
N GLU B 74 20.69 -26.27 -39.97
CA GLU B 74 22.06 -26.83 -39.96
C GLU B 74 22.80 -26.26 -38.74
N SER B 75 22.10 -25.44 -37.93
CA SER B 75 22.51 -24.92 -36.60
C SER B 75 21.52 -25.36 -35.51
N LEU B 76 20.56 -26.23 -35.81
CA LEU B 76 19.64 -26.82 -34.79
C LEU B 76 20.41 -27.84 -33.95
N THR B 77 20.13 -27.88 -32.64
CA THR B 77 20.58 -28.97 -31.74
C THR B 77 19.37 -29.76 -31.24
N GLU B 78 18.14 -29.27 -31.35
CA GLU B 78 16.98 -30.00 -30.79
C GLU B 78 15.70 -29.67 -31.58
N ILE B 79 14.86 -30.68 -31.82
CA ILE B 79 13.49 -30.48 -32.42
C ILE B 79 12.59 -31.58 -31.91
N TYR B 80 11.35 -31.24 -31.56
CA TYR B 80 10.38 -32.16 -30.92
C TYR B 80 9.05 -32.05 -31.64
N TYR B 81 8.47 -33.18 -32.02
CA TYR B 81 7.28 -33.16 -32.90
C TYR B 81 6.10 -33.65 -32.10
N GLY B 82 4.90 -33.43 -32.60
CA GLY B 82 3.64 -33.73 -31.91
C GLY B 82 2.88 -34.86 -32.58
N ILE B 83 1.55 -34.77 -32.58
CA ILE B 83 0.63 -35.95 -32.60
C ILE B 83 0.32 -36.28 -34.04
N TYR B 84 0.42 -35.31 -34.94
CA TYR B 84 -0.10 -35.39 -36.33
C TYR B 84 1.03 -35.51 -37.34
N LYS B 85 2.28 -35.57 -36.87
CA LYS B 85 3.50 -35.57 -37.73
C LYS B 85 3.81 -37.01 -38.15
N ASN B 86 3.85 -37.23 -39.48
CA ASN B 86 4.47 -38.38 -40.15
C ASN B 86 5.80 -37.88 -40.70
N HIS B 87 6.59 -38.76 -41.28
CA HIS B 87 7.85 -38.41 -41.99
C HIS B 87 8.02 -39.31 -43.25
N SER B 88 8.64 -38.84 -44.30
CA SER B 88 9.33 -39.76 -45.24
C SER B 88 10.76 -39.95 -44.76
N LEU B 89 11.44 -41.01 -45.18
CA LEU B 89 12.82 -41.20 -44.70
C LEU B 89 13.73 -40.11 -45.32
N GLU B 90 13.47 -39.66 -46.57
CA GLU B 90 14.04 -38.44 -47.22
C GLU B 90 14.11 -37.33 -46.14
N GLU B 91 13.00 -37.07 -45.46
CA GLU B 91 12.87 -36.02 -44.40
C GLU B 91 13.79 -36.36 -43.21
N LEU B 92 13.85 -37.62 -42.82
CA LEU B 92 14.75 -38.06 -41.73
C LEU B 92 16.21 -37.88 -42.18
N GLN B 93 16.55 -38.14 -43.46
CA GLN B 93 17.95 -38.03 -43.95
C GLN B 93 18.34 -36.55 -43.99
N ASN B 94 17.35 -35.66 -44.02
CA ASN B 94 17.55 -34.19 -44.22
C ASN B 94 17.45 -33.43 -42.88
N LEU B 95 17.34 -34.10 -41.73
CA LEU B 95 17.54 -33.35 -40.47
C LEU B 95 19.02 -33.03 -40.33
N PRO B 96 19.34 -31.83 -39.81
CA PRO B 96 20.68 -31.25 -39.95
C PRO B 96 21.75 -31.98 -39.14
N LYS B 97 22.99 -32.02 -39.65
CA LYS B 97 24.09 -32.87 -39.13
C LYS B 97 24.48 -32.43 -37.71
N SER B 98 24.08 -31.23 -37.28
CA SER B 98 24.44 -30.65 -35.95
C SER B 98 23.48 -31.13 -34.84
N LEU B 99 22.40 -31.84 -35.19
CA LEU B 99 21.26 -32.16 -34.28
C LEU B 99 21.73 -33.14 -33.18
N LEU B 100 21.27 -32.90 -31.95
CA LEU B 100 21.64 -33.66 -30.72
C LEU B 100 20.40 -34.37 -30.14
N LYS B 101 19.22 -33.76 -30.24
CA LYS B 101 18.04 -34.25 -29.50
C LYS B 101 16.81 -34.18 -30.40
N LEU B 102 16.10 -35.30 -30.56
CA LEU B 102 15.02 -35.47 -31.56
C LEU B 102 13.84 -36.24 -30.95
N LYS B 103 12.62 -35.74 -31.07
CA LYS B 103 11.41 -36.57 -30.92
C LYS B 103 10.64 -36.58 -32.24
N LEU B 104 10.36 -37.77 -32.74
CA LEU B 104 9.67 -37.98 -34.03
C LEU B 104 8.17 -37.83 -33.80
N GLY B 105 7.40 -37.66 -34.87
CA GLY B 105 5.94 -37.52 -34.82
C GLY B 105 5.28 -38.78 -34.36
N ASP B 106 4.06 -38.68 -33.87
CA ASP B 106 3.34 -39.86 -33.33
C ASP B 106 2.94 -40.76 -34.49
N VAL B 107 2.64 -40.18 -35.65
CA VAL B 107 2.11 -40.93 -36.83
C VAL B 107 3.22 -41.78 -37.48
N PHE B 108 4.50 -41.35 -37.38
CA PHE B 108 5.68 -42.09 -37.90
C PHE B 108 5.77 -43.55 -37.39
N ASN B 109 5.66 -44.50 -38.32
CA ASN B 109 5.62 -45.97 -38.18
C ASN B 109 6.10 -46.60 -39.50
N GLN B 110 7.23 -46.09 -39.98
CA GLN B 110 8.02 -46.70 -41.09
C GLN B 110 9.36 -47.19 -40.52
N GLU B 111 9.93 -48.19 -41.23
CA GLU B 111 11.15 -48.93 -40.83
C GLU B 111 12.41 -48.14 -41.18
N ILE B 112 13.28 -47.90 -40.20
CA ILE B 112 14.53 -47.12 -40.37
C ILE B 112 15.69 -48.07 -40.62
N VAL B 113 16.60 -47.67 -41.48
CA VAL B 113 17.75 -48.50 -41.93
C VAL B 113 19.02 -47.66 -41.78
N GLU B 114 20.15 -48.19 -42.24
CA GLU B 114 21.53 -47.64 -42.02
C GLU B 114 21.60 -46.14 -42.34
N ASN B 115 22.30 -45.39 -41.51
CA ASN B 115 22.81 -44.04 -41.85
C ASN B 115 21.68 -43.11 -42.31
N VAL B 116 20.56 -43.07 -41.59
CA VAL B 116 19.39 -42.17 -41.86
C VAL B 116 19.29 -41.12 -40.75
N LEU B 117 19.08 -41.55 -39.50
CA LEU B 117 19.02 -40.65 -38.31
C LEU B 117 20.39 -40.00 -38.12
N PRO B 118 20.47 -38.68 -37.76
CA PRO B 118 21.74 -37.96 -37.63
C PRO B 118 22.81 -38.66 -36.76
N GLY B 119 24.00 -38.89 -37.34
CA GLY B 119 25.10 -39.67 -36.72
C GLY B 119 25.43 -39.20 -35.31
N GLY B 120 25.53 -37.88 -35.11
CA GLY B 120 26.03 -37.27 -33.87
C GLY B 120 24.95 -37.13 -32.82
N LEU B 121 23.79 -37.76 -33.04
CA LEU B 121 22.58 -37.59 -32.20
C LEU B 121 22.80 -38.30 -30.87
N THR B 122 22.22 -37.76 -29.80
CA THR B 122 22.36 -38.24 -28.40
C THR B 122 20.99 -38.54 -27.76
N HIS B 123 19.93 -37.80 -28.08
CA HIS B 123 18.57 -37.96 -27.50
C HIS B 123 17.54 -38.27 -28.60
N LEU B 124 16.93 -39.46 -28.56
CA LEU B 124 15.96 -39.97 -29.56
C LEU B 124 14.68 -40.40 -28.84
N THR B 125 13.53 -39.95 -29.32
CA THR B 125 12.20 -40.31 -28.77
C THR B 125 11.26 -40.69 -29.92
N PHE B 126 10.93 -41.98 -30.04
CA PHE B 126 9.94 -42.54 -31.01
C PHE B 126 8.51 -42.13 -30.61
N GLY B 127 7.61 -41.96 -31.58
CA GLY B 127 6.19 -41.56 -31.35
C GLY B 127 5.27 -42.69 -30.86
N GLU B 128 3.98 -42.39 -30.67
CA GLU B 128 2.94 -43.35 -30.20
C GLU B 128 2.91 -44.55 -31.15
N GLU B 129 2.82 -44.33 -32.47
CA GLU B 129 2.35 -45.36 -33.46
C GLU B 129 3.49 -46.24 -33.96
N PHE B 130 4.74 -45.77 -33.83
CA PHE B 130 5.99 -46.49 -34.14
C PHE B 130 6.01 -47.90 -33.56
N ASN B 131 6.13 -48.91 -34.42
CA ASN B 131 6.15 -50.37 -34.09
C ASN B 131 6.76 -51.13 -35.31
N GLN B 132 7.95 -50.67 -35.64
CA GLN B 132 8.79 -51.11 -36.77
C GLN B 132 10.11 -51.60 -36.18
N LYS B 133 10.67 -52.65 -36.82
CA LYS B 133 11.90 -53.41 -36.44
C LYS B 133 13.14 -52.54 -36.59
N ILE B 134 14.11 -52.71 -35.69
CA ILE B 134 15.41 -51.97 -35.62
C ILE B 134 16.53 -53.01 -35.72
N VAL B 135 17.52 -52.81 -36.59
CA VAL B 135 18.63 -53.77 -36.81
C VAL B 135 19.93 -53.04 -36.43
N GLU B 136 21.08 -53.60 -36.83
CA GLU B 136 22.33 -53.48 -36.05
C GLU B 136 22.81 -52.03 -35.98
N ASN B 137 23.10 -51.40 -37.13
CA ASN B 137 23.84 -50.12 -37.15
C ASN B 137 22.90 -49.00 -37.59
N VAL B 138 21.69 -48.96 -37.03
CA VAL B 138 20.59 -48.04 -37.41
C VAL B 138 20.60 -46.81 -36.48
N LEU B 139 20.37 -46.96 -35.14
CA LEU B 139 20.33 -45.86 -34.11
C LEU B 139 21.72 -45.23 -34.01
N PRO B 140 21.88 -43.90 -33.88
CA PRO B 140 23.21 -43.29 -33.84
C PRO B 140 24.12 -43.88 -32.76
N GLY B 141 25.41 -44.11 -33.08
CA GLY B 141 26.36 -44.91 -32.27
C GLY B 141 26.73 -44.25 -30.95
N GLY B 142 26.46 -42.93 -30.84
CA GLY B 142 26.80 -42.08 -29.69
C GLY B 142 25.56 -41.70 -28.90
N LEU B 143 24.44 -42.37 -29.17
CA LEU B 143 23.13 -42.08 -28.55
C LEU B 143 23.25 -42.44 -27.05
N THR B 144 22.75 -41.56 -26.16
CA THR B 144 22.78 -41.73 -24.68
C THR B 144 21.36 -41.93 -24.13
N HIS B 145 20.35 -41.42 -24.83
CA HIS B 145 18.94 -41.44 -24.38
C HIS B 145 18.09 -42.00 -25.50
N LEU B 146 17.41 -43.12 -25.24
CA LEU B 146 16.50 -43.78 -26.19
C LEU B 146 15.15 -43.96 -25.53
N THR B 147 14.07 -43.33 -26.03
CA THR B 147 12.72 -43.65 -25.53
C THR B 147 11.80 -44.14 -26.66
N PHE B 148 11.16 -45.27 -26.39
CA PHE B 148 10.12 -45.91 -27.22
C PHE B 148 8.77 -45.39 -26.78
N GLY B 149 7.79 -45.32 -27.69
CA GLY B 149 6.44 -44.81 -27.41
C GLY B 149 5.47 -45.94 -27.14
N GLU B 150 4.16 -45.64 -27.13
CA GLU B 150 3.08 -46.54 -26.64
C GLU B 150 3.19 -47.89 -27.36
N GLU B 151 3.33 -47.90 -28.70
CA GLU B 151 2.97 -49.09 -29.54
C GLU B 151 4.15 -50.04 -29.79
N PHE B 152 5.40 -49.62 -29.62
CA PHE B 152 6.62 -50.41 -29.96
C PHE B 152 6.66 -51.79 -29.23
N ASN B 153 6.66 -52.91 -29.99
CA ASN B 153 6.76 -54.30 -29.49
C ASN B 153 7.47 -55.15 -30.55
N GLN B 154 8.63 -54.68 -30.94
CA GLN B 154 9.51 -55.47 -31.85
C GLN B 154 10.71 -55.87 -30.99
N LYS B 155 11.39 -56.94 -31.45
CA LYS B 155 12.46 -57.66 -30.73
C LYS B 155 13.74 -56.83 -30.80
N ILE B 156 14.56 -56.92 -29.78
CA ILE B 156 15.87 -56.24 -29.65
C ILE B 156 16.91 -57.32 -29.42
N VAL B 157 17.89 -57.47 -30.30
CA VAL B 157 18.93 -58.54 -30.17
C VAL B 157 20.29 -57.85 -30.08
N GLU B 158 21.36 -58.62 -29.93
CA GLU B 158 22.71 -58.17 -29.49
C GLU B 158 23.26 -57.12 -30.47
N ASN B 159 24.15 -56.23 -30.00
CA ASN B 159 25.01 -55.30 -30.79
C ASN B 159 24.18 -54.27 -31.54
N VAL B 160 22.89 -54.15 -31.21
CA VAL B 160 21.91 -53.21 -31.83
C VAL B 160 21.85 -51.92 -31.00
N LEU B 161 21.83 -52.00 -29.67
CA LEU B 161 21.79 -50.81 -28.76
C LEU B 161 23.19 -50.21 -28.63
N PRO B 162 23.37 -48.89 -28.88
CA PRO B 162 24.70 -48.28 -28.81
C PRO B 162 25.40 -48.50 -27.47
N ASN B 163 26.71 -48.73 -27.52
CA ASN B 163 27.60 -49.04 -26.37
C ASN B 163 27.79 -47.75 -25.54
N SER B 164 27.18 -46.63 -25.95
CA SER B 164 27.24 -45.32 -25.25
C SER B 164 25.96 -45.05 -24.45
N LEU B 165 24.98 -45.95 -24.53
CA LEU B 165 23.60 -45.67 -24.05
C LEU B 165 23.56 -45.74 -22.52
N THR B 166 22.93 -44.77 -21.87
CA THR B 166 22.86 -44.61 -20.39
C THR B 166 21.43 -44.67 -19.88
N HIS B 167 20.47 -44.28 -20.70
CA HIS B 167 19.03 -44.25 -20.32
C HIS B 167 18.22 -44.94 -21.41
N LEU B 168 17.49 -45.98 -21.05
CA LEU B 168 16.66 -46.75 -22.00
C LEU B 168 15.29 -46.90 -21.38
N SER B 169 14.27 -46.28 -21.93
CA SER B 169 12.89 -46.28 -21.38
C SER B 169 11.92 -46.83 -22.43
N PHE B 170 11.33 -47.99 -22.16
CA PHE B 170 10.33 -48.65 -23.02
C PHE B 170 8.96 -48.03 -22.80
N GLY B 171 8.06 -48.14 -23.77
CA GLY B 171 6.64 -47.69 -23.62
C GLY B 171 5.73 -48.85 -23.22
N ASP B 172 4.42 -48.70 -23.41
CA ASP B 172 3.35 -49.56 -22.84
C ASP B 172 3.36 -50.92 -23.51
N CYS B 173 3.55 -51.00 -24.82
CA CYS B 173 3.23 -52.23 -25.60
C CYS B 173 4.39 -53.24 -25.64
N PHE B 174 5.63 -52.75 -25.43
CA PHE B 174 6.89 -53.53 -25.38
C PHE B 174 6.79 -54.67 -24.35
N ASN B 175 7.07 -55.91 -24.80
CA ASN B 175 6.86 -57.23 -24.15
C ASN B 175 7.56 -58.30 -25.03
N GLN B 176 8.83 -58.04 -25.29
CA GLN B 176 9.79 -58.95 -25.97
C GLN B 176 10.87 -59.29 -24.95
N LYS B 177 11.43 -60.52 -25.04
CA LYS B 177 12.53 -61.09 -24.20
C LYS B 177 13.78 -60.26 -24.37
N ILE B 178 14.44 -59.92 -23.27
CA ILE B 178 15.71 -59.15 -23.26
C ILE B 178 16.79 -60.10 -22.75
N THR B 179 17.69 -60.58 -23.62
CA THR B 179 18.65 -61.67 -23.29
C THR B 179 20.07 -61.10 -23.08
N GLU B 180 21.05 -62.01 -22.90
CA GLU B 180 22.45 -61.74 -22.46
C GLU B 180 23.15 -60.91 -23.54
N ASN B 181 23.94 -59.92 -23.13
CA ASN B 181 24.73 -59.02 -24.02
C ASN B 181 23.85 -58.11 -24.92
N VAL B 182 22.54 -57.98 -24.72
CA VAL B 182 21.65 -57.09 -25.56
C VAL B 182 21.76 -55.65 -25.05
N LEU B 183 21.63 -55.46 -23.73
CA LEU B 183 21.70 -54.15 -23.07
C LEU B 183 23.16 -53.71 -22.98
N PRO B 184 23.46 -52.44 -23.29
CA PRO B 184 24.82 -51.91 -23.23
C PRO B 184 25.48 -51.93 -21.84
N ASN B 185 26.81 -52.05 -21.79
CA ASN B 185 27.59 -52.01 -20.53
C ASN B 185 27.77 -50.57 -20.03
N SER B 186 27.12 -49.57 -20.65
CA SER B 186 27.14 -48.13 -20.25
C SER B 186 25.84 -47.72 -19.53
N LEU B 187 24.83 -48.59 -19.50
CA LEU B 187 23.43 -48.27 -19.11
C LEU B 187 23.33 -48.10 -17.61
N THR B 188 22.76 -47.01 -17.14
CA THR B 188 22.58 -46.68 -15.70
C THR B 188 21.09 -46.66 -15.33
N TYR B 189 20.21 -46.28 -16.26
CA TYR B 189 18.74 -46.32 -16.10
C TYR B 189 18.12 -47.26 -17.11
N LEU B 190 17.21 -48.11 -16.65
CA LEU B 190 16.39 -48.98 -17.52
C LEU B 190 15.00 -48.91 -16.95
N GLU B 191 14.05 -48.48 -17.76
CA GLU B 191 12.66 -48.41 -17.29
C GLU B 191 11.74 -49.16 -18.22
N PHE B 192 11.17 -50.28 -17.80
CA PHE B 192 10.11 -50.97 -18.57
C PHE B 192 8.78 -50.27 -18.34
N GLY B 193 7.90 -50.33 -19.33
CA GLY B 193 6.53 -49.82 -19.24
C GLY B 193 5.55 -50.95 -18.97
N ARG B 194 4.31 -50.74 -19.37
CA ARG B 194 3.12 -51.41 -18.82
C ARG B 194 3.14 -52.93 -19.12
N ASN B 195 3.36 -53.37 -20.37
CA ASN B 195 2.94 -54.73 -20.80
C ASN B 195 4.05 -55.77 -20.59
N PHE B 196 5.29 -55.32 -20.37
CA PHE B 196 6.53 -56.16 -20.27
C PHE B 196 6.41 -57.28 -19.26
N ASN B 197 6.41 -58.53 -19.71
CA ASN B 197 6.24 -59.63 -18.74
C ASN B 197 7.12 -60.85 -19.11
N GLN B 198 8.43 -60.63 -19.20
CA GLN B 198 9.41 -61.70 -19.51
C GLN B 198 10.35 -61.89 -18.32
N LYS B 199 10.81 -63.13 -18.12
CA LYS B 199 11.84 -63.53 -17.13
C LYS B 199 13.09 -62.68 -17.42
N ILE B 200 13.80 -62.30 -16.37
CA ILE B 200 15.15 -61.66 -16.49
C ILE B 200 16.09 -62.66 -15.84
N THR B 201 17.08 -63.17 -16.58
CA THR B 201 18.06 -64.17 -16.11
C THR B 201 19.41 -63.48 -15.80
N GLU B 202 20.45 -64.31 -15.57
CA GLU B 202 21.83 -63.88 -15.24
C GLU B 202 22.50 -63.25 -16.47
N ASN B 203 23.29 -62.20 -16.21
CA ASN B 203 24.18 -61.46 -17.15
C ASN B 203 23.35 -60.73 -18.21
N VAL B 204 22.08 -60.42 -17.92
CA VAL B 204 21.19 -59.68 -18.88
C VAL B 204 21.25 -58.20 -18.51
N LEU B 205 21.23 -57.89 -17.21
CA LEU B 205 21.35 -56.48 -16.75
C LEU B 205 22.84 -56.21 -16.61
N PRO B 206 23.33 -55.08 -17.17
CA PRO B 206 24.76 -54.76 -17.12
C PRO B 206 25.22 -54.31 -15.72
N ASN B 207 26.53 -54.32 -15.46
CA ASN B 207 27.07 -54.08 -14.08
C ASN B 207 27.24 -52.58 -13.83
N SER B 208 26.68 -51.71 -14.67
CA SER B 208 26.70 -50.23 -14.53
C SER B 208 25.32 -49.70 -14.16
N LEU B 209 24.33 -50.59 -14.12
CA LEU B 209 22.90 -50.27 -13.89
C LEU B 209 22.72 -49.82 -12.43
N THR B 210 22.16 -48.63 -12.23
CA THR B 210 21.89 -48.04 -10.89
C THR B 210 20.39 -47.91 -10.65
N HIS B 211 19.56 -47.71 -11.68
CA HIS B 211 18.10 -47.54 -11.56
C HIS B 211 17.42 -48.63 -12.37
N LEU B 212 16.41 -49.29 -11.80
CA LEU B 212 15.63 -50.31 -12.54
C LEU B 212 14.17 -50.17 -12.16
N THR B 213 13.30 -49.88 -13.12
CA THR B 213 11.85 -49.69 -12.87
C THR B 213 11.07 -50.66 -13.72
N PHE B 214 10.38 -51.65 -13.15
CA PHE B 214 9.42 -52.49 -13.89
C PHE B 214 8.06 -51.85 -13.79
N GLY B 215 7.10 -52.32 -14.57
CA GLY B 215 5.82 -51.60 -14.77
C GLY B 215 4.64 -52.48 -14.46
N TRP B 216 3.49 -52.09 -14.93
CA TRP B 216 2.18 -52.69 -14.58
C TRP B 216 2.21 -54.21 -14.50
N TYR B 217 2.50 -54.91 -15.58
CA TYR B 217 2.12 -56.33 -15.76
C TYR B 217 3.25 -57.30 -15.38
N PHE B 218 4.49 -56.79 -15.27
CA PHE B 218 5.72 -57.54 -14.88
C PHE B 218 5.45 -58.35 -13.61
N ASN B 219 5.45 -59.67 -13.74
CA ASN B 219 5.20 -60.59 -12.61
C ASN B 219 5.95 -61.90 -12.83
N GLN B 220 7.26 -61.74 -12.97
CA GLN B 220 8.27 -62.80 -13.15
C GLN B 220 9.20 -62.78 -11.93
N GLN B 221 9.72 -63.95 -11.56
CA GLN B 221 10.58 -64.18 -10.37
C GLN B 221 11.97 -63.60 -10.64
N ILE B 222 12.55 -62.95 -9.64
CA ILE B 222 13.98 -62.51 -9.68
C ILE B 222 14.81 -63.44 -8.79
N THR B 223 15.74 -64.19 -9.37
CA THR B 223 16.55 -65.22 -8.65
C THR B 223 17.92 -64.62 -8.31
N GLU B 224 18.81 -65.39 -7.65
CA GLU B 224 20.22 -65.02 -7.33
C GLU B 224 20.95 -64.51 -8.59
N ASN B 225 21.79 -63.48 -8.41
CA ASN B 225 22.80 -63.02 -9.42
C ASN B 225 22.16 -62.48 -10.71
N VAL B 226 20.90 -62.00 -10.69
CA VAL B 226 20.14 -61.41 -11.84
C VAL B 226 20.34 -59.88 -11.84
N LEU B 227 20.04 -59.22 -10.71
CA LEU B 227 20.21 -57.76 -10.45
C LEU B 227 21.68 -57.46 -10.18
N PRO B 228 22.26 -56.43 -10.81
CA PRO B 228 23.68 -56.11 -10.62
C PRO B 228 23.97 -55.42 -9.29
N ASN B 229 25.22 -55.52 -8.83
CA ASN B 229 25.70 -54.92 -7.56
C ASN B 229 26.07 -53.46 -7.77
N SER B 230 25.71 -52.85 -8.90
CA SER B 230 25.81 -51.37 -9.02
C SER B 230 24.49 -50.71 -8.59
N LEU B 231 23.41 -51.51 -8.56
CA LEU B 231 21.99 -51.07 -8.50
C LEU B 231 21.70 -50.39 -7.16
N THR B 232 21.11 -49.20 -7.18
CA THR B 232 20.73 -48.42 -6.00
C THR B 232 19.22 -48.26 -5.93
N TYR B 233 18.49 -48.38 -7.04
CA TYR B 233 17.05 -47.99 -7.13
C TYR B 233 16.28 -49.11 -7.82
N LEU B 234 15.34 -49.75 -7.15
CA LEU B 234 14.53 -50.86 -7.71
C LEU B 234 13.07 -50.51 -7.44
N GLU B 235 12.28 -50.35 -8.48
CA GLU B 235 10.84 -50.04 -8.31
C GLU B 235 10.00 -51.06 -9.05
N PHE B 236 9.21 -51.83 -8.33
CA PHE B 236 8.30 -52.82 -8.93
C PHE B 236 7.02 -52.08 -9.29
N GLY B 237 6.25 -52.63 -10.21
CA GLY B 237 4.99 -51.97 -10.65
C GLY B 237 3.84 -52.78 -10.16
N ARG B 238 2.65 -52.63 -10.71
CA ARG B 238 1.39 -52.99 -10.00
C ARG B 238 1.30 -54.51 -9.74
N ASN B 239 1.61 -55.36 -10.72
CA ASN B 239 1.27 -56.80 -10.64
C ASN B 239 2.41 -57.69 -10.09
N PHE B 240 3.65 -57.21 -10.00
CA PHE B 240 4.73 -58.01 -9.38
C PHE B 240 4.31 -58.49 -7.98
N ASN B 241 4.02 -59.77 -7.82
CA ASN B 241 3.70 -60.45 -6.54
C ASN B 241 4.50 -61.79 -6.44
N GLN B 242 5.82 -61.77 -6.58
CA GLN B 242 6.63 -63.01 -6.58
C GLN B 242 7.51 -62.95 -5.36
N GLN B 243 7.67 -64.07 -4.65
CA GLN B 243 8.48 -64.09 -3.40
C GLN B 243 9.95 -63.77 -3.75
N ILE B 244 10.58 -62.97 -2.90
CA ILE B 244 11.99 -62.49 -3.04
C ILE B 244 12.77 -63.09 -1.87
N THR B 245 13.72 -63.95 -2.19
CA THR B 245 14.50 -64.73 -1.22
C THR B 245 15.85 -64.04 -1.03
N GLU B 246 16.79 -64.75 -0.38
CA GLU B 246 18.17 -64.31 0.00
C GLU B 246 19.10 -64.24 -1.24
N ASN B 247 19.93 -63.18 -1.26
CA ASN B 247 21.07 -62.96 -2.19
C ASN B 247 20.56 -62.65 -3.59
N VAL B 248 19.35 -62.09 -3.72
CA VAL B 248 18.77 -61.61 -5.00
C VAL B 248 18.85 -60.07 -5.06
N LEU B 249 18.62 -59.38 -3.95
CA LEU B 249 18.72 -57.91 -3.88
C LEU B 249 20.16 -57.52 -3.59
N PRO B 250 20.79 -56.68 -4.41
CA PRO B 250 22.20 -56.31 -4.23
C PRO B 250 22.51 -55.47 -3.00
N ASN B 251 23.77 -55.53 -2.55
CA ASN B 251 24.27 -55.02 -1.25
C ASN B 251 24.63 -53.54 -1.40
N SER B 252 24.21 -52.93 -2.50
CA SER B 252 24.45 -51.50 -2.83
C SER B 252 23.11 -50.74 -2.93
N LEU B 253 22.01 -51.51 -2.82
CA LEU B 253 20.62 -51.01 -2.94
C LEU B 253 20.33 -50.04 -1.81
N THR B 254 19.85 -48.87 -2.18
CA THR B 254 19.55 -47.75 -1.27
C THR B 254 18.04 -47.44 -1.26
N TYR B 255 17.33 -47.67 -2.37
N TYR B 255 17.32 -47.61 -2.38
CA TYR B 255 15.88 -47.39 -2.53
CA TYR B 255 15.85 -47.35 -2.55
C TYR B 255 15.17 -48.63 -3.08
C TYR B 255 15.16 -48.61 -3.10
N LEU B 256 13.95 -48.89 -2.62
CA LEU B 256 13.19 -50.13 -3.00
C LEU B 256 11.71 -49.82 -2.84
N GLU B 257 10.97 -49.88 -3.94
CA GLU B 257 9.51 -49.62 -3.87
C GLU B 257 8.74 -50.77 -4.51
N PHE B 258 7.77 -51.33 -3.82
CA PHE B 258 6.93 -52.44 -4.32
C PHE B 258 5.64 -51.79 -4.88
N GLY B 259 4.94 -52.50 -5.76
CA GLY B 259 3.65 -52.06 -6.30
C GLY B 259 2.51 -52.72 -5.56
N ARG B 260 1.29 -52.50 -6.03
CA ARG B 260 0.03 -52.82 -5.33
C ARG B 260 0.01 -54.28 -4.91
N ASN B 261 0.35 -55.14 -5.84
CA ASN B 261 -0.06 -56.56 -5.72
C ASN B 261 0.85 -57.34 -4.77
N PHE B 262 2.08 -56.86 -4.54
CA PHE B 262 3.09 -57.57 -3.73
C PHE B 262 2.57 -57.81 -2.31
N ASN B 263 2.45 -59.10 -1.94
CA ASN B 263 1.91 -59.54 -0.62
C ASN B 263 2.65 -60.81 -0.22
N GLN B 264 3.98 -60.83 -0.26
CA GLN B 264 4.78 -62.06 0.05
C GLN B 264 5.53 -61.78 1.35
N GLN B 265 5.79 -62.86 2.14
CA GLN B 265 6.52 -62.78 3.43
C GLN B 265 7.96 -62.43 3.08
N ILE B 266 8.60 -61.70 3.98
CA ILE B 266 10.03 -61.36 3.86
C ILE B 266 10.71 -61.89 5.13
N THR B 267 11.62 -62.84 4.90
CA THR B 267 12.37 -63.57 5.93
C THR B 267 13.71 -62.84 6.09
N GLU B 268 14.54 -63.42 6.96
CA GLU B 268 15.81 -62.81 7.42
C GLU B 268 16.83 -62.93 6.27
N ASN B 269 17.70 -61.91 6.14
CA ASN B 269 18.88 -61.87 5.23
C ASN B 269 18.41 -61.78 3.77
N VAL B 270 17.27 -61.10 3.52
CA VAL B 270 16.74 -60.79 2.15
C VAL B 270 16.74 -59.29 1.85
N LEU B 271 16.44 -58.42 2.79
CA LEU B 271 16.48 -56.94 2.56
C LEU B 271 17.90 -56.46 2.88
N PRO B 272 18.65 -55.96 1.87
CA PRO B 272 20.08 -55.66 2.07
C PRO B 272 20.30 -54.50 3.03
N ASN B 273 21.39 -54.56 3.76
CA ASN B 273 21.65 -53.70 4.94
C ASN B 273 21.95 -52.31 4.43
N SER B 274 22.12 -52.13 3.12
CA SER B 274 22.49 -50.83 2.51
C SER B 274 21.28 -49.90 2.34
N LEU B 275 20.08 -50.48 2.36
CA LEU B 275 18.76 -49.81 2.15
C LEU B 275 18.45 -48.74 3.21
N THR B 276 18.03 -47.57 2.74
CA THR B 276 17.61 -46.44 3.58
C THR B 276 16.11 -46.23 3.39
N HIS B 277 15.54 -46.61 2.24
CA HIS B 277 14.10 -46.37 1.95
C HIS B 277 13.40 -47.65 1.51
N ILE B 278 12.33 -48.08 2.18
CA ILE B 278 11.31 -49.02 1.63
C ILE B 278 10.00 -48.26 1.50
N THR B 279 9.36 -48.32 0.32
CA THR B 279 7.91 -48.01 0.21
C THR B 279 7.21 -49.31 -0.13
N PHE B 280 6.28 -49.73 0.71
CA PHE B 280 5.49 -50.95 0.41
C PHE B 280 4.33 -50.60 -0.54
N GLY B 281 3.91 -51.71 -1.18
CA GLY B 281 2.69 -51.88 -1.97
C GLY B 281 1.39 -51.56 -1.23
N ASN B 282 0.34 -51.38 -1.96
CA ASN B 282 -0.99 -51.28 -1.36
C ASN B 282 -1.42 -52.56 -0.63
N ASN B 283 -1.35 -53.71 -1.29
CA ASN B 283 -1.97 -54.95 -0.74
C ASN B 283 -1.08 -55.64 0.31
N PHE B 284 0.17 -55.20 0.48
CA PHE B 284 1.14 -55.77 1.45
C PHE B 284 0.49 -55.79 2.84
N ASN B 285 0.40 -57.01 3.43
CA ASN B 285 -0.29 -57.32 4.71
C ASN B 285 0.31 -58.60 5.35
N GLN B 286 1.64 -58.66 5.38
CA GLN B 286 2.40 -59.81 5.90
C GLN B 286 3.10 -59.36 7.17
N ILE B 287 3.24 -60.28 8.12
CA ILE B 287 3.95 -60.12 9.42
C ILE B 287 5.43 -59.82 9.12
N ILE B 288 5.92 -58.70 9.66
CA ILE B 288 7.34 -58.27 9.73
C ILE B 288 7.91 -58.72 11.08
N THR B 289 8.79 -59.72 11.04
CA THR B 289 9.45 -60.39 12.19
C THR B 289 10.81 -59.71 12.42
N GLU B 290 11.72 -60.33 13.16
CA GLU B 290 12.59 -59.55 14.06
C GLU B 290 13.74 -58.86 13.31
N ASN B 291 14.73 -59.58 12.77
CA ASN B 291 15.90 -58.96 12.10
C ASN B 291 15.72 -59.13 10.60
N VAL B 292 14.56 -58.68 10.09
CA VAL B 292 14.16 -58.70 8.65
C VAL B 292 14.54 -57.36 8.02
N LEU B 293 14.17 -56.27 8.68
CA LEU B 293 14.41 -54.90 8.17
C LEU B 293 15.91 -54.61 8.28
N PRO B 294 16.51 -53.97 7.25
CA PRO B 294 17.87 -53.46 7.34
C PRO B 294 18.14 -52.36 8.38
N ASN B 295 19.41 -52.23 8.73
CA ASN B 295 19.92 -51.47 9.91
C ASN B 295 20.24 -50.03 9.54
N SER B 296 20.32 -49.74 8.25
CA SER B 296 20.67 -48.39 7.76
C SER B 296 19.39 -47.67 7.32
N LEU B 297 18.25 -48.35 7.44
CA LEU B 297 16.88 -47.85 7.08
C LEU B 297 16.59 -46.51 7.77
N THR B 298 16.17 -45.51 7.00
CA THR B 298 15.81 -44.16 7.51
C THR B 298 14.32 -43.90 7.24
N HIS B 299 13.78 -44.32 6.10
CA HIS B 299 12.34 -44.12 5.82
C HIS B 299 11.62 -45.45 5.62
N LEU B 300 10.46 -45.65 6.28
CA LEU B 300 9.58 -46.83 6.06
C LEU B 300 8.16 -46.34 5.79
N THR B 301 7.57 -46.77 4.69
CA THR B 301 6.18 -46.42 4.31
C THR B 301 5.39 -47.66 3.96
N PHE B 302 4.33 -47.93 4.72
CA PHE B 302 3.43 -49.08 4.49
C PHE B 302 2.37 -48.71 3.44
N GLY B 303 1.74 -49.74 2.84
CA GLY B 303 0.56 -49.53 1.99
C GLY B 303 -0.79 -49.45 2.72
N ASN B 304 -1.89 -49.34 1.96
CA ASN B 304 -3.26 -49.24 2.50
C ASN B 304 -3.79 -50.53 3.11
N ASN B 305 -3.30 -51.69 2.76
CA ASN B 305 -3.88 -52.91 3.38
C ASN B 305 -3.12 -53.40 4.62
N PHE B 306 -1.85 -52.98 4.80
CA PHE B 306 -0.96 -53.46 5.91
C PHE B 306 -1.62 -53.22 7.28
N ASN B 307 -1.80 -54.31 8.04
CA ASN B 307 -2.48 -54.25 9.36
C ASN B 307 -1.93 -55.30 10.35
N GLN B 308 -0.60 -55.54 10.36
CA GLN B 308 0.05 -56.66 11.13
C GLN B 308 0.88 -56.12 12.30
N ILE B 309 0.79 -56.86 13.43
CA ILE B 309 1.28 -56.45 14.78
C ILE B 309 2.80 -56.16 14.70
N ILE B 310 3.26 -55.08 15.31
CA ILE B 310 4.69 -54.67 15.30
C ILE B 310 5.13 -54.75 16.74
N THR B 311 6.03 -55.70 16.99
CA THR B 311 6.49 -56.17 18.30
C THR B 311 7.86 -55.57 18.55
N GLU B 312 8.48 -55.98 19.64
CA GLU B 312 9.75 -55.38 20.11
C GLU B 312 10.88 -55.74 19.12
N ASN B 313 11.85 -54.83 18.94
CA ASN B 313 13.05 -54.95 18.06
C ASN B 313 12.67 -55.46 16.64
N VAL B 314 11.62 -54.89 16.01
CA VAL B 314 11.22 -55.13 14.60
C VAL B 314 11.72 -53.97 13.73
N LEU B 315 11.48 -52.75 14.17
CA LEU B 315 12.02 -51.51 13.55
C LEU B 315 13.47 -51.35 13.96
N PRO B 316 14.36 -50.95 13.04
CA PRO B 316 15.73 -50.55 13.40
C PRO B 316 15.90 -49.25 14.19
N ASN B 317 17.04 -49.12 14.88
CA ASN B 317 17.41 -47.92 15.68
C ASN B 317 18.02 -46.84 14.77
N SER B 318 17.99 -47.06 13.46
CA SER B 318 18.40 -46.07 12.42
C SER B 318 17.21 -45.26 11.89
N LEU B 319 16.01 -45.84 11.96
CA LEU B 319 14.76 -45.35 11.31
C LEU B 319 14.37 -43.96 11.83
N THR B 320 14.03 -43.05 10.94
CA THR B 320 13.64 -41.64 11.27
C THR B 320 12.23 -41.30 10.80
N HIS B 321 11.72 -41.95 9.76
CA HIS B 321 10.37 -41.70 9.22
C HIS B 321 9.58 -42.99 9.14
N LEU B 322 8.42 -43.05 9.82
CA LEU B 322 7.44 -44.15 9.67
C LEU B 322 6.07 -43.56 9.28
N THR B 323 5.55 -43.99 8.13
CA THR B 323 4.18 -43.71 7.68
C THR B 323 3.40 -45.02 7.58
N PHE B 324 2.25 -45.03 8.23
CA PHE B 324 1.31 -46.18 8.21
C PHE B 324 0.27 -45.93 7.11
N GLY B 325 -0.40 -46.98 6.65
CA GLY B 325 -1.47 -46.83 5.65
C GLY B 325 -2.86 -46.84 6.25
N ASP B 326 -3.84 -47.00 5.39
CA ASP B 326 -5.28 -46.77 5.67
C ASP B 326 -5.78 -47.82 6.67
N ASP B 327 -5.32 -49.07 6.58
CA ASP B 327 -5.88 -50.17 7.41
C ASP B 327 -5.29 -50.31 8.83
N PHE B 328 -4.00 -49.93 8.99
CA PHE B 328 -3.16 -50.19 10.20
C PHE B 328 -3.87 -49.83 11.51
N ASN B 329 -4.14 -50.82 12.32
CA ASN B 329 -4.89 -50.59 13.57
C ASN B 329 -4.47 -51.57 14.70
N GLN B 330 -3.16 -51.82 14.82
CA GLN B 330 -2.55 -52.75 15.83
C GLN B 330 -2.02 -51.97 17.05
N ILE B 331 -2.14 -52.55 18.25
CA ILE B 331 -1.68 -51.90 19.51
C ILE B 331 -0.19 -51.62 19.38
N ILE B 332 0.30 -50.44 19.79
CA ILE B 332 1.75 -50.14 19.94
C ILE B 332 2.12 -50.03 21.43
N THR B 333 2.90 -51.03 21.94
CA THR B 333 3.54 -51.20 23.28
C THR B 333 4.95 -50.56 23.31
N GLU B 334 5.75 -50.80 24.36
CA GLU B 334 6.68 -49.76 24.90
C GLU B 334 7.97 -49.58 24.08
N ASN B 335 8.76 -50.63 23.88
CA ASN B 335 10.01 -50.52 23.06
C ASN B 335 9.71 -51.05 21.65
N VAL B 336 8.75 -50.43 20.95
CA VAL B 336 8.36 -50.84 19.57
C VAL B 336 8.94 -49.84 18.56
N LEU B 337 8.72 -48.53 18.78
CA LEU B 337 9.24 -47.46 17.88
C LEU B 337 10.67 -47.17 18.34
N PRO B 338 11.60 -46.93 17.39
CA PRO B 338 12.99 -46.67 17.74
C PRO B 338 13.23 -45.26 18.29
N ASN B 339 14.36 -45.10 18.96
CA ASN B 339 14.69 -43.86 19.71
C ASN B 339 15.31 -42.83 18.77
N SER B 340 15.44 -43.15 17.48
CA SER B 340 15.95 -42.25 16.40
C SER B 340 14.78 -41.62 15.65
N LEU B 341 13.61 -42.28 15.70
CA LEU B 341 12.36 -41.93 14.97
C LEU B 341 11.98 -40.48 15.29
N THR B 342 11.89 -39.65 14.25
CA THR B 342 11.50 -38.22 14.36
C THR B 342 10.12 -38.00 13.76
N HIS B 343 9.68 -38.83 12.81
CA HIS B 343 8.40 -38.64 12.09
C HIS B 343 7.51 -39.89 12.11
N LEU B 344 6.24 -39.65 12.46
CA LEU B 344 5.18 -40.67 12.58
C LEU B 344 3.92 -40.08 11.96
N THR B 345 3.35 -40.90 11.10
CA THR B 345 2.07 -40.64 10.44
C THR B 345 1.26 -41.93 10.56
N PHE B 346 0.07 -41.81 11.09
CA PHE B 346 -0.90 -42.92 11.15
C PHE B 346 -1.85 -42.76 9.96
N GLY B 347 -2.62 -43.82 9.70
CA GLY B 347 -3.63 -43.84 8.64
C GLY B 347 -5.05 -43.75 9.16
N ASP B 348 -6.00 -44.04 8.28
CA ASP B 348 -7.41 -43.66 8.47
C ASP B 348 -7.97 -44.48 9.64
N ASP B 349 -7.57 -45.76 9.72
CA ASP B 349 -8.22 -46.78 10.60
C ASP B 349 -7.65 -46.74 12.02
N PHE B 350 -6.41 -46.24 12.17
CA PHE B 350 -5.63 -46.35 13.42
C PHE B 350 -6.43 -45.73 14.58
N ASN B 351 -6.73 -46.57 15.56
CA ASN B 351 -7.50 -46.11 16.72
C ASN B 351 -7.15 -46.95 17.94
N GLN B 352 -5.87 -47.22 18.23
CA GLN B 352 -5.48 -47.94 19.46
C GLN B 352 -4.87 -46.93 20.44
N ILE B 353 -4.93 -47.26 21.73
CA ILE B 353 -4.47 -46.44 22.91
C ILE B 353 -2.96 -46.28 22.77
N ILE B 354 -2.38 -45.17 23.23
CA ILE B 354 -0.91 -44.87 23.13
C ILE B 354 -0.44 -44.38 24.50
N THR B 355 0.23 -45.22 25.29
CA THR B 355 0.48 -44.92 26.76
C THR B 355 1.84 -44.23 26.94
N GLU B 356 2.37 -44.33 28.19
CA GLU B 356 3.36 -43.43 28.84
C GLU B 356 4.68 -43.45 28.06
N ASN B 357 5.37 -44.59 27.95
CA ASN B 357 6.70 -44.57 27.28
C ASN B 357 6.61 -45.34 25.97
N VAL B 358 5.68 -45.02 25.08
CA VAL B 358 5.42 -45.81 23.82
C VAL B 358 6.05 -45.10 22.61
N LEU B 359 5.75 -43.79 22.49
CA LEU B 359 6.31 -42.81 21.52
C LEU B 359 7.74 -42.49 21.93
N PRO B 360 8.71 -42.48 21.01
CA PRO B 360 10.10 -42.18 21.38
C PRO B 360 10.37 -40.70 21.67
N ASN B 361 11.51 -40.46 22.30
CA ASN B 361 11.86 -39.15 22.90
C ASN B 361 12.56 -38.29 21.85
N SER B 362 12.70 -38.82 20.63
CA SER B 362 13.28 -38.11 19.46
C SER B 362 12.16 -37.50 18.62
N LEU B 363 10.92 -37.98 18.80
CA LEU B 363 9.77 -37.71 17.89
C LEU B 363 9.50 -36.20 17.87
N THR B 364 9.48 -35.59 16.68
CA THR B 364 9.20 -34.13 16.48
C THR B 364 7.86 -33.94 15.76
N HIS B 365 7.41 -34.93 15.01
CA HIS B 365 6.22 -34.80 14.16
C HIS B 365 5.32 -36.00 14.41
N LEU B 366 4.06 -35.72 14.78
CA LEU B 366 2.99 -36.73 14.95
C LEU B 366 1.73 -36.28 14.20
N THR B 367 1.37 -37.08 13.21
CA THR B 367 0.13 -36.91 12.43
C THR B 367 -0.74 -38.14 12.67
N PHE B 368 -1.91 -37.95 13.26
CA PHE B 368 -2.88 -39.05 13.46
C PHE B 368 -3.80 -39.18 12.25
N GLY B 369 -4.47 -40.33 12.14
CA GLY B 369 -5.42 -40.62 11.04
C GLY B 369 -6.81 -40.09 11.32
N ASP B 370 -7.79 -40.63 10.62
CA ASP B 370 -9.20 -40.20 10.72
C ASP B 370 -9.70 -40.62 12.08
N ASP B 371 -9.60 -41.92 12.29
CA ASP B 371 -10.36 -42.66 13.32
C ASP B 371 -9.84 -42.36 14.73
N PHE B 372 -8.58 -41.92 14.86
CA PHE B 372 -7.81 -41.89 16.13
C PHE B 372 -8.59 -41.05 17.14
N ASN B 373 -8.97 -41.63 18.28
CA ASN B 373 -9.86 -40.96 19.26
C ASN B 373 -9.71 -41.58 20.65
N GLN B 374 -8.47 -41.70 21.12
CA GLN B 374 -8.12 -42.25 22.44
C GLN B 374 -7.56 -41.12 23.31
N ILE B 375 -7.98 -41.06 24.60
CA ILE B 375 -7.47 -40.11 25.64
C ILE B 375 -5.93 -40.09 25.60
N ILE B 376 -5.33 -38.91 25.64
CA ILE B 376 -3.86 -38.73 25.69
C ILE B 376 -3.58 -38.05 27.02
N THR B 377 -2.89 -38.74 27.91
CA THR B 377 -2.70 -38.20 29.29
C THR B 377 -1.31 -37.56 29.33
N GLU B 378 -0.93 -37.13 30.55
CA GLU B 378 0.34 -36.45 30.90
C GLU B 378 1.52 -37.40 30.65
N ASN B 379 2.66 -36.87 30.21
CA ASN B 379 3.89 -37.64 29.89
C ASN B 379 3.62 -38.81 28.94
N VAL B 380 2.79 -38.60 27.90
CA VAL B 380 2.48 -39.60 26.81
C VAL B 380 3.19 -39.16 25.51
N LEU B 381 2.91 -37.90 25.15
CA LEU B 381 3.56 -37.10 24.07
C LEU B 381 5.00 -36.82 24.46
N PRO B 382 6.00 -37.04 23.61
CA PRO B 382 7.37 -36.65 23.93
C PRO B 382 7.64 -35.14 24.02
N ASN B 383 8.63 -34.80 24.84
CA ASN B 383 9.03 -33.42 25.18
C ASN B 383 9.99 -32.95 24.08
N SER B 384 10.17 -33.72 23.00
CA SER B 384 10.90 -33.30 21.77
C SER B 384 9.94 -32.88 20.64
N LEU B 385 8.62 -33.12 20.80
CA LEU B 385 7.58 -32.92 19.73
C LEU B 385 7.40 -31.43 19.42
N VAL B 386 7.39 -31.07 18.14
CA VAL B 386 7.20 -29.67 17.67
C VAL B 386 5.99 -29.58 16.72
N HIS B 387 5.43 -30.70 16.28
CA HIS B 387 4.33 -30.65 15.30
C HIS B 387 3.30 -31.74 15.57
N LEU B 388 2.06 -31.35 15.84
CA LEU B 388 1.02 -32.33 16.25
C LEU B 388 -0.23 -32.03 15.45
N SER B 389 -0.69 -32.98 14.64
CA SER B 389 -1.91 -32.85 13.81
C SER B 389 -2.86 -33.95 14.20
N PHE B 390 -3.96 -33.59 14.82
CA PHE B 390 -5.06 -34.53 15.09
C PHE B 390 -5.91 -34.63 13.83
N GLY B 391 -6.56 -35.78 13.63
CA GLY B 391 -7.50 -35.96 12.52
C GLY B 391 -8.95 -35.72 12.87
N CYS B 392 -9.80 -36.25 11.98
CA CYS B 392 -11.26 -35.97 11.85
C CYS B 392 -11.94 -36.33 13.19
N GLU B 393 -11.79 -37.56 13.67
CA GLU B 393 -12.75 -38.12 14.68
C GLU B 393 -12.31 -37.79 16.13
N PHE B 394 -11.03 -37.42 16.30
CA PHE B 394 -10.42 -37.00 17.57
C PHE B 394 -11.27 -35.91 18.23
N ASN B 395 -11.89 -36.24 19.37
CA ASN B 395 -12.65 -35.31 20.23
C ASN B 395 -12.54 -35.76 21.70
N GLN B 396 -11.30 -35.92 22.19
CA GLN B 396 -11.01 -36.21 23.62
C GLN B 396 -10.51 -34.96 24.34
N GLU B 397 -10.71 -34.96 25.67
CA GLU B 397 -10.29 -33.84 26.54
C GLU B 397 -8.77 -33.74 26.51
N ILE B 398 -8.25 -32.51 26.53
CA ILE B 398 -6.80 -32.25 26.69
C ILE B 398 -6.56 -31.53 28.04
N ALA B 399 -5.96 -32.28 29.00
CA ALA B 399 -5.61 -31.93 30.41
C ALA B 399 -4.43 -30.94 30.47
N GLU B 400 -3.79 -30.75 31.64
CA GLU B 400 -2.89 -29.58 31.85
C GLU B 400 -1.53 -29.81 31.19
N LYS B 401 -0.69 -30.68 31.72
CA LYS B 401 0.70 -30.86 31.23
C LYS B 401 0.74 -31.98 30.17
N VAL B 402 -0.30 -32.11 29.35
CA VAL B 402 -0.41 -33.13 28.24
C VAL B 402 0.50 -32.74 27.05
N LEU B 403 0.24 -31.60 26.40
CA LEU B 403 0.96 -31.10 25.19
C LEU B 403 2.36 -30.64 25.60
N PRO B 404 3.44 -31.15 24.99
CA PRO B 404 4.80 -30.86 25.46
C PRO B 404 5.19 -29.37 25.40
N ASN B 405 6.10 -28.94 26.26
CA ASN B 405 6.62 -27.55 26.25
C ASN B 405 7.15 -27.18 24.87
N SER B 406 7.68 -28.17 24.14
CA SER B 406 8.47 -27.97 22.89
C SER B 406 7.57 -27.76 21.67
N LEU B 407 6.24 -27.81 21.86
CA LEU B 407 5.28 -27.87 20.74
C LEU B 407 5.18 -26.48 20.13
N THR B 408 5.27 -26.41 18.78
CA THR B 408 5.22 -25.15 17.98
C THR B 408 4.02 -25.14 17.03
N TYR B 409 3.56 -26.30 16.57
CA TYR B 409 2.47 -26.42 15.57
C TYR B 409 1.45 -27.43 16.09
N LEU B 410 0.24 -26.96 16.32
CA LEU B 410 -0.89 -27.83 16.76
C LEU B 410 -2.05 -27.60 15.80
N GLU B 411 -2.45 -28.67 15.13
CA GLU B 411 -3.59 -28.62 14.21
C GLU B 411 -4.66 -29.54 14.75
N LEU B 412 -5.79 -28.98 15.17
CA LEU B 412 -6.88 -29.81 15.75
C LEU B 412 -7.92 -30.10 14.67
N GLY B 413 -8.53 -31.27 14.77
CA GLY B 413 -9.34 -31.91 13.73
C GLY B 413 -10.75 -31.38 13.60
N HIS B 414 -11.52 -32.06 12.78
CA HIS B 414 -12.91 -31.69 12.40
C HIS B 414 -13.77 -31.73 13.65
N ASN B 415 -13.75 -32.88 14.34
CA ASN B 415 -14.75 -33.20 15.39
C ASN B 415 -14.30 -32.57 16.70
N PHE B 416 -13.07 -32.04 16.78
CA PHE B 416 -12.47 -31.51 18.05
C PHE B 416 -13.35 -30.38 18.61
N ASN B 417 -13.93 -30.59 19.79
CA ASN B 417 -14.81 -29.59 20.44
C ASN B 417 -14.80 -29.79 21.96
N GLN B 418 -13.62 -29.97 22.56
CA GLN B 418 -13.47 -29.89 24.05
C GLN B 418 -12.90 -28.52 24.42
N LYS B 419 -13.17 -28.13 25.68
CA LYS B 419 -12.81 -26.81 26.22
C LYS B 419 -11.29 -26.73 26.38
N ILE B 420 -10.73 -25.53 26.25
CA ILE B 420 -9.28 -25.22 26.40
C ILE B 420 -9.11 -24.18 27.50
N ILE B 421 -8.51 -24.55 28.65
CA ILE B 421 -8.48 -23.71 29.90
C ILE B 421 -7.04 -23.24 30.14
N GLU B 422 -6.76 -22.47 31.22
CA GLU B 422 -5.52 -21.67 31.46
C GLU B 422 -4.26 -22.34 30.86
N ASN B 423 -3.74 -23.45 31.40
CA ASN B 423 -2.44 -24.04 30.95
C ASN B 423 -2.71 -25.39 30.31
N VAL B 424 -3.41 -25.36 29.19
CA VAL B 424 -3.51 -26.53 28.27
C VAL B 424 -2.47 -26.31 27.14
N LEU B 425 -2.49 -25.16 26.45
CA LEU B 425 -1.60 -24.91 25.27
C LEU B 425 -0.22 -24.46 25.74
N PRO B 426 0.88 -25.05 25.21
CA PRO B 426 2.23 -24.65 25.59
C PRO B 426 2.58 -23.18 25.29
N ASN B 427 3.19 -22.51 26.26
CA ASN B 427 3.99 -21.26 26.12
C ASN B 427 5.17 -21.59 25.20
N GLY B 428 5.20 -21.01 24.00
CA GLY B 428 6.10 -21.45 22.91
C GLY B 428 5.34 -21.76 21.64
N LEU B 429 4.03 -22.03 21.72
CA LEU B 429 3.23 -22.44 20.54
C LEU B 429 3.12 -21.28 19.53
N VAL B 430 3.38 -21.60 18.25
CA VAL B 430 3.53 -20.60 17.14
C VAL B 430 2.30 -20.65 16.21
N HIS B 431 1.85 -21.85 15.86
N HIS B 431 1.83 -21.86 15.87
CA HIS B 431 0.69 -22.08 14.97
CA HIS B 431 0.66 -22.09 14.97
C HIS B 431 -0.37 -22.88 15.73
C HIS B 431 -0.38 -22.90 15.74
N LEU B 432 -1.63 -22.47 15.65
CA LEU B 432 -2.79 -23.14 16.30
C LEU B 432 -3.97 -23.01 15.35
N SER B 433 -4.53 -24.15 15.00
CA SER B 433 -5.58 -24.27 13.97
C SER B 433 -6.68 -25.13 14.59
N PHE B 434 -7.78 -24.50 14.93
CA PHE B 434 -9.02 -25.20 15.34
C PHE B 434 -9.77 -25.64 14.08
N GLY B 435 -10.35 -26.84 14.10
CA GLY B 435 -11.12 -27.40 12.96
C GLY B 435 -12.57 -26.94 12.95
N CYS B 436 -13.40 -27.68 12.22
CA CYS B 436 -14.81 -27.38 11.95
C CYS B 436 -15.59 -27.15 13.27
N LYS B 437 -15.70 -28.18 14.11
CA LYS B 437 -16.75 -28.25 15.16
C LYS B 437 -16.34 -27.42 16.39
N PHE B 438 -15.08 -26.98 16.49
CA PHE B 438 -14.61 -26.26 17.70
C PHE B 438 -15.47 -25.02 17.92
N ASN B 439 -16.22 -24.99 19.02
CA ASN B 439 -17.05 -23.82 19.44
C ASN B 439 -17.11 -23.76 20.97
N GLN B 440 -15.95 -23.70 21.65
CA GLN B 440 -15.86 -23.42 23.10
C GLN B 440 -15.30 -22.01 23.36
N GLU B 441 -15.72 -21.38 24.47
CA GLU B 441 -15.26 -20.01 24.82
C GLU B 441 -13.73 -20.02 24.97
N ILE B 442 -13.09 -18.93 24.57
CA ILE B 442 -11.62 -18.72 24.70
C ILE B 442 -11.43 -17.44 25.49
N VAL B 443 -11.19 -17.62 26.79
CA VAL B 443 -11.02 -16.57 27.84
C VAL B 443 -9.54 -16.17 27.89
N GLU B 444 -9.16 -15.26 28.79
CA GLU B 444 -7.77 -14.69 28.81
C GLU B 444 -6.79 -15.64 29.50
N ASN B 445 -5.52 -15.49 29.11
CA ASN B 445 -4.32 -16.25 29.55
C ASN B 445 -4.48 -17.74 29.22
N VAL B 446 -5.21 -18.08 28.15
CA VAL B 446 -5.36 -19.47 27.62
C VAL B 446 -4.55 -19.61 26.33
N LEU B 447 -4.61 -18.65 25.41
CA LEU B 447 -3.78 -18.62 24.17
C LEU B 447 -2.39 -18.10 24.55
N PRO B 448 -1.32 -18.80 24.19
CA PRO B 448 0.00 -18.43 24.67
C PRO B 448 0.62 -17.20 24.02
N ASP B 449 1.54 -16.52 24.71
CA ASP B 449 2.01 -15.16 24.36
C ASP B 449 2.98 -15.22 23.18
N SER B 450 3.31 -16.43 22.72
CA SER B 450 4.22 -16.70 21.57
C SER B 450 3.47 -16.74 20.22
N LEU B 451 2.16 -17.00 20.27
CA LEU B 451 1.36 -17.46 19.11
C LEU B 451 1.36 -16.34 18.09
N THR B 452 1.63 -16.66 16.82
CA THR B 452 1.67 -15.70 15.70
C THR B 452 0.54 -15.99 14.72
N HIS B 453 0.22 -17.25 14.50
N HIS B 453 0.31 -17.27 14.40
CA HIS B 453 -0.81 -17.67 13.52
CA HIS B 453 -0.80 -17.78 13.55
C HIS B 453 -1.92 -18.37 14.32
C HIS B 453 -1.92 -18.28 14.46
N LEU B 454 -3.17 -17.93 14.15
CA LEU B 454 -4.33 -18.55 14.84
C LEU B 454 -5.46 -18.64 13.82
N SER B 455 -6.04 -19.83 13.59
CA SER B 455 -7.13 -20.03 12.60
C SER B 455 -8.27 -20.80 13.23
N PHE B 456 -9.50 -20.39 12.95
CA PHE B 456 -10.71 -21.02 13.53
C PHE B 456 -11.47 -21.67 12.40
N GLY B 457 -12.40 -22.56 12.73
CA GLY B 457 -13.10 -23.34 11.69
C GLY B 457 -14.51 -22.85 11.49
N HIS B 458 -15.27 -23.62 10.72
CA HIS B 458 -16.68 -23.41 10.39
C HIS B 458 -17.50 -22.91 11.57
N CYS B 459 -17.48 -23.63 12.71
CA CYS B 459 -18.50 -23.54 13.78
C CYS B 459 -18.20 -22.43 14.78
N PHE B 460 -16.92 -22.08 14.97
CA PHE B 460 -16.50 -21.13 16.04
C PHE B 460 -17.21 -19.79 15.91
N ASN B 461 -18.12 -19.50 16.84
CA ASN B 461 -18.91 -18.25 16.93
C ASN B 461 -19.08 -17.89 18.41
N GLN B 462 -18.00 -17.80 19.17
CA GLN B 462 -18.01 -17.25 20.54
C GLN B 462 -17.38 -15.85 20.53
N LYS B 463 -17.81 -15.05 21.50
CA LYS B 463 -17.28 -13.70 21.83
C LYS B 463 -15.76 -13.77 22.04
N ILE B 464 -15.04 -12.77 21.55
CA ILE B 464 -13.59 -12.59 21.80
C ILE B 464 -13.41 -11.22 22.48
N THR B 465 -13.17 -11.20 23.79
CA THR B 465 -13.08 -9.96 24.60
C THR B 465 -11.62 -9.50 24.68
N GLU B 466 -11.38 -8.47 25.47
CA GLU B 466 -10.11 -7.71 25.55
C GLU B 466 -9.05 -8.62 26.13
N ASN B 467 -7.84 -8.56 25.53
CA ASN B 467 -6.60 -9.21 26.00
C ASN B 467 -6.77 -10.74 26.06
N VAL B 468 -7.54 -11.32 25.14
CA VAL B 468 -7.61 -12.80 24.95
C VAL B 468 -6.52 -13.21 23.95
N LEU B 469 -6.49 -12.55 22.78
CA LEU B 469 -5.56 -12.79 21.65
C LEU B 469 -4.15 -12.39 22.11
N PRO B 470 -3.10 -13.19 21.85
CA PRO B 470 -1.75 -12.88 22.31
C PRO B 470 -1.10 -11.68 21.60
N ASN B 471 -0.10 -11.10 22.27
CA ASN B 471 0.59 -9.84 21.87
C ASN B 471 1.38 -10.10 20.58
N SER B 472 1.96 -11.29 20.44
CA SER B 472 2.85 -11.62 19.30
C SER B 472 2.06 -12.20 18.10
N LEU B 473 0.71 -12.20 18.16
CA LEU B 473 -0.19 -12.60 17.03
C LEU B 473 0.03 -11.68 15.82
N THR B 474 0.36 -12.25 14.65
CA THR B 474 0.42 -11.57 13.33
C THR B 474 -0.74 -12.00 12.42
N TYR B 475 -1.34 -13.17 12.60
CA TYR B 475 -2.26 -13.75 11.60
C TYR B 475 -3.49 -14.35 12.31
N LEU B 476 -4.69 -13.96 11.87
CA LEU B 476 -5.96 -14.37 12.51
C LEU B 476 -6.96 -14.66 11.40
N GLU B 477 -7.42 -15.90 11.34
CA GLU B 477 -8.46 -16.32 10.37
C GLU B 477 -9.66 -16.80 11.16
N LEU B 478 -10.79 -16.16 10.96
CA LEU B 478 -12.04 -16.47 11.65
C LEU B 478 -12.94 -17.21 10.68
N GLY B 479 -13.85 -18.04 11.16
CA GLY B 479 -14.50 -19.04 10.31
C GLY B 479 -15.90 -18.66 9.95
N HIS B 480 -16.60 -19.61 9.35
CA HIS B 480 -17.86 -19.41 8.62
C HIS B 480 -18.86 -18.66 9.50
N ASN B 481 -19.12 -19.22 10.68
CA ASN B 481 -20.27 -18.84 11.53
C ASN B 481 -19.86 -17.68 12.43
N PHE B 482 -18.56 -17.40 12.56
CA PHE B 482 -18.05 -16.35 13.47
C PHE B 482 -18.71 -15.03 13.14
N ASN B 483 -19.60 -14.55 14.00
CA ASN B 483 -20.46 -13.38 13.80
C ASN B 483 -20.69 -12.74 15.16
N GLN B 484 -19.60 -12.45 15.88
CA GLN B 484 -19.61 -11.64 17.12
C GLN B 484 -18.87 -10.31 16.89
N LYS B 485 -19.32 -9.26 17.55
CA LYS B 485 -18.76 -7.89 17.44
C LYS B 485 -17.32 -7.88 17.94
N ILE B 486 -16.44 -7.17 17.26
CA ILE B 486 -15.06 -6.89 17.74
C ILE B 486 -15.04 -5.45 18.26
N ILE B 487 -14.46 -5.27 19.45
CA ILE B 487 -14.54 -4.07 20.34
C ILE B 487 -13.14 -3.43 20.38
N GLU B 488 -12.94 -2.38 21.17
CA GLU B 488 -11.77 -1.47 21.16
C GLU B 488 -10.44 -2.23 21.35
N ASN B 489 -10.23 -2.98 22.43
CA ASN B 489 -8.86 -3.43 22.76
C ASN B 489 -8.78 -4.95 22.73
N VAL B 490 -9.24 -5.59 21.65
CA VAL B 490 -9.25 -7.07 21.53
C VAL B 490 -8.18 -7.56 20.54
N LEU B 491 -8.14 -7.01 19.31
CA LEU B 491 -7.19 -7.39 18.23
C LEU B 491 -5.80 -6.83 18.58
N PRO B 492 -4.74 -7.65 18.63
CA PRO B 492 -3.47 -7.22 19.22
C PRO B 492 -2.72 -6.21 18.35
N ASP B 493 -1.61 -5.69 18.87
CA ASP B 493 -0.84 -4.58 18.24
C ASP B 493 0.22 -5.09 17.23
N ARG B 494 0.33 -6.40 16.95
CA ARG B 494 1.25 -6.92 15.89
C ARG B 494 0.46 -7.56 14.72
N LEU B 495 -0.88 -7.54 14.76
CA LEU B 495 -1.72 -8.23 13.75
C LEU B 495 -1.58 -7.50 12.42
N THR B 496 -1.08 -8.18 11.40
CA THR B 496 -0.96 -7.63 10.02
C THR B 496 -2.10 -8.17 9.16
N TYR B 497 -2.58 -9.38 9.40
CA TYR B 497 -3.47 -10.10 8.48
C TYR B 497 -4.79 -10.42 9.19
N LEU B 498 -5.92 -10.02 8.64
CA LEU B 498 -7.24 -10.36 9.22
C LEU B 498 -8.14 -10.85 8.10
N GLU B 499 -8.67 -12.06 8.22
CA GLU B 499 -9.71 -12.63 7.35
C GLU B 499 -10.98 -12.87 8.16
N LEU B 500 -12.05 -12.17 7.81
CA LEU B 500 -13.36 -12.37 8.44
C LEU B 500 -14.19 -13.37 7.61
N GLY B 501 -15.15 -14.00 8.27
CA GLY B 501 -15.83 -15.21 7.76
C GLY B 501 -17.07 -14.87 7.00
N HIS B 502 -17.66 -15.90 6.36
CA HIS B 502 -18.88 -15.83 5.52
C HIS B 502 -19.97 -15.02 6.25
N ASP B 503 -20.23 -15.34 7.53
CA ASP B 503 -21.41 -14.82 8.27
C ASP B 503 -21.10 -13.44 8.85
N PHE B 504 -19.81 -13.11 9.08
CA PHE B 504 -19.41 -11.88 9.82
C PHE B 504 -20.00 -10.62 9.17
N ASN B 505 -20.97 -10.01 9.82
CA ASN B 505 -21.70 -8.81 9.32
C ASN B 505 -22.05 -7.87 10.48
N GLN B 506 -21.05 -7.44 11.26
CA GLN B 506 -21.15 -6.53 12.42
C GLN B 506 -20.30 -5.31 12.11
N LYS B 507 -20.74 -4.12 12.55
CA LYS B 507 -20.02 -2.83 12.29
C LYS B 507 -18.66 -2.83 12.99
N ILE B 508 -17.71 -2.13 12.41
CA ILE B 508 -16.34 -1.87 12.95
C ILE B 508 -16.29 -0.40 13.39
N MET B 509 -16.16 -0.12 14.69
CA MET B 509 -15.95 1.26 15.22
C MET B 509 -14.44 1.58 15.28
N GLU B 510 -14.06 2.70 15.87
CA GLU B 510 -12.91 3.50 15.35
C GLU B 510 -11.59 2.85 15.71
N ASN B 511 -11.34 2.68 17.01
CA ASN B 511 -9.98 2.28 17.50
C ASN B 511 -9.92 0.76 17.70
N VAL B 512 -10.41 0.00 16.72
CA VAL B 512 -10.64 -1.48 16.79
C VAL B 512 -9.51 -2.19 16.03
N LEU B 513 -9.44 -1.93 14.72
CA LEU B 513 -8.48 -2.56 13.78
C LEU B 513 -7.10 -1.96 14.04
N PRO B 514 -6.08 -2.77 14.33
CA PRO B 514 -4.79 -2.24 14.78
C PRO B 514 -3.96 -1.53 13.72
N ASN B 515 -3.05 -0.65 14.17
CA ASN B 515 -2.27 0.29 13.31
C ASN B 515 -1.09 -0.46 12.72
N SER B 516 -1.03 -1.77 12.95
CA SER B 516 -0.06 -2.72 12.34
C SER B 516 -0.74 -3.53 11.22
N LEU B 517 -2.08 -3.53 11.18
CA LEU B 517 -2.89 -4.28 10.18
C LEU B 517 -2.67 -3.68 8.80
N THR B 518 -2.28 -4.55 7.86
CA THR B 518 -1.99 -4.25 6.43
C THR B 518 -2.96 -4.93 5.49
N HIS B 519 -3.52 -6.06 5.85
CA HIS B 519 -4.27 -6.93 4.92
C HIS B 519 -5.62 -7.24 5.52
N LEU B 520 -6.70 -6.88 4.86
CA LEU B 520 -8.05 -7.06 5.44
C LEU B 520 -8.94 -7.73 4.41
N ILE B 521 -9.62 -8.81 4.80
CA ILE B 521 -10.42 -9.68 3.89
C ILE B 521 -11.80 -9.82 4.51
N PHE B 522 -12.80 -9.29 3.85
CA PHE B 522 -14.18 -9.48 4.29
C PHE B 522 -14.73 -10.73 3.60
N GLY B 523 -15.68 -11.38 4.26
CA GLY B 523 -16.34 -12.57 3.72
C GLY B 523 -17.63 -12.17 3.09
N THR B 524 -18.41 -13.17 2.67
CA THR B 524 -19.68 -13.08 1.91
C THR B 524 -20.60 -11.98 2.44
N SER B 525 -20.92 -11.97 3.74
CA SER B 525 -22.11 -11.29 4.28
C SER B 525 -21.83 -9.84 4.67
N PHE B 526 -20.58 -9.45 4.95
CA PHE B 526 -20.30 -8.09 5.52
C PHE B 526 -20.89 -6.99 4.64
N ASN B 527 -21.78 -6.19 5.20
CA ASN B 527 -22.49 -5.14 4.44
C ASN B 527 -22.84 -3.99 5.37
N GLN B 528 -21.85 -3.53 6.15
CA GLN B 528 -21.98 -2.46 7.15
C GLN B 528 -21.08 -1.32 6.70
N ASN B 529 -21.50 -0.07 6.94
CA ASN B 529 -20.81 1.07 6.31
C ASN B 529 -19.50 1.37 7.04
N LEU B 530 -18.48 1.72 6.29
CA LEU B 530 -17.17 2.14 6.83
C LEU B 530 -17.06 3.68 6.81
N THR B 531 -16.73 4.26 7.96
CA THR B 531 -16.63 5.74 8.20
C THR B 531 -15.17 6.16 8.46
N GLU B 532 -14.94 7.41 8.89
CA GLU B 532 -13.58 8.00 9.03
C GLU B 532 -12.87 7.42 10.26
N ASN B 533 -11.54 7.34 10.19
CA ASN B 533 -10.61 6.65 11.12
C ASN B 533 -11.19 5.33 11.65
N VAL B 534 -11.71 4.48 10.75
CA VAL B 534 -12.04 3.06 11.08
C VAL B 534 -10.85 2.21 10.61
N LEU B 535 -10.55 2.31 9.31
CA LEU B 535 -9.47 1.57 8.63
C LEU B 535 -8.14 2.19 9.03
N PRO B 536 -7.15 1.33 9.33
CA PRO B 536 -5.87 1.78 9.85
C PRO B 536 -5.03 2.40 8.74
N ASN B 537 -4.13 3.32 9.10
CA ASN B 537 -3.29 4.13 8.16
C ASN B 537 -2.00 3.36 7.86
N SER B 538 -1.99 2.07 8.15
CA SER B 538 -0.94 1.16 7.69
C SER B 538 -1.50 0.19 6.65
N LEU B 539 -2.83 0.16 6.46
CA LEU B 539 -3.54 -0.85 5.63
C LEU B 539 -3.19 -0.70 4.15
N THR B 540 -2.76 -1.80 3.50
CA THR B 540 -2.39 -1.88 2.06
C THR B 540 -3.36 -2.76 1.26
N HIS B 541 -3.98 -3.78 1.82
CA HIS B 541 -4.79 -4.74 1.02
C HIS B 541 -6.19 -4.87 1.57
N LEU B 542 -7.21 -4.51 0.80
CA LEU B 542 -8.61 -4.49 1.28
C LEU B 542 -9.44 -5.25 0.27
N THR B 543 -10.04 -6.36 0.67
CA THR B 543 -10.81 -7.24 -0.24
C THR B 543 -12.22 -7.37 0.31
N PHE B 544 -13.21 -6.96 -0.43
CA PHE B 544 -14.62 -6.97 0.03
C PHE B 544 -15.22 -8.28 -0.42
N GLY B 545 -16.26 -8.77 0.26
CA GLY B 545 -16.86 -10.07 -0.04
C GLY B 545 -18.04 -9.91 -0.98
N THR B 546 -18.85 -10.96 -1.17
CA THR B 546 -20.04 -10.99 -2.04
C THR B 546 -20.91 -9.75 -1.78
N CYS B 547 -21.48 -9.62 -0.58
CA CYS B 547 -22.70 -8.81 -0.30
C CYS B 547 -22.38 -7.37 0.13
N PHE B 548 -21.12 -6.97 0.28
CA PHE B 548 -20.77 -5.57 0.62
C PHE B 548 -21.18 -4.65 -0.51
N ASN B 549 -22.24 -3.86 -0.30
CA ASN B 549 -22.75 -2.84 -1.27
C ASN B 549 -23.07 -1.54 -0.55
N GLN B 550 -22.12 -0.99 0.22
CA GLN B 550 -22.20 0.32 0.94
C GLN B 550 -21.31 1.34 0.24
N LYS B 551 -21.83 2.55 0.05
CA LYS B 551 -21.13 3.68 -0.62
C LYS B 551 -19.96 4.13 0.26
N ILE B 552 -18.84 4.49 -0.36
CA ILE B 552 -17.62 5.02 0.33
C ILE B 552 -17.52 6.54 0.11
N ILE B 553 -17.20 7.31 1.17
CA ILE B 553 -17.06 8.80 1.15
C ILE B 553 -15.59 9.17 1.38
N GLU B 554 -15.26 10.46 1.31
CA GLU B 554 -13.89 11.01 1.50
C GLU B 554 -13.36 10.56 2.87
N ASN B 555 -12.04 10.37 2.97
CA ASN B 555 -11.26 10.11 4.21
C ASN B 555 -11.67 8.79 4.89
N VAL B 556 -12.01 7.75 4.13
CA VAL B 556 -12.41 6.42 4.66
C VAL B 556 -11.36 5.37 4.30
N LEU B 557 -10.96 5.26 3.04
CA LEU B 557 -9.88 4.34 2.57
C LEU B 557 -8.55 5.03 2.84
N PRO B 558 -7.63 4.42 3.59
CA PRO B 558 -6.47 5.17 4.07
C PRO B 558 -5.46 5.40 2.95
N ASN B 559 -4.57 6.36 3.18
CA ASN B 559 -3.69 6.94 2.14
C ASN B 559 -2.45 6.05 2.08
N SER B 560 -2.53 4.81 2.52
CA SER B 560 -1.42 3.84 2.34
C SER B 560 -1.88 2.72 1.41
N LEU B 561 -3.17 2.66 1.10
CA LEU B 561 -3.83 1.49 0.46
C LEU B 561 -3.41 1.38 -1.01
N THR B 562 -3.01 0.18 -1.43
CA THR B 562 -2.40 -0.09 -2.75
C THR B 562 -3.22 -1.12 -3.52
N HIS B 563 -3.79 -2.12 -2.84
CA HIS B 563 -4.69 -3.11 -3.48
C HIS B 563 -6.11 -3.03 -2.92
N LEU B 564 -7.08 -2.64 -3.76
CA LEU B 564 -8.53 -2.63 -3.42
C LEU B 564 -9.29 -3.48 -4.43
N GLU B 565 -10.18 -4.36 -3.96
CA GLU B 565 -10.92 -5.34 -4.80
C GLU B 565 -12.35 -5.39 -4.27
N PHE B 566 -13.27 -4.77 -4.98
CA PHE B 566 -14.71 -4.82 -4.65
C PHE B 566 -15.27 -6.19 -5.07
N GLY B 567 -16.27 -6.69 -4.36
CA GLY B 567 -16.84 -8.03 -4.62
C GLY B 567 -18.05 -7.94 -5.53
N PRO B 568 -18.67 -9.10 -5.88
CA PRO B 568 -19.83 -9.17 -6.77
C PRO B 568 -20.83 -8.00 -6.74
N LYS B 569 -21.42 -7.75 -5.55
CA LYS B 569 -22.67 -6.98 -5.38
C LYS B 569 -22.40 -5.49 -5.15
N PHE B 570 -21.18 -5.08 -4.84
CA PHE B 570 -20.81 -3.64 -4.77
C PHE B 570 -21.03 -2.95 -6.10
N ASN B 571 -21.99 -2.02 -6.12
CA ASN B 571 -22.35 -1.25 -7.33
C ASN B 571 -22.75 0.16 -6.94
N GLN B 572 -21.91 0.87 -6.19
CA GLN B 572 -22.17 2.25 -5.70
C GLN B 572 -21.22 3.23 -6.41
N LYS B 573 -21.72 4.43 -6.71
CA LYS B 573 -20.93 5.54 -7.29
C LYS B 573 -19.66 5.77 -6.46
N ILE B 574 -18.59 6.21 -7.12
CA ILE B 574 -17.31 6.60 -6.47
C ILE B 574 -16.92 8.00 -6.95
N THR B 575 -16.87 9.00 -6.08
CA THR B 575 -16.61 10.41 -6.48
C THR B 575 -15.15 10.79 -6.22
N GLU B 576 -14.87 12.10 -6.29
CA GLU B 576 -13.50 12.70 -6.26
C GLU B 576 -12.85 12.50 -4.89
N ASN B 577 -11.57 12.15 -4.88
CA ASN B 577 -10.71 12.06 -3.67
C ASN B 577 -11.40 11.19 -2.61
N VAL B 578 -11.98 10.07 -3.04
CA VAL B 578 -12.42 8.93 -2.20
C VAL B 578 -11.40 7.79 -2.35
N LEU B 579 -10.86 7.57 -3.55
CA LEU B 579 -9.81 6.55 -3.84
C LEU B 579 -8.45 7.12 -3.44
N PRO B 580 -7.63 6.38 -2.64
CA PRO B 580 -6.36 6.92 -2.13
C PRO B 580 -5.28 7.11 -3.18
N ASN B 581 -4.44 8.14 -3.00
CA ASN B 581 -3.31 8.55 -3.89
C ASN B 581 -2.42 7.36 -4.14
N SER B 582 -2.25 6.55 -3.09
CA SER B 582 -1.30 5.41 -2.95
C SER B 582 -1.73 4.20 -3.80
N LEU B 583 -2.99 4.15 -4.28
CA LEU B 583 -3.62 2.98 -4.97
C LEU B 583 -2.92 2.66 -6.29
N THR B 584 -2.64 1.36 -6.51
CA THR B 584 -1.96 0.81 -7.71
C THR B 584 -2.78 -0.31 -8.36
N HIS B 585 -3.54 -1.07 -7.58
CA HIS B 585 -4.39 -2.19 -8.07
C HIS B 585 -5.80 -2.07 -7.56
N LEU B 586 -6.71 -1.81 -8.49
CA LEU B 586 -8.15 -1.67 -8.22
C LEU B 586 -8.87 -2.71 -9.07
N THR B 587 -9.79 -3.46 -8.49
CA THR B 587 -10.51 -4.56 -9.19
C THR B 587 -11.98 -4.42 -8.90
N PHE B 588 -12.79 -4.09 -9.90
CA PHE B 588 -14.24 -3.96 -9.75
C PHE B 588 -14.85 -5.34 -9.92
N GLY B 589 -16.00 -5.51 -9.31
CA GLY B 589 -16.62 -6.83 -9.13
C GLY B 589 -17.64 -6.99 -10.20
N THR B 590 -18.33 -8.12 -10.21
CA THR B 590 -19.18 -8.63 -11.30
C THR B 590 -20.22 -7.55 -11.71
N SER B 591 -20.89 -6.89 -10.75
CA SER B 591 -22.10 -6.09 -11.02
C SER B 591 -21.83 -4.58 -11.06
N PHE B 592 -20.60 -4.12 -10.81
CA PHE B 592 -20.29 -2.67 -10.71
C PHE B 592 -20.60 -1.99 -12.06
N ASN B 593 -21.61 -1.15 -12.11
CA ASN B 593 -21.93 -0.39 -13.35
C ASN B 593 -22.34 1.05 -13.00
N GLN B 594 -21.35 1.94 -12.95
CA GLN B 594 -21.46 3.37 -12.49
C GLN B 594 -20.44 4.21 -13.27
N LYS B 595 -20.83 5.43 -13.65
CA LYS B 595 -20.00 6.34 -14.44
C LYS B 595 -18.75 6.69 -13.64
N ILE B 596 -17.67 6.96 -14.36
CA ILE B 596 -16.42 7.49 -13.77
C ILE B 596 -16.14 8.85 -14.43
N THR B 597 -16.09 9.90 -13.63
CA THR B 597 -15.69 11.24 -14.09
C THR B 597 -14.20 11.40 -13.89
N GLU B 598 -13.69 12.54 -14.36
CA GLU B 598 -12.30 13.01 -14.26
C GLU B 598 -11.90 12.99 -12.78
N ASN B 599 -10.61 12.94 -12.48
CA ASN B 599 -10.07 13.16 -11.10
C ASN B 599 -10.63 12.16 -10.06
N VAL B 600 -10.98 10.92 -10.44
CA VAL B 600 -11.59 9.91 -9.51
C VAL B 600 -10.59 8.75 -9.26
N LEU B 601 -10.09 8.09 -10.31
CA LEU B 601 -9.10 6.98 -10.25
C LEU B 601 -7.72 7.61 -10.11
N PRO B 602 -6.92 7.28 -9.07
CA PRO B 602 -5.63 7.94 -8.84
C PRO B 602 -4.73 7.83 -10.06
N ASN B 603 -4.12 8.95 -10.46
CA ASN B 603 -3.18 9.03 -11.60
C ASN B 603 -2.10 7.96 -11.45
N GLY B 604 -1.73 7.63 -10.20
CA GLY B 604 -0.63 6.68 -9.89
C GLY B 604 -0.96 5.22 -10.21
N LEU B 605 -2.23 4.93 -10.45
CA LEU B 605 -2.83 3.58 -10.61
C LEU B 605 -2.27 2.91 -11.85
N THR B 606 -1.87 1.64 -11.76
CA THR B 606 -1.23 0.90 -12.88
C THR B 606 -2.11 -0.26 -13.34
N TYR B 607 -2.82 -0.93 -12.45
CA TYR B 607 -3.68 -2.06 -12.83
C TYR B 607 -5.12 -1.76 -12.48
N LEU B 608 -5.98 -1.77 -13.48
CA LEU B 608 -7.42 -1.51 -13.31
C LEU B 608 -8.17 -2.63 -14.01
N THR B 609 -9.14 -3.18 -13.34
CA THR B 609 -9.91 -4.32 -13.86
C THR B 609 -11.37 -4.00 -13.62
N PHE B 610 -12.19 -4.01 -14.65
CA PHE B 610 -13.65 -3.90 -14.48
C PHE B 610 -14.19 -5.33 -14.54
N GLY B 611 -15.31 -5.61 -13.88
CA GLY B 611 -15.95 -6.94 -13.89
C GLY B 611 -17.00 -7.02 -14.96
N LEU B 612 -17.95 -7.95 -14.84
CA LEU B 612 -18.83 -8.44 -15.95
C LEU B 612 -19.64 -7.30 -16.57
N ARG B 613 -20.22 -6.44 -15.74
CA ARG B 613 -21.39 -5.59 -16.10
C ARG B 613 -20.97 -4.15 -16.37
N PHE B 614 -19.71 -3.79 -16.14
CA PHE B 614 -19.28 -2.38 -16.36
C PHE B 614 -19.39 -2.08 -17.85
N ASN B 615 -20.26 -1.14 -18.22
CA ASN B 615 -20.60 -0.78 -19.61
C ASN B 615 -20.97 0.71 -19.68
N GLN B 616 -20.11 1.63 -19.25
CA GLN B 616 -20.28 3.11 -19.25
C GLN B 616 -19.19 3.71 -20.13
N LYS B 617 -19.45 4.82 -20.81
CA LYS B 617 -18.39 5.47 -21.62
C LYS B 617 -17.20 5.80 -20.71
N ILE B 618 -16.03 5.89 -21.34
CA ILE B 618 -14.74 6.39 -20.80
C ILE B 618 -14.45 7.69 -21.55
N THR B 619 -14.60 8.86 -20.90
CA THR B 619 -14.29 10.19 -21.51
C THR B 619 -12.79 10.45 -21.33
N GLU B 620 -12.23 11.47 -21.97
CA GLU B 620 -10.79 11.82 -21.83
C GLU B 620 -10.47 12.19 -20.36
N ASN B 621 -9.26 11.86 -19.91
CA ASN B 621 -8.62 12.29 -18.64
C ASN B 621 -9.37 11.70 -17.44
N VAL B 622 -9.86 10.47 -17.58
CA VAL B 622 -10.55 9.74 -16.50
C VAL B 622 -9.66 8.58 -16.09
N LEU B 623 -9.04 7.89 -17.08
CA LEU B 623 -8.13 6.70 -16.90
C LEU B 623 -6.82 7.17 -16.31
N PRO B 624 -6.22 6.46 -15.35
CA PRO B 624 -5.03 6.98 -14.70
C PRO B 624 -3.87 7.14 -15.68
N CYS B 625 -3.03 8.14 -15.42
CA CYS B 625 -1.95 8.60 -16.32
C CYS B 625 -0.78 7.60 -16.30
N SER B 626 -0.67 6.79 -15.23
CA SER B 626 0.39 5.76 -15.06
C SER B 626 -0.12 4.37 -15.46
N LEU B 627 -1.38 4.25 -15.85
CA LEU B 627 -2.04 2.94 -16.03
C LEU B 627 -1.29 2.13 -17.09
N THR B 628 -1.19 0.82 -16.87
CA THR B 628 -0.45 -0.12 -17.73
C THR B 628 -1.32 -1.32 -18.12
N HIS B 629 -2.31 -1.70 -17.32
CA HIS B 629 -3.13 -2.91 -17.57
C HIS B 629 -4.59 -2.57 -17.35
N LEU B 630 -5.34 -2.41 -18.44
CA LEU B 630 -6.80 -2.10 -18.41
C LEU B 630 -7.50 -3.39 -18.84
N THR B 631 -8.39 -3.89 -17.99
CA THR B 631 -9.12 -5.16 -18.22
C THR B 631 -10.60 -4.78 -18.12
N PHE B 632 -11.35 -5.09 -19.16
CA PHE B 632 -12.81 -4.83 -19.21
C PHE B 632 -13.50 -6.18 -19.05
N GLY B 633 -14.81 -6.17 -18.82
CA GLY B 633 -15.62 -7.39 -18.60
C GLY B 633 -16.39 -7.70 -19.85
N TRP B 634 -17.21 -8.76 -19.79
CA TRP B 634 -17.98 -9.34 -20.93
C TRP B 634 -18.88 -8.27 -21.56
N TYR B 635 -19.64 -7.53 -20.73
CA TYR B 635 -20.76 -6.71 -21.21
C TYR B 635 -20.27 -5.31 -21.59
N PHE B 636 -18.97 -4.99 -21.38
CA PHE B 636 -18.40 -3.68 -21.82
C PHE B 636 -18.51 -3.58 -23.34
N ASN B 637 -19.43 -2.73 -23.80
CA ASN B 637 -19.74 -2.43 -25.23
C ASN B 637 -19.73 -0.92 -25.42
N GLN B 638 -18.55 -0.30 -25.45
CA GLN B 638 -18.32 1.14 -25.72
C GLN B 638 -17.06 1.31 -26.57
N GLU B 639 -17.11 2.16 -27.61
CA GLU B 639 -15.92 2.55 -28.40
C GLU B 639 -14.82 3.04 -27.44
N LEU B 640 -13.57 2.66 -27.69
CA LEU B 640 -12.34 3.32 -27.16
C LEU B 640 -11.64 4.07 -28.30
N THR B 641 -11.07 5.25 -28.02
CA THR B 641 -10.20 6.03 -28.93
C THR B 641 -8.77 6.03 -28.37
N GLU B 642 -7.75 6.33 -29.17
CA GLU B 642 -6.32 6.30 -28.73
C GLU B 642 -6.03 7.45 -27.77
N ASN B 643 -6.77 8.56 -27.85
CA ASN B 643 -6.48 9.83 -27.10
C ASN B 643 -7.14 9.77 -25.72
N VAL B 644 -7.96 8.76 -25.45
CA VAL B 644 -8.67 8.56 -24.16
C VAL B 644 -7.97 7.41 -23.39
N LEU B 645 -7.10 6.67 -24.08
CA LEU B 645 -6.17 5.70 -23.45
C LEU B 645 -4.88 6.42 -23.10
N PRO B 646 -4.30 6.14 -21.91
CA PRO B 646 -3.04 6.77 -21.49
C PRO B 646 -1.78 6.27 -22.23
N ASP B 647 -0.74 7.13 -22.28
CA ASP B 647 0.49 6.99 -23.09
C ASP B 647 1.28 5.77 -22.62
N THR B 648 0.98 5.32 -21.39
CA THR B 648 1.73 4.32 -20.60
C THR B 648 1.05 2.93 -20.67
N LEU B 649 -0.13 2.83 -21.29
CA LEU B 649 -0.89 1.56 -21.35
C LEU B 649 -0.02 0.54 -22.08
N LYS B 650 0.13 -0.65 -21.48
CA LYS B 650 0.93 -1.75 -22.07
C LYS B 650 -0.04 -2.83 -22.59
N VAL B 651 -1.12 -3.10 -21.90
CA VAL B 651 -2.00 -4.27 -22.19
C VAL B 651 -3.43 -3.86 -21.98
N LEU B 652 -4.29 -4.26 -22.91
CA LEU B 652 -5.73 -3.93 -22.89
C LEU B 652 -6.45 -5.25 -23.06
N LYS B 653 -7.26 -5.66 -22.10
CA LYS B 653 -7.92 -6.98 -22.21
C LYS B 653 -9.40 -6.71 -22.49
N ILE B 654 -9.95 -7.30 -23.53
CA ILE B 654 -11.34 -7.05 -23.99
C ILE B 654 -11.96 -8.40 -24.28
N TYR B 655 -13.28 -8.51 -24.29
CA TYR B 655 -13.98 -9.72 -24.81
C TYR B 655 -13.87 -9.77 -26.34
N TYR B 656 -13.55 -10.95 -26.88
CA TYR B 656 -13.34 -11.16 -28.34
C TYR B 656 -14.57 -10.61 -29.08
N GLY B 657 -15.76 -11.10 -28.71
CA GLY B 657 -17.02 -10.92 -29.45
C GLY B 657 -17.46 -9.48 -29.59
N ASN B 658 -16.84 -8.52 -28.89
CA ASN B 658 -17.23 -7.08 -28.94
C ASN B 658 -16.15 -6.25 -29.66
N LYS B 659 -15.04 -6.87 -30.07
CA LYS B 659 -13.79 -6.14 -30.46
C LYS B 659 -14.10 -5.08 -31.53
N ASP B 660 -14.84 -5.44 -32.58
CA ASP B 660 -15.06 -4.54 -33.75
C ASP B 660 -15.95 -3.35 -33.32
N ILE B 661 -16.64 -3.46 -32.17
CA ILE B 661 -17.44 -2.36 -31.53
C ILE B 661 -16.52 -1.55 -30.60
N ILE B 662 -15.61 -2.22 -29.88
CA ILE B 662 -14.69 -1.59 -28.88
C ILE B 662 -13.60 -0.82 -29.62
N LEU B 663 -12.97 -1.42 -30.62
CA LEU B 663 -11.82 -0.79 -31.35
C LEU B 663 -12.26 -0.21 -32.69
N LYS B 664 -13.53 0.21 -32.82
CA LYS B 664 -14.09 0.76 -34.08
C LYS B 664 -13.28 1.99 -34.49
N ASN B 665 -12.82 2.80 -33.53
CA ASN B 665 -12.08 4.07 -33.80
C ASN B 665 -10.59 3.88 -33.49
N ILE B 666 -10.06 2.65 -33.57
CA ILE B 666 -8.64 2.31 -33.23
C ILE B 666 -7.98 1.56 -34.40
N ASP B 667 -6.94 2.19 -34.93
CA ASP B 667 -6.07 1.61 -35.97
C ASP B 667 -5.06 0.72 -35.22
N THR B 668 -5.33 -0.60 -35.21
CA THR B 668 -4.60 -1.63 -34.43
C THR B 668 -3.23 -1.85 -35.07
N SER B 669 -3.07 -1.49 -36.34
CA SER B 669 -1.83 -1.69 -37.13
C SER B 669 -0.75 -0.69 -36.65
N LYS B 670 -1.09 0.29 -35.81
CA LYS B 670 -0.08 1.25 -35.32
C LYS B 670 -0.22 1.55 -33.83
N ILE B 671 -0.81 0.66 -33.02
CA ILE B 671 -0.91 0.86 -31.52
C ILE B 671 0.45 0.57 -30.91
N LYS B 672 0.69 1.20 -29.76
CA LYS B 672 1.93 1.05 -28.97
C LYS B 672 1.66 0.13 -27.80
N PHE B 673 0.46 -0.46 -27.71
CA PHE B 673 0.09 -1.39 -26.60
C PHE B 673 -0.31 -2.74 -27.18
N LYS B 674 -0.57 -3.73 -26.33
CA LYS B 674 -0.91 -5.10 -26.76
C LYS B 674 -2.35 -5.38 -26.36
N ILE B 675 -3.25 -5.60 -27.33
CA ILE B 675 -4.65 -6.10 -27.11
C ILE B 675 -4.58 -7.60 -26.78
N GLU B 676 -4.94 -7.97 -25.56
CA GLU B 676 -5.29 -9.36 -25.15
C GLU B 676 -6.81 -9.51 -25.25
N TYR B 677 -7.29 -10.54 -25.92
CA TYR B 677 -8.73 -10.90 -25.93
C TYR B 677 -8.98 -12.02 -24.90
N PHE B 678 -10.23 -12.20 -24.50
CA PHE B 678 -10.70 -13.40 -23.75
C PHE B 678 -12.01 -13.84 -24.43
N ASN B 679 -12.53 -15.03 -24.08
CA ASN B 679 -13.69 -15.73 -24.71
C ASN B 679 -14.82 -16.00 -23.70
N LYS B 680 -15.95 -16.45 -24.26
CA LYS B 680 -17.07 -17.13 -23.54
C LYS B 680 -16.70 -18.62 -23.52
O1 TEW C . 19.50 22.37 8.02
O2 TEW C . 18.62 23.79 9.84
O3 TEW C . 20.24 24.93 8.16
O4 TEW C . 20.62 22.39 10.84
O5 TEW C . 21.39 24.86 10.34
O6 TEW C . 22.27 22.92 8.67
O7 TEW C . 17.69 23.85 7.62
O8 TEW C . 21.24 23.72 5.96
O9 TEW C . 19.23 25.53 5.66
O10 TEW C . 18.77 22.86 5.42
O11 TEW C . 16.29 22.35 9.21
O12 TEW C . 17.66 21.39 7.42
O13 TEW C . 18.37 21.32 10.05
O14 TEW C . 17.05 22.51 11.87
O15 TEW C . 19.33 24.12 12.67
O16 TEW C . 19.38 21.46 12.89
O17 TEW C . 15.34 22.24 6.77
O18 TEW C . 16.64 21.58 4.55
O19 TEW C . 16.34 24.22 5.06
O20 TEW C . 16.29 19.77 9.44
O21 TEW C . 15.64 19.39 6.77
O22 TEW C . 13.91 20.71 8.39
O23 TEW C . 14.70 21.07 11.38
O31 TEW C . 16.90 19.73 12.10
TE1 TEW C . 18.12 22.80 8.91
W1 TEW C . 20.82 23.55 9.35
W2 TEW C . 19.64 24.12 6.55
W3 TEW C . 18.94 22.71 11.78
W4 TEW C . 16.92 22.75 5.77
W5 TEW C . 15.56 20.69 7.91
W6 TEW C . 16.39 20.92 10.98
O1 TEW D . 7.65 11.82 39.07
O2 TEW D . 5.86 11.05 40.77
O3 TEW D . 5.48 13.09 38.77
O4 TEW D . 7.71 12.46 41.77
O5 TEW D . 5.21 13.78 41.41
O6 TEW D . 7.45 14.59 40.09
O7 TEW D . 5.71 10.44 37.85
O8 TEW D . 7.56 13.80 37.01
O9 TEW D . 5.24 12.68 36.04
O10 TEW D . 7.58 11.18 36.28
O11 TEW D . 5.98 8.47 39.80
O12 TEW D . 7.86 9.07 38.13
O13 TEW D . 8.07 9.69 40.84
O14 TEW D . 6.32 9.08 42.60
O15 TEW D . 5.99 11.53 43.68
O16 TEW D . 8.57 10.54 43.54
O17 TEW D . 5.99 7.85 36.94
O18 TEW D . 8.13 8.70 35.23
O19 TEW D . 5.57 9.67 35.00
O20 TEW D . 8.04 7.01 39.99
O21 TEW D . 8.15 6.22 37.45
O22 TEW D . 5.78 5.81 38.82
O23 TEW D . 6.09 6.49 41.89
O31 TEW D . 8.56 7.52 42.66
TE1 TEW D . 7.18 10.29 39.54
W1 TEW D . 6.51 13.20 40.43
W2 TEW D . 6.46 12.45 37.22
W3 TEW D . 7.12 10.80 42.62
W4 TEW D . 6.85 9.42 36.14
W5 TEW D . 6.93 7.00 38.39
W6 TEW D . 7.24 7.75 41.58
O1 TEW E . -0.29 44.59 -5.55
O2 TEW E . 0.64 45.41 -3.25
O3 TEW E . 2.26 44.74 -5.52
O4 TEW E . -0.21 43.06 -3.21
O5 TEW E . 2.64 43.26 -3.32
O6 TEW E . 1.22 42.13 -5.36
O7 TEW E . 0.60 47.00 -5.64
O8 TEW E . 1.30 43.90 -7.96
O9 TEW E . 2.47 46.35 -7.79
O10 TEW E . -0.32 46.13 -7.88
O11 TEW E . -1.02 47.70 -3.41
O12 TEW E . -2.02 46.80 -5.66
O13 TEW E . -1.99 45.30 -3.32
O14 TEW E . -0.96 46.05 -1.05
O15 TEW E . 0.67 43.93 -0.70
O16 TEW E . -2.03 43.43 -1.17
O17 TEW E . -1.25 49.16 -5.85
O18 TEW E . -2.13 48.10 -8.27
O19 TEW E . 0.47 48.83 -7.90
O20 TEW E . -3.54 47.54 -3.31
O21 TEW E . -4.07 48.88 -5.53
O22 TEW E . -2.52 50.15 -3.67
O23 TEW E . -2.36 48.36 -0.89
O31 TEW E . -3.76 45.99 -1.08
TE1 TEW E . -0.67 46.13 -4.46
W1 TEW E . 1.28 43.52 -4.37
W2 TEW E . 1.24 45.38 -7.04
W3 TEW E . -0.65 44.31 -1.75
W4 TEW E . -0.80 47.86 -7.24
W5 TEW E . -2.65 48.70 -4.58
W6 TEW E . -2.49 46.90 -1.82
O1 TEW F . 1.10 15.09 22.11
O2 TEW F . -1.09 15.44 23.42
O3 TEW F . -0.53 16.74 20.93
O4 TEW F . 1.09 16.52 24.28
O5 TEW F . -0.86 18.30 23.16
O6 TEW F . 1.66 17.95 22.14
O7 TEW F . -0.89 14.01 20.88
O8 TEW F . 1.99 16.38 19.69
O9 TEW F . -0.33 15.57 18.45
O10 TEW F . 1.44 13.76 19.79
O11 TEW F . -1.71 12.81 23.28
O12 TEW F . 0.65 12.29 22.20
O13 TEW F . 0.51 13.46 24.39
O14 TEW F . -1.40 14.17 25.86
O15 TEW F . -0.89 16.81 26.04
O16 TEW F . 1.22 15.25 26.58
O17 TEW F . -1.26 11.34 20.72
O18 TEW F . 1.45 10.99 19.77
O19 TEW F . -0.52 12.33 18.46
O20 TEW F . -0.43 10.88 24.37
O21 TEW F . 0.05 9.48 22.18
O22 TEW F . -2.61 10.16 22.73
O23 TEW F . -2.75 11.73 25.71
O31 TEW F . -0.26 11.85 26.86
TE1 TEW F . -1.67 14.81 22.31
W1 TEW F . 0.27 17.10 22.65
W2 TEW F . 0.54 15.45 19.94
W3 TEW F . -0.05 15.45 25.43
W4 TEW F . 0.30 12.25 19.99
W5 TEW F . -1.03 10.78 22.53
W6 TEW F . -1.13 12.33 25.44
O1 TEW G . -2.01 14.56 -10.47
O2 TEW G . -0.69 16.27 -9.00
O3 TEW G . -3.52 16.24 -9.36
O4 TEW G . -0.57 16.47 -11.66
O5 TEW G . -2.03 18.47 -10.25
O6 TEW G . -3.14 16.70 -12.01
O7 TEW G . -2.22 14.23 -7.91
O8 TEW G . -4.95 14.21 -10.76
O9 TEW G . -5.12 14.27 -8.01
O10 TEW G . -3.51 12.47 -9.17
O11 TEW G . 0.66 14.19 -7.71
O12 TEW G . -0.71 12.44 -9.03
O13 TEW G . 0.82 14.46 -10.28
O14 TEW G . 2.08 16.18 -9.04
O15 TEW G . 0.73 18.45 -10.24
O16 TEW G . 2.10 16.53 -11.73
O17 TEW G . -0.88 12.18 -6.50
O18 TEW G . -2.29 10.22 -7.85
O19 TEW G . -3.70 12.22 -6.49
O20 TEW G . 2.17 12.41 -8.77
O21 TEW G . 0.74 10.27 -7.79
O22 TEW G . 1.88 12.11 -6.05
O23 TEW G . 3.58 14.38 -7.47
O31 TEW G . 3.76 14.36 -10.22
TE1 TEW G . -0.69 14.37 -9.09
W1 TEW G . -2.15 16.78 -10.64
W2 TEW G . -3.98 14.35 -9.30
W3 TEW G . 0.92 16.76 -10.48
W4 TEW G . -2.44 11.93 -7.65
W5 TEW G . 0.82 11.96 -7.41
W6 TEW G . 2.63 14.30 -8.92
O1 TEW H . -9.84 49.41 20.80
O2 TEW H . -7.68 49.86 19.52
O3 TEW H . -9.36 51.85 20.67
O4 TEW H . -9.65 49.17 18.04
O5 TEW H . -8.93 51.85 17.89
O6 TEW H . -11.38 51.03 18.84
O7 TEW H . -7.83 50.16 22.36
O8 TEW H . -11.57 51.21 22.16
O9 TEW H . -9.40 52.31 23.46
O10 TEW H . -10.00 49.60 23.65
O11 TEW H . -6.26 48.14 21.26
O12 TEW H . -8.43 47.66 22.58
O13 TEW H . -8.34 47.35 19.79
O14 TEW H . -6.19 47.82 18.47
O15 TEW H . -7.39 49.62 16.69
O16 TEW H . -8.31 46.98 16.92
O17 TEW H . -6.48 48.45 24.06
O18 TEW H . -8.77 47.86 25.46
O19 TEW H . -7.92 50.51 25.21
O20 TEW H . -6.80 45.68 21.51
O21 TEW H . -7.05 45.72 24.24
O22 TEW H . -4.67 46.63 23.14
O23 TEW H . -4.60 46.22 19.87
O31 TEW H . -6.92 45.15 18.75
TE1 TEW H . -8.06 48.77 21.06
W1 TEW H . -9.69 50.81 19.05
W2 TEW H . -9.87 51.04 22.39
W3 TEW H . -7.86 48.41 17.81
W4 TEW H . -8.31 49.07 24.33
W5 TEW H . -6.38 46.80 23.06
W6 TEW H . -6.33 46.40 19.78
O1 TEW I . -25.24 24.75 0.35
O2 TEW I . -25.77 26.88 -0.87
O3 TEW I . -27.52 25.08 -0.02
O4 TEW I . -24.63 24.89 -2.37
O5 TEW I . -27.19 25.72 -2.88
O6 TEW I . -27.43 23.50 -1.93
O7 TEW I . -26.21 26.83 1.65
O8 TEW I . -27.99 23.37 1.64
O9 TEW I . -28.28 25.31 2.84
O10 TEW I . -25.61 24.79 3.22
O11 TEW I . -24.30 28.46 0.81
O12 TEW I . -23.60 26.41 2.15
O13 TEW I . -23.16 26.46 -0.50
O14 TEW I . -24.08 28.58 -1.92
O15 TEW I . -25.54 26.55 -3.52
O16 TEW I . -22.67 26.93 -3.04
O17 TEW I . -24.94 28.52 3.41
O18 TEW I . -23.94 26.65 4.80
O19 TEW I . -26.78 26.33 4.29
O20 TEW I . -22.02 28.35 1.14
O21 TEW I . -22.41 27.89 4.13
O22 TEW I . -22.14 29.93 2.89
O23 TEW I . -21.61 30.01 -0.49
O31 TEW I . -21.36 28.09 -1.72
TE1 TEW I . -24.65 26.58 0.63
W1 TEW I . -26.35 24.88 -1.65
W2 TEW I . -26.95 24.80 1.89
W3 TEW I . -24.26 26.77 -2.40
W4 TEW I . -25.19 26.61 3.60
W5 TEW I . -23.22 28.50 2.75
W6 TEW I . -22.66 28.56 -0.74
O1 TEW J . 2.15 -6.27 -3.44
O2 TEW J . 3.59 -7.43 -5.28
O3 TEW J . 4.56 -6.58 -2.82
O4 TEW J . 3.22 -5.07 -6.03
O5 TEW J . 5.65 -5.32 -4.87
O6 TEW J . 3.75 -3.94 -3.47
O7 TEW J . 2.61 -8.78 -2.99
O8 TEW J . 3.17 -5.60 -0.75
O9 TEW J . 4.12 -8.13 -0.53
O10 TEW J . 1.46 -7.83 -1.01
O11 TEW J . 1.48 -9.35 -5.58
O12 TEW J . 0.20 -8.18 -3.57
O13 TEW J . 1.18 -6.92 -6.08
O14 TEW J . 2.41 -8.24 -7.87
O15 TEW J . 4.75 -6.52 -7.82
O16 TEW J . 2.32 -5.59 -8.51
O17 TEW J . 0.26 -10.63 -3.30
O18 TEW J . -0.79 -9.62 -1.02
O19 TEW J . 1.71 -10.55 -0.80
O20 TEW J . -0.82 -8.42 -6.19
O21 TEW J . -2.12 -9.67 -4.14
O22 TEW J . -0.69 -11.23 -5.89
O23 TEW J . 0.24 -9.41 -8.29
O31 TEW J . -0.02 -7.52 -8.14
TE1 TEW J . 1.87 -7.82 -4.51
W1 TEW J . 4.02 -5.41 -4.29
W2 TEW J . 3.19 -7.13 -1.57
W3 TEW J . 3.10 -6.56 -7.31
W4 TEW J . 0.78 -9.48 -1.76
W5 TEW J . -0.58 -9.85 -4.89
W6 TEW J . 0.77 -8.38 -7.20
O1 TEW K . -1.89 -7.27 -37.78
O2 TEW K . -2.75 -8.19 -40.05
O3 TEW K . -1.32 -9.72 -38.11
O4 TEW K . -0.71 -6.70 -40.28
O5 TEW K . -0.17 -9.45 -40.54
O6 TEW K . 0.88 -8.02 -38.49
O7 TEW K . -3.95 -8.88 -37.50
O8 TEW K . -0.49 -8.65 -35.67
O9 TEW K . -2.45 -10.60 -35.70
O10 TEW K . -3.09 -7.93 -35.30
O11 TEW K . -5.36 -7.35 -39.44
O12 TEW K . -4.57 -6.40 -37.15
O13 TEW K . -3.33 -5.68 -39.59
O14 TEW K . -4.13 -6.51 -41.85
O15 TEW K . -1.72 -7.54 -42.72
O16 TEW K . -1.87 -4.86 -41.94
O17 TEW K . -6.51 -8.00 -36.83
O18 TEW K . -5.48 -6.90 -34.40
O19 TEW K . -5.35 -9.58 -35.00
O20 TEW K . -6.05 -4.96 -39.01
O21 TEW K . -7.30 -5.35 -36.70
O22 TEW K . -8.11 -6.92 -38.84
O23 TEW K . -6.75 -5.86 -41.50
O31 TEW K . -4.81 -3.86 -41.24
TE1 TEW K . -3.64 -7.30 -38.58
W1 TEW K . -0.61 -8.36 -39.28
W2 TEW K . -2.01 -9.09 -36.40
W3 TEW K . -2.25 -6.49 -41.46
W4 TEW K . -4.97 -8.01 -35.62
W5 TEW K . -6.73 -6.43 -37.92
W6 TEW K . -5.25 -5.44 -40.71
O1 TEW L . 13.73 -34.47 8.69
O2 TEW L . 15.26 -33.37 6.88
O3 TEW L . 14.54 -32.15 9.41
O4 TEW L . 12.79 -33.47 6.35
O5 TEW L . 13.79 -30.88 7.13
O6 TEW L . 11.89 -32.22 8.55
O7 TEW L . 16.17 -34.38 9.33
O8 TEW L . 12.95 -33.37 11.34
O9 TEW L . 15.61 -33.04 11.85
O10 TEW L . 14.64 -35.53 11.03
O11 TEW L . 16.96 -35.48 6.83
O12 TEW L . 15.34 -36.73 8.44
O13 TEW L . 14.56 -35.78 6.21
O14 TEW L . 15.89 -34.32 4.45
O15 TEW L . 14.21 -32.32 4.32
O16 TEW L . 13.12 -34.87 3.97
O17 TEW L . 17.71 -36.77 9.24
O18 TEW L . 15.90 -37.95 11.03
O19 TEW L . 17.35 -35.71 11.64
O20 TEW L . 16.29 -37.74 5.87
O21 TEW L . 16.87 -39.20 8.07
O22 TEW L . 18.86 -37.69 6.96
O23 TEW L . 17.85 -36.15 4.15
O31 TEW L . 15.23 -36.82 3.52
TE1 TEW L . 15.31 -34.75 7.50
W1 TEW L . 13.44 -32.41 7.83
W2 TEW L . 14.54 -33.64 10.65
W3 TEW L . 14.13 -33.91 4.99
W4 TEW L . 16.25 -36.37 10.48
W5 TEW L . 17.25 -37.60 7.55
W6 TEW L . 16.22 -36.15 4.77
O1 TEW M . 21.51 -36.62 -18.24
O2 TEW M . 23.95 -35.87 -18.85
O3 TEW M . 22.15 -34.30 -17.48
O4 TEW M . 22.43 -35.84 -20.91
O5 TEW M . 22.93 -33.36 -19.87
O6 TEW M . 20.38 -34.48 -19.76
O7 TEW M . 23.22 -36.56 -16.17
O8 TEW M . 19.60 -35.20 -16.74
O9 TEW M . 21.57 -34.64 -14.82
O10 TEW M . 20.82 -37.22 -15.52
O11 TEW M . 24.86 -38.37 -17.56
O12 TEW M . 22.45 -38.92 -16.87
O13 TEW M . 23.15 -38.17 -19.58
O14 TEW M . 25.59 -37.76 -20.24
O15 TEW M . 25.11 -35.26 -21.46
O16 TEW M . 23.87 -37.51 -22.42
O17 TEW M . 24.05 -39.01 -14.88
O18 TEW M . 21.42 -39.48 -14.14
O19 TEW M . 22.66 -37.16 -13.37
O20 TEW M . 24.07 -40.63 -18.30
O21 TEW M . 23.36 -41.57 -15.85
O22 TEW M . 25.91 -40.63 -16.13
O23 TEW M . 26.58 -40.03 -19.21
O31 TEW M . 24.49 -40.25 -21.04
TE1 TEW M . 23.12 -37.33 -17.33
W1 TEW M . 22.04 -34.75 -19.37
W2 TEW M . 21.25 -35.51 -16.27
W3 TEW M . 24.22 -36.64 -20.96
W4 TEW M . 22.30 -38.14 -14.75
W5 TEW M . 24.27 -40.20 -16.40
W6 TEW M . 24.97 -39.46 -19.58
O1 TEW N . -15.24 -24.98 6.87
O2 TEW N . -14.57 -24.54 4.55
O3 TEW N . -12.82 -24.19 6.63
O4 TEW N . -16.15 -22.75 5.67
O5 TEW N . -13.46 -21.86 5.27
O6 TEW N . -14.48 -22.27 7.77
O7 TEW N . -13.85 -26.55 5.53
O8 TEW N . -13.30 -25.16 9.15
O9 TEW N . -11.68 -26.63 7.51
O10 TEW N . -14.45 -27.21 8.07
O11 TEW N . -15.70 -26.89 3.67
O12 TEW N . -16.28 -27.37 5.97
O13 TEW N . -17.01 -25.36 5.04
O14 TEW N . -16.55 -24.73 2.51
O15 TEW N . -15.58 -22.24 3.00
O16 TEW N . -18.05 -22.88 3.91
O17 TEW N . -14.75 -29.09 4.87
O18 TEW N . -15.34 -29.70 7.43
O19 TEW N . -12.78 -29.01 6.71
O20 TEW N . -18.13 -27.77 3.98
O21 TEW N . -17.40 -30.07 5.20
O22 TEW N . -16.42 -29.55 2.71
O23 TEW N . -17.72 -26.88 1.52
O31 TEW N . -19.34 -25.36 3.12
TE1 TEW N . -15.16 -26.10 5.38
W1 TEW N . -14.35 -23.01 6.23
W2 TEW N . -13.23 -25.86 7.55
W3 TEW N . -16.43 -23.46 3.89
W4 TEW N . -14.43 -28.45 6.68
W5 TEW N . -16.56 -28.87 4.27
W6 TEW N . -17.76 -26.09 3.07
O1 TEW O . -5.23 -18.07 -23.13
O2 TEW O . -5.12 -19.98 -24.88
O3 TEW O . -4.56 -20.34 -22.07
O4 TEW O . -3.23 -18.24 -24.88
O5 TEW O . -2.55 -20.86 -23.83
O6 TEW O . -2.44 -18.55 -22.37
O7 TEW O . -7.12 -19.82 -22.76
O8 TEW O . -4.57 -18.10 -20.33
O9 TEW O . -6.29 -20.21 -19.98
O10 TEW O . -7.14 -17.80 -21.12
O11 TEW O . -7.82 -19.66 -25.46
O12 TEW O . -7.94 -17.58 -23.82
O13 TEW O . -6.12 -17.71 -25.85
O14 TEW O . -5.60 -19.38 -27.60
O15 TEW O . -2.97 -19.86 -27.02
O16 TEW O . -3.62 -17.26 -27.28
O17 TEW O . -9.80 -19.27 -23.31
O18 TEW O . -9.74 -17.06 -21.57
O19 TEW O . -9.27 -19.62 -20.75
O20 TEW O . -8.78 -17.63 -26.57
O21 TEW O . -10.54 -16.99 -24.71
O22 TEW O . -10.70 -19.55 -25.86
O23 TEW O . -8.31 -19.85 -28.31
O31 TEW O . -7.23 -17.40 -28.68
TE1 TEW O . -6.55 -18.81 -24.30
W1 TEW O . -3.48 -19.46 -23.41
W2 TEW O . -5.73 -19.09 -21.16
W3 TEW O . -4.16 -18.72 -26.53
W4 TEW O . -8.76 -18.43 -21.91
W5 TEW O . -9.66 -18.44 -25.04
W6 TEW O . -7.38 -18.62 -27.47
O1 TEW P . -9.90 -60.60 -9.34
O2 TEW P . -7.99 -61.45 -7.83
O3 TEW P . -9.61 -63.11 -9.42
O4 TEW P . -10.03 -60.74 -6.52
O5 TEW P . -9.80 -63.55 -6.78
O6 TEW P . -11.85 -62.17 -7.97
O7 TEW P . -7.77 -61.33 -10.69
O8 TEW P . -11.59 -62.14 -11.10
O9 TEW P . -9.30 -63.31 -12.15
O10 TEW P . -9.69 -60.53 -12.18
O11 TEW P . -6.20 -59.58 -9.14
O12 TEW P . -8.18 -58.74 -10.57
O13 TEW P . -8.33 -58.87 -7.79
O14 TEW P . -6.41 -59.80 -6.34
O15 TEW P . -7.91 -61.57 -4.91
O16 TEW P . -8.70 -58.94 -4.90
O17 TEW P . -6.14 -59.29 -11.93
O18 TEW P . -8.33 -58.55 -13.51
O19 TEW P . -7.34 -61.12 -13.57
O20 TEW P . -6.58 -57.07 -8.90
O21 TEW P . -6.62 -56.56 -11.58
O22 TEW P . -4.37 -57.75 -10.48
O23 TEW P . -4.52 -58.14 -7.29
O31 TEW P . -6.88 -57.21 -6.06
TE1 TEW P . -8.04 -60.11 -9.22
W1 TEW P . -10.14 -62.19 -7.79
W2 TEW P . -9.84 -62.11 -11.06
W3 TEW P . -8.22 -60.23 -5.94
W4 TEW P . -7.92 -59.90 -12.50
W5 TEW P . -6.07 -57.87 -10.59
W6 TEW P . -6.26 -58.17 -7.34
#